data_2MH7
#
_entry.id   2MH7
#
_cell.length_a   1.000
_cell.length_b   1.000
_cell.length_c   1.000
_cell.angle_alpha   90.00
_cell.angle_beta   90.00
_cell.angle_gamma   90.00
#
_symmetry.space_group_name_H-M   'P 1'
#
loop_
_entity.id
_entity.type
_entity.pdbx_description
1 polymer 'Ferredoxin, chloroplastic'
2 non-polymer 'FE2/S2 (INORGANIC) CLUSTER'
#
_entity_poly.entity_id   1
_entity_poly.type   'polypeptide(L)'
_entity_poly.pdbx_seq_one_letter_code
;MYKVTLKTPSGDKTIECPADTYILDAAEEAGLDLPYSCRAGACSSCAGKVAAGTVDQSDQSFLDDAQMGNGFVLTCVAYP
TSDCTIQTHQEEALYENLYFQ
;
_entity_poly.pdbx_strand_id   A
#
# COMPACT_ATOMS: atom_id res chain seq x y z
N MET A 1 -10.65 1.42 -12.74
CA MET A 1 -9.86 1.44 -11.52
C MET A 1 -8.70 2.41 -11.69
N TYR A 2 -7.91 2.58 -10.63
CA TYR A 2 -6.69 3.35 -10.72
C TYR A 2 -5.52 2.40 -10.93
N LYS A 3 -4.57 2.82 -11.75
CA LYS A 3 -3.40 2.00 -12.02
C LYS A 3 -2.30 2.29 -11.02
N VAL A 4 -2.10 1.33 -10.14
CA VAL A 4 -1.09 1.43 -9.12
C VAL A 4 0.02 0.42 -9.38
N THR A 5 1.23 0.92 -9.49
CA THR A 5 2.40 0.09 -9.70
C THR A 5 2.99 -0.29 -8.36
N LEU A 6 2.80 -1.53 -7.95
CA LEU A 6 3.31 -1.95 -6.68
C LEU A 6 4.76 -2.33 -6.79
N LYS A 7 5.53 -1.76 -5.89
CA LYS A 7 6.95 -1.99 -5.84
C LYS A 7 7.21 -3.07 -4.83
N THR A 8 7.55 -4.22 -5.34
CA THR A 8 7.80 -5.38 -4.54
C THR A 8 9.30 -5.58 -4.43
N PRO A 9 9.76 -6.32 -3.43
CA PRO A 9 11.17 -6.67 -3.28
C PRO A 9 11.66 -7.55 -4.43
N SER A 10 10.74 -7.92 -5.32
CA SER A 10 11.06 -8.74 -6.47
C SER A 10 10.93 -7.93 -7.77
N GLY A 11 10.34 -6.73 -7.69
CA GLY A 11 10.17 -5.91 -8.87
C GLY A 11 9.02 -4.91 -8.73
N ASP A 12 8.23 -4.77 -9.79
CA ASP A 12 7.09 -3.87 -9.79
C ASP A 12 6.05 -4.35 -10.79
N LYS A 13 4.79 -4.12 -10.47
CA LYS A 13 3.69 -4.50 -11.33
C LYS A 13 2.53 -3.52 -11.18
N THR A 14 1.93 -3.15 -12.29
CA THR A 14 0.79 -2.26 -12.28
C THR A 14 -0.50 -3.05 -12.21
N ILE A 15 -1.27 -2.73 -11.19
CA ILE A 15 -2.53 -3.38 -10.96
C ILE A 15 -3.67 -2.40 -11.23
N GLU A 16 -4.89 -2.90 -11.21
CA GLU A 16 -6.06 -2.06 -11.34
C GLU A 16 -6.89 -2.14 -10.07
N CYS A 17 -6.74 -1.15 -9.21
CA CYS A 17 -7.42 -1.16 -7.93
C CYS A 17 -8.59 -0.20 -7.97
N PRO A 18 -9.81 -0.74 -7.82
CA PRO A 18 -11.03 0.06 -7.78
C PRO A 18 -11.06 1.02 -6.60
N ALA A 19 -11.87 2.05 -6.74
CA ALA A 19 -12.02 3.09 -5.72
C ALA A 19 -12.84 2.59 -4.54
N ASP A 20 -13.09 1.30 -4.51
CA ASP A 20 -13.84 0.69 -3.42
C ASP A 20 -13.16 -0.56 -2.89
N THR A 21 -12.19 -1.06 -3.63
CA THR A 21 -11.57 -2.33 -3.32
C THR A 21 -10.11 -2.11 -2.93
N TYR A 22 -9.69 -2.71 -1.82
CA TYR A 22 -8.35 -2.51 -1.30
C TYR A 22 -7.28 -3.10 -2.21
N ILE A 23 -6.15 -2.39 -2.29
CA ILE A 23 -5.08 -2.69 -3.25
C ILE A 23 -4.75 -4.17 -3.34
N LEU A 24 -4.63 -4.85 -2.19
CA LEU A 24 -4.13 -6.23 -2.16
C LEU A 24 -4.89 -7.17 -3.08
N ASP A 25 -6.18 -6.91 -3.33
CA ASP A 25 -6.98 -7.76 -4.20
C ASP A 25 -6.42 -7.75 -5.62
N ALA A 26 -6.24 -6.54 -6.13
CA ALA A 26 -5.65 -6.34 -7.44
C ALA A 26 -4.15 -6.62 -7.39
N ALA A 27 -3.58 -6.39 -6.23
CA ALA A 27 -2.16 -6.62 -6.01
C ALA A 27 -1.81 -8.10 -6.23
N GLU A 28 -2.54 -8.99 -5.58
CA GLU A 28 -2.31 -10.41 -5.71
C GLU A 28 -2.69 -10.89 -7.11
N GLU A 29 -3.69 -10.23 -7.68
CA GLU A 29 -4.13 -10.52 -9.04
C GLU A 29 -2.99 -10.29 -10.02
N ALA A 30 -2.27 -9.21 -9.78
CA ALA A 30 -1.13 -8.82 -10.60
C ALA A 30 0.01 -9.82 -10.53
N GLY A 31 0.11 -10.53 -9.41
CA GLY A 31 1.09 -11.59 -9.30
C GLY A 31 2.24 -11.25 -8.38
N LEU A 32 1.99 -10.35 -7.45
CA LEU A 32 3.05 -9.91 -6.54
C LEU A 32 3.35 -10.96 -5.49
N ASP A 33 4.51 -10.82 -4.87
CA ASP A 33 4.91 -11.64 -3.75
C ASP A 33 4.30 -11.10 -2.46
N LEU A 34 3.10 -10.58 -2.58
CA LEU A 34 2.38 -9.97 -1.48
C LEU A 34 1.56 -11.03 -0.75
N PRO A 35 1.74 -11.14 0.58
CA PRO A 35 0.99 -12.06 1.42
C PRO A 35 -0.49 -11.71 1.52
N TYR A 36 -1.24 -12.53 2.24
CA TYR A 36 -2.65 -12.27 2.47
C TYR A 36 -2.88 -12.30 3.97
N SER A 37 -3.71 -11.40 4.48
CA SER A 37 -3.81 -11.22 5.91
C SER A 37 -5.25 -10.97 6.40
N CYS A 38 -5.55 -9.77 6.89
CA CYS A 38 -6.84 -9.54 7.54
C CYS A 38 -7.80 -8.75 6.67
N ARG A 39 -7.26 -7.82 5.89
CA ARG A 39 -8.06 -6.94 5.04
C ARG A 39 -9.01 -6.10 5.90
N ALA A 40 -8.74 -6.07 7.20
CA ALA A 40 -9.60 -5.38 8.15
C ALA A 40 -8.82 -4.36 8.96
N GLY A 41 -7.50 -4.37 8.79
CA GLY A 41 -6.66 -3.38 9.44
C GLY A 41 -6.41 -3.71 10.89
N ALA A 42 -6.17 -4.99 11.17
CA ALA A 42 -5.91 -5.44 12.52
C ALA A 42 -4.44 -5.27 12.87
N CYS A 43 -3.64 -4.93 11.87
CA CYS A 43 -2.21 -4.72 12.06
C CYS A 43 -1.68 -3.75 11.00
N SER A 44 -0.37 -3.56 10.96
CA SER A 44 0.24 -2.68 9.98
C SER A 44 1.58 -3.24 9.49
N SER A 45 1.75 -4.55 9.61
CA SER A 45 2.94 -5.20 9.10
C SER A 45 2.84 -5.33 7.58
N CYS A 46 1.62 -5.36 7.11
CA CYS A 46 1.30 -5.44 5.70
C CYS A 46 1.09 -4.05 5.13
N ALA A 47 1.83 -3.08 5.65
CA ALA A 47 1.65 -1.70 5.26
C ALA A 47 2.42 -1.36 3.99
N GLY A 48 1.67 -1.08 2.93
CA GLY A 48 2.26 -0.64 1.67
C GLY A 48 2.86 0.74 1.82
N LYS A 49 3.65 1.16 0.85
CA LYS A 49 4.22 2.48 0.89
C LYS A 49 3.92 3.28 -0.38
N VAL A 50 3.21 4.39 -0.20
CA VAL A 50 2.86 5.25 -1.32
C VAL A 50 4.13 5.89 -1.90
N ALA A 51 4.67 5.25 -2.94
CA ALA A 51 5.82 5.77 -3.64
C ALA A 51 5.38 6.91 -4.54
N ALA A 52 4.19 6.75 -5.08
CA ALA A 52 3.60 7.70 -5.99
C ALA A 52 2.12 7.76 -5.77
N GLY A 53 1.48 8.75 -6.36
CA GLY A 53 0.03 8.86 -6.29
C GLY A 53 -0.48 8.91 -4.87
N THR A 54 -1.75 8.55 -4.71
CA THR A 54 -2.35 8.52 -3.39
C THR A 54 -3.31 7.35 -3.24
N VAL A 55 -3.66 7.06 -2.00
CA VAL A 55 -4.55 5.96 -1.66
C VAL A 55 -5.46 6.39 -0.50
N ASP A 56 -6.43 5.56 -0.15
CA ASP A 56 -7.30 5.85 0.98
C ASP A 56 -6.99 4.95 2.18
N GLN A 57 -6.15 5.45 3.09
CA GLN A 57 -5.84 4.74 4.32
C GLN A 57 -5.90 5.69 5.52
N SER A 58 -7.01 6.41 5.64
CA SER A 58 -7.20 7.38 6.70
C SER A 58 -7.34 6.68 8.06
N ASP A 59 -8.07 5.57 8.07
CA ASP A 59 -8.30 4.82 9.31
C ASP A 59 -7.21 3.79 9.55
N GLN A 60 -5.97 4.16 9.30
CA GLN A 60 -4.85 3.26 9.51
C GLN A 60 -4.47 3.27 11.00
N SER A 61 -3.92 2.14 11.46
CA SER A 61 -3.66 1.92 12.89
C SER A 61 -2.89 3.06 13.54
N PHE A 62 -1.57 3.08 13.39
CA PHE A 62 -0.76 4.11 14.01
C PHE A 62 -0.04 4.95 12.96
N LEU A 63 -0.46 4.80 11.71
CA LEU A 63 0.01 5.65 10.62
C LEU A 63 -0.87 6.88 10.52
N ASP A 64 -0.28 8.05 10.28
CA ASP A 64 -1.03 9.29 10.22
C ASP A 64 -1.09 9.84 8.81
N ASP A 65 -1.85 10.91 8.61
CA ASP A 65 -2.00 11.54 7.30
C ASP A 65 -0.65 11.97 6.74
N ALA A 66 0.18 12.55 7.61
CA ALA A 66 1.51 13.00 7.22
C ALA A 66 2.34 11.85 6.65
N GLN A 67 2.14 10.66 7.19
CA GLN A 67 2.83 9.49 6.72
C GLN A 67 2.47 9.16 5.29
N MET A 68 1.21 9.41 4.91
CA MET A 68 0.79 9.17 3.53
C MET A 68 1.55 10.11 2.60
N GLY A 69 1.71 11.36 3.03
CA GLY A 69 2.49 12.31 2.27
C GLY A 69 3.95 11.91 2.22
N ASN A 70 4.42 11.28 3.30
CA ASN A 70 5.76 10.73 3.35
C ASN A 70 5.85 9.48 2.48
N GLY A 71 4.71 8.92 2.15
CA GLY A 71 4.65 7.77 1.29
C GLY A 71 4.53 6.46 2.05
N PHE A 72 3.87 6.51 3.19
CA PHE A 72 3.67 5.31 4.00
C PHE A 72 2.17 5.06 4.15
N VAL A 73 1.73 3.83 3.85
CA VAL A 73 0.30 3.53 3.71
C VAL A 73 -0.02 2.08 4.12
N LEU A 74 -1.29 1.69 3.97
CA LEU A 74 -1.77 0.36 4.36
C LEU A 74 -2.25 -0.43 3.15
N THR A 75 -1.96 -1.72 3.08
CA THR A 75 -2.42 -2.53 1.96
C THR A 75 -3.77 -3.21 2.27
N CYS A 76 -4.01 -3.53 3.54
CA CYS A 76 -5.23 -4.27 3.94
C CYS A 76 -6.49 -3.43 3.78
N VAL A 77 -6.49 -2.20 4.28
CA VAL A 77 -7.68 -1.34 4.22
C VAL A 77 -7.36 -0.03 3.53
N ALA A 78 -6.86 -0.13 2.31
CA ALA A 78 -6.54 1.06 1.55
C ALA A 78 -6.51 0.77 0.06
N TYR A 79 -6.92 1.73 -0.72
CA TYR A 79 -6.84 1.64 -2.16
C TYR A 79 -6.57 3.00 -2.76
N PRO A 80 -6.04 3.03 -3.98
CA PRO A 80 -5.65 4.26 -4.66
C PRO A 80 -6.81 5.21 -4.84
N THR A 81 -6.62 6.44 -4.41
CA THR A 81 -7.55 7.51 -4.73
C THR A 81 -7.11 8.17 -6.03
N SER A 82 -5.97 7.72 -6.53
CA SER A 82 -5.46 8.12 -7.83
C SER A 82 -4.53 7.03 -8.36
N ASP A 83 -4.06 7.20 -9.58
CA ASP A 83 -3.12 6.29 -10.17
C ASP A 83 -1.76 6.50 -9.49
N CYS A 84 -1.13 5.43 -9.05
CA CYS A 84 0.02 5.57 -8.17
C CYS A 84 1.03 4.45 -8.34
N THR A 85 2.03 4.48 -7.47
CA THR A 85 3.03 3.45 -7.38
C THR A 85 3.23 3.14 -5.90
N ILE A 86 3.00 1.90 -5.50
CA ILE A 86 2.98 1.59 -4.10
C ILE A 86 3.94 0.47 -3.74
N GLN A 87 4.89 0.83 -2.91
CA GLN A 87 5.87 -0.07 -2.36
C GLN A 87 5.18 -1.07 -1.42
N THR A 88 5.64 -2.29 -1.38
CA THR A 88 4.97 -3.32 -0.58
C THR A 88 5.57 -3.52 0.82
N HIS A 89 6.63 -4.31 0.87
CA HIS A 89 7.18 -4.86 2.13
C HIS A 89 7.86 -3.84 3.05
N GLN A 90 7.58 -2.56 2.88
CA GLN A 90 8.28 -1.52 3.64
C GLN A 90 7.50 -1.08 4.88
N GLU A 91 6.84 -2.03 5.53
CA GLU A 91 6.08 -1.77 6.76
C GLU A 91 6.83 -0.84 7.73
N GLU A 92 8.11 -1.16 7.97
CA GLU A 92 8.96 -0.40 8.90
C GLU A 92 8.91 1.10 8.63
N ALA A 93 8.65 1.46 7.38
CA ALA A 93 8.77 2.84 6.93
C ALA A 93 7.90 3.80 7.75
N LEU A 94 6.74 3.32 8.21
CA LEU A 94 5.88 4.12 9.07
C LEU A 94 6.43 4.12 10.49
N TYR A 95 7.03 3.01 10.89
CA TYR A 95 7.55 2.85 12.24
C TYR A 95 8.75 3.76 12.44
N GLU A 96 9.62 3.79 11.44
CA GLU A 96 10.76 4.69 11.43
C GLU A 96 10.76 5.53 10.16
N ASN A 97 11.24 4.93 9.06
CA ASN A 97 11.24 5.60 7.76
C ASN A 97 11.75 4.68 6.65
N LEU A 98 12.57 3.72 7.03
CA LEU A 98 13.23 2.80 6.10
C LEU A 98 14.17 3.50 5.14
N TYR A 99 14.24 4.81 5.27
CA TYR A 99 15.15 5.66 4.50
C TYR A 99 14.93 5.53 2.99
N PHE A 100 13.76 5.06 2.60
CA PHE A 100 13.47 4.89 1.17
C PHE A 100 13.01 6.20 0.55
N GLN A 101 12.28 6.99 1.31
CA GLN A 101 11.75 8.25 0.83
C GLN A 101 11.40 9.17 1.99
N MET A 1 -11.43 1.85 -11.74
CA MET A 1 -10.30 1.50 -10.90
C MET A 1 -9.06 2.28 -11.31
N TYR A 2 -7.99 2.10 -10.53
CA TYR A 2 -6.79 2.89 -10.68
C TYR A 2 -5.58 2.02 -10.98
N LYS A 3 -4.71 2.48 -11.86
CA LYS A 3 -3.47 1.77 -12.14
C LYS A 3 -2.39 2.16 -11.16
N VAL A 4 -2.12 1.23 -10.26
CA VAL A 4 -1.10 1.42 -9.25
C VAL A 4 0.04 0.44 -9.49
N THR A 5 1.23 0.99 -9.65
CA THR A 5 2.41 0.20 -9.86
C THR A 5 3.04 -0.14 -8.52
N LEU A 6 2.87 -1.36 -8.08
CA LEU A 6 3.43 -1.74 -6.80
C LEU A 6 4.87 -2.15 -6.96
N LYS A 7 5.68 -1.61 -6.09
CA LYS A 7 7.07 -1.97 -6.03
C LYS A 7 7.26 -3.05 -4.99
N THR A 8 7.49 -4.24 -5.47
CA THR A 8 7.69 -5.38 -4.61
C THR A 8 9.15 -5.77 -4.61
N PRO A 9 9.57 -6.56 -3.62
CA PRO A 9 10.91 -7.14 -3.58
C PRO A 9 11.17 -8.05 -4.79
N SER A 10 10.09 -8.42 -5.48
CA SER A 10 10.18 -9.22 -6.68
C SER A 10 10.24 -8.32 -7.93
N GLY A 11 9.72 -7.10 -7.79
CA GLY A 11 9.72 -6.16 -8.90
C GLY A 11 8.45 -5.32 -8.93
N ASP A 12 8.40 -4.35 -9.81
CA ASP A 12 7.21 -3.50 -9.95
C ASP A 12 6.17 -4.14 -10.85
N LYS A 13 4.92 -4.00 -10.46
CA LYS A 13 3.80 -4.48 -11.26
C LYS A 13 2.63 -3.54 -11.15
N THR A 14 2.04 -3.21 -12.28
CA THR A 14 0.89 -2.35 -12.32
C THR A 14 -0.38 -3.17 -12.18
N ILE A 15 -1.13 -2.81 -11.18
CA ILE A 15 -2.40 -3.41 -10.92
C ILE A 15 -3.49 -2.38 -11.19
N GLU A 16 -4.74 -2.82 -11.19
CA GLU A 16 -5.85 -1.90 -11.32
C GLU A 16 -6.77 -2.06 -10.12
N CYS A 17 -6.66 -1.13 -9.18
CA CYS A 17 -7.37 -1.25 -7.92
C CYS A 17 -8.59 -0.35 -7.93
N PRO A 18 -9.78 -0.95 -7.85
CA PRO A 18 -11.04 -0.22 -7.83
C PRO A 18 -11.13 0.76 -6.66
N ALA A 19 -12.01 1.74 -6.81
CA ALA A 19 -12.15 2.81 -5.83
C ALA A 19 -12.94 2.35 -4.60
N ASP A 20 -13.19 1.07 -4.52
CA ASP A 20 -13.88 0.49 -3.37
C ASP A 20 -13.19 -0.78 -2.87
N THR A 21 -12.16 -1.20 -3.58
CA THR A 21 -11.46 -2.43 -3.28
C THR A 21 -10.02 -2.14 -2.90
N TYR A 22 -9.57 -2.66 -1.76
CA TYR A 22 -8.23 -2.36 -1.24
C TYR A 22 -7.14 -2.96 -2.14
N ILE A 23 -6.01 -2.26 -2.22
CA ILE A 23 -4.94 -2.57 -3.18
C ILE A 23 -4.58 -4.05 -3.21
N LEU A 24 -4.38 -4.66 -2.04
CA LEU A 24 -3.95 -6.06 -1.93
C LEU A 24 -4.67 -6.95 -2.93
N ASP A 25 -5.99 -6.85 -2.98
CA ASP A 25 -6.78 -7.72 -3.87
C ASP A 25 -6.26 -7.71 -5.29
N ALA A 26 -6.08 -6.51 -5.83
CA ALA A 26 -5.51 -6.34 -7.16
C ALA A 26 -4.01 -6.62 -7.16
N ALA A 27 -3.37 -6.31 -6.04
CA ALA A 27 -1.94 -6.53 -5.85
C ALA A 27 -1.58 -8.00 -6.04
N GLU A 28 -2.28 -8.87 -5.31
CA GLU A 28 -2.05 -10.31 -5.36
C GLU A 28 -2.49 -10.87 -6.71
N GLU A 29 -3.52 -10.26 -7.28
CA GLU A 29 -3.97 -10.61 -8.63
C GLU A 29 -2.82 -10.45 -9.60
N ALA A 30 -2.13 -9.33 -9.44
CA ALA A 30 -0.97 -8.99 -10.27
C ALA A 30 0.18 -9.97 -10.07
N GLY A 31 0.24 -10.60 -8.90
CA GLY A 31 1.26 -11.61 -8.67
C GLY A 31 2.22 -11.23 -7.57
N LEU A 32 1.89 -10.18 -6.84
CA LEU A 32 2.76 -9.70 -5.77
C LEU A 32 2.54 -10.54 -4.52
N ASP A 33 3.61 -10.91 -3.85
CA ASP A 33 3.51 -11.71 -2.64
C ASP A 33 3.33 -10.78 -1.44
N LEU A 34 2.28 -9.98 -1.51
CA LEU A 34 1.93 -9.07 -0.43
C LEU A 34 1.15 -9.84 0.63
N PRO A 35 1.60 -9.78 1.89
CA PRO A 35 0.96 -10.51 3.00
C PRO A 35 -0.47 -10.03 3.26
N TYR A 36 -1.39 -10.98 3.36
CA TYR A 36 -2.78 -10.67 3.64
C TYR A 36 -3.32 -11.63 4.69
N SER A 37 -4.19 -11.13 5.55
CA SER A 37 -4.78 -11.95 6.59
C SER A 37 -6.15 -11.40 7.01
N CYS A 38 -6.14 -10.27 7.70
CA CYS A 38 -7.36 -9.73 8.30
C CYS A 38 -8.23 -9.03 7.26
N ARG A 39 -7.56 -8.47 6.23
CA ARG A 39 -8.20 -7.61 5.22
C ARG A 39 -9.06 -6.54 5.88
N ALA A 40 -8.65 -6.11 7.08
CA ALA A 40 -9.36 -5.09 7.82
C ALA A 40 -8.39 -4.14 8.53
N GLY A 41 -7.10 -4.43 8.42
CA GLY A 41 -6.09 -3.55 8.98
C GLY A 41 -5.80 -3.82 10.44
N ALA A 42 -5.66 -5.09 10.79
CA ALA A 42 -5.37 -5.47 12.16
C ALA A 42 -3.87 -5.47 12.42
N CYS A 43 -3.09 -5.32 11.36
CA CYS A 43 -1.64 -5.28 11.47
C CYS A 43 -1.08 -4.23 10.51
N SER A 44 0.23 -4.02 10.54
CA SER A 44 0.88 -3.05 9.69
C SER A 44 2.05 -3.67 8.93
N SER A 45 2.13 -4.99 8.96
CA SER A 45 3.17 -5.70 8.24
C SER A 45 2.91 -5.63 6.73
N CYS A 46 1.63 -5.53 6.41
CA CYS A 46 1.19 -5.42 5.04
C CYS A 46 1.07 -3.95 4.63
N ALA A 47 1.71 -3.06 5.38
CA ALA A 47 1.60 -1.65 5.08
C ALA A 47 2.59 -1.24 3.99
N GLY A 48 2.04 -0.91 2.83
CA GLY A 48 2.85 -0.51 1.70
C GLY A 48 3.25 0.94 1.78
N LYS A 49 4.08 1.38 0.85
CA LYS A 49 4.53 2.76 0.83
C LYS A 49 4.02 3.47 -0.40
N VAL A 50 3.36 4.57 -0.20
CA VAL A 50 2.88 5.38 -1.30
C VAL A 50 4.08 6.07 -1.96
N ALA A 51 4.54 5.49 -3.06
CA ALA A 51 5.68 6.01 -3.78
C ALA A 51 5.26 7.13 -4.71
N ALA A 52 4.08 6.94 -5.28
CA ALA A 52 3.51 7.89 -6.20
C ALA A 52 2.02 7.92 -6.01
N GLY A 53 1.37 8.90 -6.60
CA GLY A 53 -0.08 8.98 -6.56
C GLY A 53 -0.60 9.10 -5.15
N THR A 54 -1.86 8.72 -4.96
CA THR A 54 -2.45 8.74 -3.64
C THR A 54 -3.35 7.53 -3.44
N VAL A 55 -3.73 7.29 -2.20
CA VAL A 55 -4.56 6.15 -1.84
C VAL A 55 -5.54 6.56 -0.74
N ASP A 56 -6.54 5.72 -0.49
CA ASP A 56 -7.49 5.94 0.58
C ASP A 56 -7.20 5.01 1.75
N GLN A 57 -6.48 5.53 2.74
CA GLN A 57 -6.16 4.78 3.94
C GLN A 57 -6.58 5.57 5.18
N SER A 58 -7.85 5.93 5.22
CA SER A 58 -8.38 6.78 6.28
C SER A 58 -8.08 6.22 7.67
N ASP A 59 -8.39 4.94 7.87
CA ASP A 59 -8.16 4.31 9.17
C ASP A 59 -7.56 2.93 9.00
N GLN A 60 -6.24 2.84 9.13
CA GLN A 60 -5.58 1.55 9.00
C GLN A 60 -4.95 1.09 10.31
N SER A 61 -4.04 1.88 10.87
CA SER A 61 -3.32 1.51 12.09
C SER A 61 -2.69 2.76 12.73
N PHE A 62 -1.46 2.61 13.22
CA PHE A 62 -0.76 3.70 13.90
C PHE A 62 -0.02 4.60 12.90
N LEU A 63 -0.43 4.55 11.65
CA LEU A 63 0.12 5.40 10.61
C LEU A 63 -0.74 6.65 10.46
N ASP A 64 -0.12 7.81 10.40
CA ASP A 64 -0.85 9.07 10.33
C ASP A 64 -0.91 9.63 8.92
N ASP A 65 -1.70 10.67 8.73
CA ASP A 65 -1.75 11.41 7.49
C ASP A 65 -0.36 11.91 7.13
N ALA A 66 0.39 12.27 8.17
CA ALA A 66 1.78 12.71 8.00
C ALA A 66 2.59 11.63 7.30
N GLN A 67 2.33 10.39 7.69
CA GLN A 67 3.02 9.25 7.14
C GLN A 67 2.64 9.03 5.69
N MET A 68 1.39 9.30 5.33
CA MET A 68 0.97 9.19 3.96
C MET A 68 1.57 10.33 3.13
N GLY A 69 1.72 11.48 3.76
CA GLY A 69 2.47 12.57 3.15
C GLY A 69 3.93 12.18 2.97
N ASN A 70 4.42 11.37 3.91
CA ASN A 70 5.76 10.81 3.81
C ASN A 70 5.80 9.67 2.80
N GLY A 71 4.63 9.17 2.45
CA GLY A 71 4.55 8.12 1.46
C GLY A 71 4.30 6.74 2.06
N PHE A 72 3.55 6.67 3.15
CA PHE A 72 3.33 5.39 3.84
C PHE A 72 1.83 5.07 3.95
N VAL A 73 1.47 3.80 3.73
CA VAL A 73 0.05 3.36 3.67
C VAL A 73 -0.11 1.91 4.21
N LEU A 74 -1.35 1.49 4.52
CA LEU A 74 -1.64 0.09 4.85
C LEU A 74 -2.68 -0.46 3.89
N THR A 75 -2.33 -1.54 3.19
CA THR A 75 -3.09 -1.98 2.03
C THR A 75 -4.43 -2.66 2.37
N CYS A 76 -4.51 -3.35 3.52
CA CYS A 76 -5.71 -4.13 3.85
C CYS A 76 -6.98 -3.28 3.91
N VAL A 77 -6.85 -1.98 4.09
CA VAL A 77 -8.01 -1.08 4.08
C VAL A 77 -7.70 0.18 3.29
N ALA A 78 -6.90 0.04 2.25
CA ALA A 78 -6.52 1.20 1.45
C ALA A 78 -6.42 0.85 -0.02
N TYR A 79 -6.94 1.74 -0.83
CA TYR A 79 -6.84 1.62 -2.27
C TYR A 79 -6.55 2.97 -2.90
N PRO A 80 -5.98 2.98 -4.10
CA PRO A 80 -5.57 4.20 -4.79
C PRO A 80 -6.73 5.15 -5.03
N THR A 81 -6.51 6.40 -4.69
CA THR A 81 -7.44 7.45 -5.08
C THR A 81 -6.96 8.09 -6.37
N SER A 82 -5.83 7.60 -6.87
CA SER A 82 -5.30 8.01 -8.16
C SER A 82 -4.43 6.90 -8.74
N ASP A 83 -3.99 7.08 -9.97
CA ASP A 83 -3.09 6.15 -10.62
C ASP A 83 -1.70 6.35 -10.04
N CYS A 84 -1.23 5.41 -9.26
CA CYS A 84 -0.08 5.62 -8.40
C CYS A 84 0.96 4.52 -8.54
N THR A 85 1.97 4.61 -7.70
CA THR A 85 3.00 3.61 -7.57
C THR A 85 3.22 3.36 -6.10
N ILE A 86 3.07 2.12 -5.67
CA ILE A 86 3.07 1.84 -4.25
C ILE A 86 4.06 0.74 -3.91
N GLN A 87 5.02 1.08 -3.09
CA GLN A 87 5.99 0.15 -2.56
C GLN A 87 5.27 -0.82 -1.62
N THR A 88 5.74 -2.04 -1.51
CA THR A 88 5.02 -3.04 -0.73
C THR A 88 5.64 -3.30 0.65
N HIS A 89 6.68 -4.11 0.67
CA HIS A 89 7.20 -4.70 1.90
C HIS A 89 7.96 -3.74 2.81
N GLN A 90 7.81 -2.45 2.60
CA GLN A 90 8.52 -1.46 3.40
C GLN A 90 7.68 -1.05 4.61
N GLU A 91 6.94 -2.01 5.15
CA GLU A 91 6.11 -1.82 6.35
C GLU A 91 6.82 -1.00 7.41
N GLU A 92 8.08 -1.37 7.64
CA GLU A 92 8.94 -0.75 8.64
C GLU A 92 8.97 0.77 8.51
N ALA A 93 8.73 1.25 7.30
CA ALA A 93 8.84 2.66 6.97
C ALA A 93 7.97 3.54 7.88
N LEU A 94 6.77 3.08 8.18
CA LEU A 94 5.88 3.83 9.05
C LEU A 94 6.37 3.75 10.49
N TYR A 95 7.10 2.68 10.78
CA TYR A 95 7.54 2.41 12.14
C TYR A 95 8.78 3.22 12.51
N GLU A 96 9.89 2.97 11.83
CA GLU A 96 11.14 3.69 12.13
C GLU A 96 11.93 4.02 10.86
N ASN A 97 12.69 3.04 10.37
CA ASN A 97 13.64 3.27 9.30
C ASN A 97 13.22 2.51 8.08
N LEU A 98 12.70 3.24 7.13
CA LEU A 98 12.27 2.71 5.85
C LEU A 98 13.46 2.15 5.08
N TYR A 99 14.65 2.64 5.44
CA TYR A 99 15.88 2.39 4.71
C TYR A 99 15.88 3.20 3.41
N PHE A 100 14.74 3.84 3.15
CA PHE A 100 14.58 4.69 1.99
C PHE A 100 14.67 6.15 2.40
N GLN A 101 15.61 6.42 3.31
CA GLN A 101 15.83 7.75 3.83
C GLN A 101 17.31 7.98 4.10
N MET A 1 -11.26 1.89 -11.73
CA MET A 1 -10.04 1.49 -11.03
C MET A 1 -8.84 2.27 -11.55
N TYR A 2 -7.84 2.38 -10.69
CA TYR A 2 -6.65 3.15 -10.99
C TYR A 2 -5.47 2.22 -11.20
N LYS A 3 -4.50 2.66 -11.99
CA LYS A 3 -3.32 1.86 -12.25
C LYS A 3 -2.23 2.20 -11.26
N VAL A 4 -2.04 1.30 -10.33
CA VAL A 4 -1.04 1.46 -9.30
C VAL A 4 0.10 0.46 -9.51
N THR A 5 1.30 0.99 -9.61
CA THR A 5 2.48 0.18 -9.77
C THR A 5 3.05 -0.18 -8.42
N LEU A 6 2.90 -1.41 -8.03
CA LEU A 6 3.38 -1.83 -6.74
C LEU A 6 4.83 -2.22 -6.81
N LYS A 7 5.58 -1.66 -5.89
CA LYS A 7 6.99 -1.94 -5.80
C LYS A 7 7.22 -3.03 -4.79
N THR A 8 7.55 -4.18 -5.32
CA THR A 8 7.77 -5.36 -4.52
C THR A 8 9.27 -5.60 -4.41
N PRO A 9 9.68 -6.41 -3.42
CA PRO A 9 11.08 -6.83 -3.28
C PRO A 9 11.55 -7.68 -4.47
N SER A 10 10.63 -7.97 -5.39
CA SER A 10 10.96 -8.73 -6.58
C SER A 10 11.02 -7.81 -7.81
N GLY A 11 10.24 -6.72 -7.76
CA GLY A 11 10.22 -5.78 -8.85
C GLY A 11 9.04 -4.82 -8.78
N ASP A 12 8.44 -4.51 -9.92
CA ASP A 12 7.30 -3.61 -9.95
C ASP A 12 6.23 -4.18 -10.87
N LYS A 13 4.99 -4.04 -10.46
CA LYS A 13 3.87 -4.49 -11.25
C LYS A 13 2.71 -3.51 -11.16
N THR A 14 2.14 -3.18 -12.29
CA THR A 14 0.99 -2.31 -12.31
C THR A 14 -0.29 -3.11 -12.20
N ILE A 15 -1.04 -2.77 -11.18
CA ILE A 15 -2.30 -3.38 -10.92
C ILE A 15 -3.42 -2.39 -11.24
N GLU A 16 -4.64 -2.87 -11.28
CA GLU A 16 -5.80 -2.01 -11.47
C GLU A 16 -6.71 -2.16 -10.28
N CYS A 17 -6.61 -1.23 -9.35
CA CYS A 17 -7.38 -1.32 -8.13
C CYS A 17 -8.54 -0.34 -8.16
N PRO A 18 -9.77 -0.86 -8.13
CA PRO A 18 -10.99 -0.05 -8.12
C PRO A 18 -11.03 0.94 -6.96
N ALA A 19 -11.84 1.97 -7.12
CA ALA A 19 -11.93 3.06 -6.15
C ALA A 19 -12.71 2.64 -4.90
N ASP A 20 -13.03 1.36 -4.81
CA ASP A 20 -13.74 0.82 -3.65
C ASP A 20 -13.07 -0.46 -3.15
N THR A 21 -12.10 -0.93 -3.90
CA THR A 21 -11.48 -2.21 -3.64
C THR A 21 -10.04 -2.01 -3.20
N TYR A 22 -9.67 -2.57 -2.05
CA TYR A 22 -8.37 -2.33 -1.43
C TYR A 22 -7.25 -2.93 -2.27
N ILE A 23 -6.10 -2.22 -2.33
CA ILE A 23 -5.00 -2.55 -3.23
C ILE A 23 -4.67 -4.03 -3.26
N LEU A 24 -4.64 -4.67 -2.09
CA LEU A 24 -4.20 -6.08 -2.00
C LEU A 24 -4.96 -7.00 -2.96
N ASP A 25 -6.20 -6.66 -3.30
CA ASP A 25 -7.02 -7.50 -4.19
C ASP A 25 -6.43 -7.51 -5.59
N ALA A 26 -6.20 -6.32 -6.11
CA ALA A 26 -5.58 -6.16 -7.41
C ALA A 26 -4.09 -6.49 -7.33
N ALA A 27 -3.52 -6.27 -6.16
CA ALA A 27 -2.13 -6.57 -5.88
C ALA A 27 -1.84 -8.05 -6.11
N GLU A 28 -2.65 -8.92 -5.50
CA GLU A 28 -2.49 -10.35 -5.66
C GLU A 28 -2.87 -10.78 -7.06
N GLU A 29 -3.82 -10.06 -7.66
CA GLU A 29 -4.21 -10.28 -9.05
C GLU A 29 -2.99 -10.15 -9.95
N ALA A 30 -2.23 -9.11 -9.68
CA ALA A 30 -1.00 -8.83 -10.42
C ALA A 30 0.08 -9.88 -10.17
N GLY A 31 0.05 -10.51 -9.00
CA GLY A 31 0.96 -11.61 -8.73
C GLY A 31 1.94 -11.33 -7.63
N LEU A 32 1.72 -10.26 -6.88
CA LEU A 32 2.65 -9.87 -5.83
C LEU A 32 2.52 -10.79 -4.61
N ASP A 33 3.66 -11.10 -4.00
CA ASP A 33 3.66 -11.88 -2.77
C ASP A 33 3.50 -10.95 -1.58
N LEU A 34 2.32 -10.38 -1.48
CA LEU A 34 2.00 -9.42 -0.44
C LEU A 34 1.47 -10.14 0.80
N PRO A 35 2.04 -9.82 1.99
CA PRO A 35 1.59 -10.40 3.26
C PRO A 35 0.13 -10.09 3.55
N TYR A 36 -0.58 -11.04 4.13
CA TYR A 36 -2.02 -10.91 4.30
C TYR A 36 -2.50 -11.78 5.46
N SER A 37 -3.47 -11.28 6.22
CA SER A 37 -4.06 -12.06 7.29
C SER A 37 -5.47 -11.55 7.67
N CYS A 38 -5.54 -10.37 8.29
CA CYS A 38 -6.81 -9.87 8.82
C CYS A 38 -7.67 -9.22 7.75
N ARG A 39 -7.01 -8.54 6.81
CA ARG A 39 -7.66 -7.74 5.74
C ARG A 39 -8.40 -6.54 6.33
N ALA A 40 -8.20 -6.31 7.62
CA ALA A 40 -8.90 -5.24 8.33
C ALA A 40 -7.94 -4.15 8.78
N GLY A 41 -6.66 -4.35 8.49
CA GLY A 41 -5.66 -3.36 8.84
C GLY A 41 -5.32 -3.37 10.31
N ALA A 42 -5.26 -4.56 10.90
CA ALA A 42 -4.99 -4.70 12.32
C ALA A 42 -3.49 -4.81 12.61
N CYS A 43 -2.71 -4.97 11.55
CA CYS A 43 -1.25 -5.01 11.69
C CYS A 43 -0.61 -4.01 10.74
N SER A 44 0.71 -3.88 10.82
CA SER A 44 1.42 -2.90 10.02
C SER A 44 2.49 -3.55 9.14
N SER A 45 2.58 -4.87 9.20
CA SER A 45 3.57 -5.60 8.41
C SER A 45 3.21 -5.58 6.93
N CYS A 46 1.92 -5.45 6.67
CA CYS A 46 1.40 -5.38 5.32
C CYS A 46 1.17 -3.93 4.91
N ALA A 47 1.73 -3.00 5.65
CA ALA A 47 1.54 -1.60 5.32
C ALA A 47 2.43 -1.19 4.16
N GLY A 48 1.80 -0.90 3.03
CA GLY A 48 2.53 -0.54 1.84
C GLY A 48 3.00 0.89 1.88
N LYS A 49 3.81 1.29 0.91
CA LYS A 49 4.31 2.65 0.87
C LYS A 49 3.82 3.36 -0.38
N VAL A 50 3.19 4.49 -0.19
CA VAL A 50 2.79 5.31 -1.32
C VAL A 50 4.04 5.96 -1.93
N ALA A 51 4.58 5.32 -2.96
CA ALA A 51 5.73 5.84 -3.67
C ALA A 51 5.30 6.97 -4.59
N ALA A 52 4.08 6.85 -5.08
CA ALA A 52 3.52 7.81 -5.99
C ALA A 52 2.01 7.85 -5.81
N GLY A 53 1.38 8.85 -6.43
CA GLY A 53 -0.06 8.94 -6.41
C GLY A 53 -0.64 9.01 -5.01
N THR A 54 -1.91 8.65 -4.87
CA THR A 54 -2.55 8.64 -3.57
C THR A 54 -3.45 7.43 -3.41
N VAL A 55 -3.86 7.18 -2.18
CA VAL A 55 -4.71 6.07 -1.83
C VAL A 55 -5.71 6.50 -0.76
N ASP A 56 -6.72 5.68 -0.51
CA ASP A 56 -7.64 5.94 0.59
C ASP A 56 -7.43 4.92 1.69
N GLN A 57 -6.67 5.33 2.70
CA GLN A 57 -6.35 4.49 3.83
C GLN A 57 -7.22 4.91 5.00
N SER A 58 -8.53 4.76 4.76
CA SER A 58 -9.58 5.19 5.68
C SER A 58 -9.30 4.83 7.14
N ASP A 59 -8.99 3.56 7.42
CA ASP A 59 -8.77 3.12 8.79
C ASP A 59 -7.34 3.45 9.22
N GLN A 60 -6.41 2.57 8.83
CA GLN A 60 -4.98 2.77 9.08
C GLN A 60 -4.64 2.72 10.57
N SER A 61 -3.91 1.69 10.99
CA SER A 61 -3.55 1.54 12.39
C SER A 61 -2.07 1.87 12.59
N PHE A 62 -1.77 2.60 13.68
CA PHE A 62 -0.40 2.98 14.07
C PHE A 62 0.17 4.06 13.14
N LEU A 63 -0.07 3.91 11.86
CA LEU A 63 0.35 4.87 10.86
C LEU A 63 -0.62 6.06 10.85
N ASP A 64 -0.11 7.26 10.66
CA ASP A 64 -0.97 8.45 10.67
C ASP A 64 -0.93 9.18 9.33
N ASP A 65 -1.68 10.28 9.24
CA ASP A 65 -1.78 11.07 8.03
C ASP A 65 -0.41 11.53 7.54
N ALA A 66 0.42 11.95 8.48
CA ALA A 66 1.76 12.43 8.17
C ALA A 66 2.54 11.36 7.42
N GLN A 67 2.32 10.13 7.79
CA GLN A 67 3.00 9.02 7.19
C GLN A 67 2.59 8.84 5.73
N MET A 68 1.31 9.07 5.42
CA MET A 68 0.85 8.96 4.05
C MET A 68 1.47 10.05 3.18
N GLY A 69 1.63 11.23 3.75
CA GLY A 69 2.32 12.30 3.06
C GLY A 69 3.78 11.93 2.84
N ASN A 70 4.31 11.17 3.79
CA ASN A 70 5.66 10.63 3.70
C ASN A 70 5.72 9.46 2.73
N GLY A 71 4.55 8.93 2.42
CA GLY A 71 4.45 7.84 1.47
C GLY A 71 4.27 6.50 2.14
N PHE A 72 3.58 6.47 3.27
CA PHE A 72 3.36 5.25 4.01
C PHE A 72 1.88 5.00 4.22
N VAL A 73 1.43 3.78 3.89
CA VAL A 73 0.01 3.45 3.79
C VAL A 73 -0.24 2.00 4.25
N LEU A 74 -1.50 1.55 4.31
CA LEU A 74 -1.80 0.14 4.68
C LEU A 74 -2.68 -0.52 3.63
N THR A 75 -2.17 -1.58 3.00
CA THR A 75 -2.86 -2.18 1.86
C THR A 75 -4.18 -2.86 2.26
N CYS A 76 -4.27 -3.30 3.52
CA CYS A 76 -5.48 -3.98 3.98
C CYS A 76 -6.70 -3.05 3.99
N VAL A 77 -6.46 -1.77 4.24
CA VAL A 77 -7.54 -0.79 4.21
C VAL A 77 -7.11 0.45 3.46
N ALA A 78 -6.67 0.26 2.22
CA ALA A 78 -6.28 1.37 1.38
C ALA A 78 -6.34 0.98 -0.08
N TYR A 79 -6.83 1.88 -0.88
CA TYR A 79 -6.81 1.71 -2.32
C TYR A 79 -6.59 3.03 -3.02
N PRO A 80 -6.06 3.00 -4.24
CA PRO A 80 -5.68 4.20 -4.98
C PRO A 80 -6.87 5.12 -5.20
N THR A 81 -6.75 6.35 -4.71
CA THR A 81 -7.70 7.38 -5.06
C THR A 81 -7.27 8.06 -6.34
N SER A 82 -6.09 7.66 -6.81
CA SER A 82 -5.57 8.09 -8.11
C SER A 82 -4.60 7.04 -8.61
N ASP A 83 -4.10 7.25 -9.82
CA ASP A 83 -3.09 6.37 -10.38
C ASP A 83 -1.81 6.59 -9.59
N CYS A 84 -1.15 5.52 -9.19
CA CYS A 84 -0.04 5.65 -8.25
C CYS A 84 0.97 4.53 -8.39
N THR A 85 1.95 4.59 -7.52
CA THR A 85 2.98 3.57 -7.41
C THR A 85 3.19 3.27 -5.95
N ILE A 86 3.00 2.02 -5.56
CA ILE A 86 2.95 1.70 -4.15
C ILE A 86 3.92 0.59 -3.79
N GLN A 87 4.85 0.92 -2.92
CA GLN A 87 5.81 -0.04 -2.40
C GLN A 87 5.11 -1.00 -1.45
N THR A 88 5.60 -2.22 -1.36
CA THR A 88 4.91 -3.24 -0.59
C THR A 88 5.47 -3.44 0.83
N HIS A 89 6.57 -4.19 0.89
CA HIS A 89 7.07 -4.79 2.14
C HIS A 89 7.80 -3.83 3.08
N GLN A 90 7.64 -2.54 2.88
CA GLN A 90 8.40 -1.55 3.62
C GLN A 90 7.73 -1.17 4.95
N GLU A 91 7.19 -2.17 5.64
CA GLU A 91 6.57 -1.98 6.97
C GLU A 91 7.40 -1.02 7.83
N GLU A 92 8.70 -1.28 7.89
CA GLU A 92 9.64 -0.50 8.70
C GLU A 92 9.51 1.00 8.45
N ALA A 93 9.10 1.37 7.25
CA ALA A 93 9.05 2.77 6.85
C ALA A 93 8.14 3.58 7.77
N LEU A 94 7.03 2.98 8.19
CA LEU A 94 6.14 3.64 9.13
C LEU A 94 6.71 3.54 10.54
N TYR A 95 7.35 2.41 10.84
CA TYR A 95 7.88 2.16 12.17
C TYR A 95 9.05 3.09 12.45
N GLU A 96 10.04 3.04 11.59
CA GLU A 96 11.17 3.96 11.65
C GLU A 96 11.05 4.98 10.51
N ASN A 97 11.48 4.59 9.32
CA ASN A 97 11.38 5.48 8.16
C ASN A 97 11.69 4.76 6.87
N LEU A 98 12.71 3.90 6.94
CA LEU A 98 13.30 3.24 5.77
C LEU A 98 13.89 4.25 4.79
N TYR A 99 13.67 5.52 5.08
CA TYR A 99 14.18 6.62 4.29
C TYR A 99 13.61 6.60 2.87
N PHE A 100 12.44 6.01 2.72
CA PHE A 100 11.77 5.96 1.43
C PHE A 100 10.82 7.14 1.29
N GLN A 101 11.36 8.34 1.39
CA GLN A 101 10.58 9.55 1.26
C GLN A 101 10.96 10.27 -0.02
N MET A 1 -10.62 1.42 -12.79
CA MET A 1 -9.82 1.41 -11.57
C MET A 1 -8.67 2.39 -11.72
N TYR A 2 -7.91 2.58 -10.64
CA TYR A 2 -6.68 3.33 -10.72
C TYR A 2 -5.54 2.36 -10.88
N LYS A 3 -4.60 2.69 -11.74
CA LYS A 3 -3.43 1.84 -11.93
C LYS A 3 -2.38 2.17 -10.90
N VAL A 4 -2.07 1.19 -10.08
CA VAL A 4 -1.06 1.36 -9.07
C VAL A 4 0.06 0.35 -9.29
N THR A 5 1.25 0.87 -9.47
CA THR A 5 2.43 0.05 -9.64
C THR A 5 3.03 -0.29 -8.30
N LEU A 6 2.86 -1.51 -7.86
CA LEU A 6 3.38 -1.88 -6.56
C LEU A 6 4.83 -2.24 -6.65
N LYS A 7 5.59 -1.64 -5.77
CA LYS A 7 7.01 -1.84 -5.72
C LYS A 7 7.31 -2.92 -4.69
N THR A 8 7.68 -4.05 -5.22
CA THR A 8 7.95 -5.22 -4.44
C THR A 8 9.46 -5.38 -4.28
N PRO A 9 9.88 -6.16 -3.29
CA PRO A 9 11.31 -6.50 -3.11
C PRO A 9 11.88 -7.27 -4.29
N SER A 10 11.04 -7.59 -5.28
CA SER A 10 11.46 -8.29 -6.47
C SER A 10 11.41 -7.37 -7.70
N GLY A 11 10.48 -6.43 -7.70
CA GLY A 11 10.33 -5.53 -8.83
C GLY A 11 9.14 -4.60 -8.69
N ASP A 12 8.39 -4.44 -9.75
CA ASP A 12 7.19 -3.59 -9.74
C ASP A 12 6.14 -4.12 -10.70
N LYS A 13 4.90 -4.07 -10.28
CA LYS A 13 3.78 -4.53 -11.09
C LYS A 13 2.59 -3.59 -10.95
N THR A 14 1.99 -3.24 -12.07
CA THR A 14 0.83 -2.39 -12.08
C THR A 14 -0.44 -3.20 -11.95
N ILE A 15 -1.21 -2.83 -10.96
CA ILE A 15 -2.46 -3.48 -10.69
C ILE A 15 -3.60 -2.51 -11.01
N GLU A 16 -4.81 -3.04 -11.03
CA GLU A 16 -5.99 -2.22 -11.23
C GLU A 16 -6.83 -2.26 -9.97
N CYS A 17 -6.70 -1.23 -9.14
CA CYS A 17 -7.39 -1.19 -7.88
C CYS A 17 -8.61 -0.30 -7.96
N PRO A 18 -9.80 -0.91 -7.86
CA PRO A 18 -11.06 -0.19 -7.86
C PRO A 18 -11.19 0.76 -6.68
N ALA A 19 -12.05 1.75 -6.85
CA ALA A 19 -12.26 2.78 -5.84
C ALA A 19 -13.07 2.27 -4.66
N ASP A 20 -13.29 0.95 -4.62
CA ASP A 20 -13.99 0.33 -3.51
C ASP A 20 -13.25 -0.90 -2.99
N THR A 21 -12.27 -1.36 -3.75
CA THR A 21 -11.54 -2.57 -3.42
C THR A 21 -10.12 -2.23 -3.06
N TYR A 22 -9.67 -2.70 -1.90
CA TYR A 22 -8.37 -2.32 -1.36
C TYR A 22 -7.23 -2.90 -2.18
N ILE A 23 -6.11 -2.18 -2.23
CA ILE A 23 -4.98 -2.50 -3.11
C ILE A 23 -4.62 -3.97 -3.08
N LEU A 24 -4.50 -4.53 -1.88
CA LEU A 24 -3.96 -5.88 -1.71
C LEU A 24 -4.66 -6.92 -2.59
N ASP A 25 -5.96 -6.75 -2.82
CA ASP A 25 -6.72 -7.71 -3.62
C ASP A 25 -6.19 -7.76 -5.04
N ALA A 26 -6.06 -6.59 -5.64
CA ALA A 26 -5.51 -6.45 -6.97
C ALA A 26 -4.00 -6.69 -6.94
N ALA A 27 -3.41 -6.36 -5.80
CA ALA A 27 -1.99 -6.55 -5.58
C ALA A 27 -1.59 -8.02 -5.73
N GLU A 28 -2.28 -8.89 -5.00
CA GLU A 28 -2.01 -10.31 -5.06
C GLU A 28 -2.42 -10.87 -6.42
N GLU A 29 -3.46 -10.27 -7.00
CA GLU A 29 -3.92 -10.63 -8.35
C GLU A 29 -2.80 -10.42 -9.35
N ALA A 30 -2.09 -9.33 -9.15
CA ALA A 30 -0.98 -8.93 -10.01
C ALA A 30 0.19 -9.92 -9.98
N GLY A 31 0.34 -10.64 -8.89
CA GLY A 31 1.37 -11.65 -8.81
C GLY A 31 2.50 -11.29 -7.87
N LEU A 32 2.21 -10.41 -6.93
CA LEU A 32 3.22 -9.96 -5.99
C LEU A 32 3.36 -10.96 -4.85
N ASP A 33 4.45 -10.83 -4.11
CA ASP A 33 4.64 -11.57 -2.87
C ASP A 33 3.88 -10.86 -1.75
N LEU A 34 2.69 -10.40 -2.10
CA LEU A 34 1.88 -9.62 -1.19
C LEU A 34 1.16 -10.53 -0.21
N PRO A 35 1.52 -10.45 1.08
CA PRO A 35 0.86 -11.18 2.14
C PRO A 35 -0.54 -10.65 2.43
N TYR A 36 -1.52 -11.51 2.39
CA TYR A 36 -2.87 -11.13 2.77
C TYR A 36 -3.40 -12.09 3.81
N SER A 37 -4.12 -11.58 4.79
CA SER A 37 -4.55 -12.41 5.90
C SER A 37 -5.94 -12.00 6.37
N CYS A 38 -6.10 -10.75 6.79
CA CYS A 38 -7.38 -10.30 7.34
C CYS A 38 -8.12 -9.42 6.36
N ARG A 39 -7.39 -8.54 5.66
CA ARG A 39 -7.97 -7.55 4.78
C ARG A 39 -8.74 -6.53 5.63
N ALA A 40 -8.41 -6.49 6.92
CA ALA A 40 -9.07 -5.62 7.87
C ALA A 40 -8.06 -4.84 8.70
N GLY A 41 -6.78 -5.04 8.40
CA GLY A 41 -5.73 -4.33 9.09
C GLY A 41 -5.50 -4.82 10.50
N ALA A 42 -5.48 -6.14 10.66
CA ALA A 42 -5.31 -6.73 11.98
C ALA A 42 -3.84 -7.00 12.29
N CYS A 43 -2.99 -6.86 11.28
CA CYS A 43 -1.56 -7.00 11.47
C CYS A 43 -0.82 -5.85 10.80
N SER A 44 0.44 -5.65 11.18
CA SER A 44 1.23 -4.54 10.67
C SER A 44 2.15 -5.00 9.56
N SER A 45 1.76 -6.05 8.87
CA SER A 45 2.61 -6.66 7.85
C SER A 45 2.32 -6.09 6.46
N CYS A 46 1.18 -5.45 6.32
CA CYS A 46 0.69 -5.10 5.00
C CYS A 46 0.45 -3.60 4.82
N ALA A 47 1.21 -2.75 5.50
CA ALA A 47 1.14 -1.33 5.20
C ALA A 47 2.10 -0.97 4.07
N GLY A 48 1.55 -0.58 2.93
CA GLY A 48 2.36 -0.27 1.77
C GLY A 48 2.94 1.12 1.84
N LYS A 49 3.79 1.49 0.91
CA LYS A 49 4.34 2.84 0.90
C LYS A 49 4.00 3.56 -0.39
N VAL A 50 3.45 4.75 -0.27
CA VAL A 50 3.17 5.54 -1.44
C VAL A 50 4.47 6.04 -2.08
N ALA A 51 4.82 5.43 -3.20
CA ALA A 51 5.95 5.88 -3.99
C ALA A 51 5.49 6.95 -4.96
N ALA A 52 4.24 6.82 -5.35
CA ALA A 52 3.60 7.74 -6.26
C ALA A 52 2.12 7.78 -5.97
N GLY A 53 1.44 8.82 -6.44
CA GLY A 53 0.00 8.89 -6.33
C GLY A 53 -0.48 8.90 -4.90
N THR A 54 -1.77 8.63 -4.70
CA THR A 54 -2.34 8.60 -3.37
C THR A 54 -3.34 7.47 -3.23
N VAL A 55 -3.73 7.18 -1.99
CA VAL A 55 -4.62 6.09 -1.68
C VAL A 55 -5.60 6.49 -0.58
N ASP A 56 -6.65 5.70 -0.38
CA ASP A 56 -7.59 5.94 0.70
C ASP A 56 -7.32 5.00 1.86
N GLN A 57 -6.55 5.49 2.82
CA GLN A 57 -6.21 4.75 4.02
C GLN A 57 -6.68 5.54 5.23
N SER A 58 -7.97 5.81 5.25
CA SER A 58 -8.59 6.70 6.24
C SER A 58 -8.12 6.42 7.68
N ASP A 59 -8.19 5.16 8.11
CA ASP A 59 -7.79 4.83 9.47
C ASP A 59 -7.14 3.47 9.54
N GLN A 60 -5.81 3.45 9.65
CA GLN A 60 -5.08 2.22 9.88
C GLN A 60 -4.55 2.18 11.32
N SER A 61 -3.55 1.35 11.57
CA SER A 61 -3.04 1.15 12.92
C SER A 61 -2.15 2.31 13.38
N PHE A 62 -1.03 2.54 12.71
CA PHE A 62 -0.07 3.54 13.17
C PHE A 62 0.44 4.42 12.03
N LEU A 63 -0.48 5.11 11.37
CA LEU A 63 -0.11 6.09 10.35
C LEU A 63 -0.90 7.38 10.55
N ASP A 64 -0.32 8.48 10.04
CA ASP A 64 -1.01 9.75 9.98
C ASP A 64 -0.86 10.35 8.60
N ASP A 65 -1.54 11.46 8.33
CA ASP A 65 -1.43 12.14 7.04
C ASP A 65 0.04 12.45 6.71
N ALA A 66 0.81 12.71 7.77
CA ALA A 66 2.23 13.00 7.65
C ALA A 66 2.96 11.89 6.92
N GLN A 67 2.54 10.67 7.18
CA GLN A 67 3.14 9.50 6.60
C GLN A 67 2.85 9.44 5.10
N MET A 68 1.62 9.75 4.68
CA MET A 68 1.32 9.87 3.27
C MET A 68 2.17 10.94 2.60
N GLY A 69 2.36 12.06 3.29
CA GLY A 69 3.22 13.11 2.77
C GLY A 69 4.68 12.67 2.72
N ASN A 70 4.98 11.61 3.47
CA ASN A 70 6.29 11.00 3.48
C ASN A 70 6.37 9.84 2.49
N GLY A 71 5.21 9.38 2.05
CA GLY A 71 5.14 8.30 1.10
C GLY A 71 4.92 6.95 1.76
N PHE A 72 4.19 6.94 2.86
CA PHE A 72 3.87 5.70 3.55
C PHE A 72 2.35 5.57 3.69
N VAL A 73 1.84 4.34 3.55
CA VAL A 73 0.40 4.09 3.47
C VAL A 73 0.03 2.71 4.03
N LEU A 74 -1.25 2.37 3.93
CA LEU A 74 -1.76 1.07 4.37
C LEU A 74 -2.34 0.33 3.15
N THR A 75 -2.04 -0.97 3.01
CA THR A 75 -2.52 -1.72 1.85
C THR A 75 -3.82 -2.51 2.14
N CYS A 76 -3.91 -3.09 3.33
CA CYS A 76 -5.01 -4.01 3.68
C CYS A 76 -6.39 -3.37 3.52
N VAL A 77 -6.57 -2.19 4.09
CA VAL A 77 -7.86 -1.49 4.02
C VAL A 77 -7.66 -0.12 3.40
N ALA A 78 -7.07 -0.12 2.21
CA ALA A 78 -6.84 1.12 1.50
C ALA A 78 -6.67 0.86 0.02
N TYR A 79 -7.17 1.77 -0.78
CA TYR A 79 -7.02 1.68 -2.21
C TYR A 79 -6.75 3.04 -2.82
N PRO A 80 -6.13 3.06 -4.00
CA PRO A 80 -5.68 4.30 -4.63
C PRO A 80 -6.82 5.26 -4.89
N THR A 81 -6.59 6.50 -4.53
CA THR A 81 -7.52 7.56 -4.90
C THR A 81 -7.03 8.24 -6.17
N SER A 82 -5.90 7.78 -6.66
CA SER A 82 -5.38 8.20 -7.95
C SER A 82 -4.49 7.10 -8.52
N ASP A 83 -4.05 7.29 -9.75
CA ASP A 83 -3.09 6.39 -10.36
C ASP A 83 -1.75 6.58 -9.65
N CYS A 84 -1.17 5.49 -9.18
CA CYS A 84 -0.05 5.61 -8.26
C CYS A 84 0.95 4.47 -8.40
N THR A 85 1.95 4.50 -7.53
CA THR A 85 2.96 3.47 -7.44
C THR A 85 3.21 3.19 -5.97
N ILE A 86 2.99 1.98 -5.51
CA ILE A 86 2.97 1.73 -4.09
C ILE A 86 3.93 0.60 -3.69
N GLN A 87 4.85 0.95 -2.83
CA GLN A 87 5.81 0.03 -2.26
C GLN A 87 5.10 -0.95 -1.34
N THR A 88 5.53 -2.19 -1.33
CA THR A 88 4.83 -3.24 -0.62
C THR A 88 5.36 -3.48 0.81
N HIS A 89 6.45 -4.24 0.87
CA HIS A 89 6.93 -4.84 2.12
C HIS A 89 7.65 -3.88 3.06
N GLN A 90 7.47 -2.59 2.86
CA GLN A 90 8.20 -1.60 3.66
C GLN A 90 7.33 -0.99 4.76
N GLU A 91 6.40 -1.77 5.29
CA GLU A 91 5.51 -1.34 6.39
C GLU A 91 6.27 -0.60 7.46
N GLU A 92 7.39 -1.18 7.84
CA GLU A 92 8.20 -0.70 8.94
C GLU A 92 8.50 0.79 8.84
N ALA A 93 8.48 1.31 7.61
CA ALA A 93 8.74 2.73 7.36
C ALA A 93 7.84 3.65 8.20
N LEU A 94 6.64 3.18 8.53
CA LEU A 94 5.73 3.94 9.36
C LEU A 94 6.24 3.91 10.79
N TYR A 95 6.86 2.80 11.13
CA TYR A 95 7.27 2.52 12.49
C TYR A 95 8.46 3.38 12.90
N GLU A 96 9.63 3.09 12.34
CA GLU A 96 10.84 3.84 12.67
C GLU A 96 11.82 3.87 11.50
N ASN A 97 12.13 2.70 10.98
CA ASN A 97 13.17 2.56 9.98
C ASN A 97 12.65 1.73 8.82
N LEU A 98 12.41 2.40 7.73
CA LEU A 98 11.91 1.77 6.51
C LEU A 98 12.76 0.58 6.08
N TYR A 99 14.04 0.59 6.47
CA TYR A 99 14.92 -0.57 6.36
C TYR A 99 15.27 -0.95 4.91
N PHE A 100 14.53 -0.43 3.94
CA PHE A 100 14.71 -0.85 2.55
C PHE A 100 15.97 -0.23 1.92
N GLN A 101 16.65 0.62 2.70
CA GLN A 101 17.88 1.28 2.25
C GLN A 101 17.62 2.16 1.04
N MET A 1 -11.22 1.77 -11.86
CA MET A 1 -10.05 1.61 -10.99
C MET A 1 -8.93 2.55 -11.40
N TYR A 2 -7.86 2.54 -10.62
CA TYR A 2 -6.70 3.34 -10.90
C TYR A 2 -5.50 2.46 -11.16
N LYS A 3 -4.57 2.94 -11.96
CA LYS A 3 -3.35 2.20 -12.27
C LYS A 3 -2.31 2.45 -11.20
N VAL A 4 -2.06 1.44 -10.41
CA VAL A 4 -1.08 1.52 -9.35
C VAL A 4 0.06 0.54 -9.61
N THR A 5 1.27 1.08 -9.68
CA THR A 5 2.45 0.28 -9.89
C THR A 5 3.02 -0.14 -8.54
N LEU A 6 2.82 -1.37 -8.18
CA LEU A 6 3.28 -1.83 -6.90
C LEU A 6 4.72 -2.27 -6.99
N LYS A 7 5.52 -1.70 -6.11
CA LYS A 7 6.91 -2.02 -6.05
C LYS A 7 7.13 -3.11 -5.04
N THR A 8 7.41 -4.29 -5.55
CA THR A 8 7.69 -5.42 -4.72
C THR A 8 9.19 -5.67 -4.72
N PRO A 9 9.71 -6.37 -3.71
CA PRO A 9 11.15 -6.66 -3.61
C PRO A 9 11.71 -7.24 -4.91
N SER A 10 10.92 -8.07 -5.59
CA SER A 10 11.35 -8.67 -6.84
C SER A 10 11.20 -7.72 -8.03
N GLY A 11 10.24 -6.80 -7.96
CA GLY A 11 10.05 -5.86 -9.04
C GLY A 11 8.75 -5.10 -8.95
N ASP A 12 8.54 -4.15 -9.84
CA ASP A 12 7.30 -3.38 -9.87
C ASP A 12 6.29 -4.00 -10.84
N LYS A 13 5.04 -4.02 -10.42
CA LYS A 13 3.96 -4.57 -11.22
C LYS A 13 2.76 -3.65 -11.15
N THR A 14 2.17 -3.36 -12.29
CA THR A 14 1.02 -2.50 -12.35
C THR A 14 -0.25 -3.27 -12.15
N ILE A 15 -1.04 -2.82 -11.18
CA ILE A 15 -2.32 -3.39 -10.90
C ILE A 15 -3.39 -2.34 -11.14
N GLU A 16 -4.63 -2.77 -11.19
CA GLU A 16 -5.75 -1.86 -11.34
C GLU A 16 -6.70 -2.03 -10.17
N CYS A 17 -6.56 -1.16 -9.19
CA CYS A 17 -7.34 -1.30 -7.97
C CYS A 17 -8.50 -0.33 -7.96
N PRO A 18 -9.73 -0.87 -7.87
CA PRO A 18 -10.95 -0.08 -7.85
C PRO A 18 -11.00 0.91 -6.69
N ALA A 19 -11.85 1.92 -6.84
CA ALA A 19 -11.96 3.01 -5.87
C ALA A 19 -12.71 2.61 -4.62
N ASP A 20 -13.00 1.32 -4.49
CA ASP A 20 -13.68 0.79 -3.30
C ASP A 20 -12.97 -0.45 -2.78
N THR A 21 -12.05 -0.97 -3.56
CA THR A 21 -11.40 -2.24 -3.27
C THR A 21 -9.95 -2.01 -2.89
N TYR A 22 -9.54 -2.54 -1.74
CA TYR A 22 -8.22 -2.27 -1.20
C TYR A 22 -7.13 -2.88 -2.07
N ILE A 23 -6.01 -2.18 -2.19
CA ILE A 23 -4.94 -2.53 -3.13
C ILE A 23 -4.62 -4.02 -3.14
N LEU A 24 -4.60 -4.65 -1.97
CA LEU A 24 -4.19 -6.07 -1.84
C LEU A 24 -4.91 -7.02 -2.81
N ASP A 25 -6.14 -6.71 -3.17
CA ASP A 25 -6.94 -7.61 -4.01
C ASP A 25 -6.39 -7.63 -5.43
N ALA A 26 -6.18 -6.43 -5.96
CA ALA A 26 -5.55 -6.26 -7.26
C ALA A 26 -4.06 -6.58 -7.17
N ALA A 27 -3.50 -6.34 -6.00
CA ALA A 27 -2.10 -6.62 -5.73
C ALA A 27 -1.79 -8.10 -5.91
N GLU A 28 -2.58 -8.96 -5.25
CA GLU A 28 -2.38 -10.40 -5.36
C GLU A 28 -2.74 -10.87 -6.76
N GLU A 29 -3.71 -10.19 -7.37
CA GLU A 29 -4.11 -10.45 -8.75
C GLU A 29 -2.91 -10.32 -9.66
N ALA A 30 -2.16 -9.26 -9.43
CA ALA A 30 -0.95 -8.97 -10.18
C ALA A 30 0.13 -10.02 -9.95
N GLY A 31 0.08 -10.66 -8.80
CA GLY A 31 1.00 -11.76 -8.54
C GLY A 31 2.05 -11.43 -7.50
N LEU A 32 1.81 -10.37 -6.75
CA LEU A 32 2.79 -9.91 -5.77
C LEU A 32 2.78 -10.81 -4.54
N ASP A 33 3.93 -10.92 -3.90
CA ASP A 33 4.08 -11.67 -2.68
C ASP A 33 3.65 -10.81 -1.49
N LEU A 34 2.63 -10.01 -1.71
CA LEU A 34 2.16 -9.06 -0.73
C LEU A 34 1.36 -9.76 0.36
N PRO A 35 1.74 -9.56 1.62
CA PRO A 35 1.03 -10.12 2.77
C PRO A 35 -0.35 -9.48 3.00
N TYR A 36 -1.33 -10.30 3.30
CA TYR A 36 -2.67 -9.83 3.63
C TYR A 36 -3.42 -10.92 4.39
N SER A 37 -4.23 -10.52 5.35
CA SER A 37 -4.94 -11.48 6.17
C SER A 37 -6.32 -10.97 6.58
N CYS A 38 -6.33 -9.92 7.39
CA CYS A 38 -7.58 -9.42 7.95
C CYS A 38 -8.43 -8.71 6.91
N ARG A 39 -7.74 -8.10 5.93
CA ARG A 39 -8.40 -7.35 4.85
C ARG A 39 -9.07 -6.10 5.40
N ALA A 40 -8.77 -5.76 6.66
CA ALA A 40 -9.43 -4.65 7.33
C ALA A 40 -8.45 -3.77 8.11
N GLY A 41 -7.26 -4.29 8.39
CA GLY A 41 -6.26 -3.49 9.06
C GLY A 41 -6.12 -3.81 10.53
N ALA A 42 -6.08 -5.09 10.87
CA ALA A 42 -5.92 -5.50 12.25
C ALA A 42 -4.44 -5.53 12.64
N CYS A 43 -3.57 -5.40 11.64
CA CYS A 43 -2.14 -5.34 11.86
C CYS A 43 -1.53 -4.26 10.96
N SER A 44 -0.22 -4.09 11.01
CA SER A 44 0.44 -3.09 10.19
C SER A 44 1.75 -3.62 9.62
N SER A 45 1.90 -4.93 9.60
CA SER A 45 3.10 -5.56 9.05
C SER A 45 2.94 -5.73 7.53
N CYS A 46 1.74 -5.50 7.05
CA CYS A 46 1.45 -5.56 5.64
C CYS A 46 1.25 -4.15 5.07
N ALA A 47 1.74 -3.15 5.79
CA ALA A 47 1.51 -1.78 5.38
C ALA A 47 2.44 -1.38 4.23
N GLY A 48 1.83 -1.13 3.07
CA GLY A 48 2.58 -0.75 1.89
C GLY A 48 3.01 0.71 1.95
N LYS A 49 3.81 1.14 0.99
CA LYS A 49 4.27 2.51 0.96
C LYS A 49 3.76 3.22 -0.28
N VAL A 50 3.20 4.40 -0.10
CA VAL A 50 2.81 5.21 -1.23
C VAL A 50 4.06 5.86 -1.82
N ALA A 51 4.51 5.31 -2.94
CA ALA A 51 5.68 5.81 -3.62
C ALA A 51 5.29 6.97 -4.52
N ALA A 52 4.14 6.82 -5.12
CA ALA A 52 3.58 7.80 -6.02
C ALA A 52 2.08 7.84 -5.82
N GLY A 53 1.44 8.88 -6.33
CA GLY A 53 0.00 8.97 -6.25
C GLY A 53 -0.52 9.01 -4.84
N THR A 54 -1.78 8.65 -4.66
CA THR A 54 -2.39 8.61 -3.34
C THR A 54 -3.35 7.43 -3.22
N VAL A 55 -3.72 7.14 -2.00
CA VAL A 55 -4.61 6.04 -1.69
C VAL A 55 -5.59 6.47 -0.60
N ASP A 56 -6.66 5.70 -0.39
CA ASP A 56 -7.63 6.03 0.65
C ASP A 56 -7.39 5.18 1.90
N GLN A 57 -6.67 5.75 2.85
CA GLN A 57 -6.36 5.10 4.11
C GLN A 57 -6.88 5.95 5.26
N SER A 58 -8.18 6.24 5.23
CA SER A 58 -8.82 7.14 6.20
C SER A 58 -8.40 6.81 7.63
N ASP A 59 -8.52 5.54 8.02
CA ASP A 59 -8.12 5.11 9.34
C ASP A 59 -7.70 3.66 9.31
N GLN A 60 -6.43 3.42 9.56
CA GLN A 60 -5.90 2.06 9.59
C GLN A 60 -5.16 1.78 10.89
N SER A 61 -5.12 2.80 11.76
CA SER A 61 -4.47 2.72 13.07
C SER A 61 -2.94 2.62 12.93
N PHE A 62 -2.23 3.14 13.94
CA PHE A 62 -0.76 3.07 14.02
C PHE A 62 -0.12 4.02 13.00
N LEU A 63 -0.49 3.87 11.75
CA LEU A 63 -0.08 4.77 10.69
C LEU A 63 -1.11 5.90 10.58
N ASP A 64 -0.66 7.13 10.46
CA ASP A 64 -1.58 8.26 10.43
C ASP A 64 -1.53 9.00 9.10
N ASP A 65 -2.31 10.06 8.98
CA ASP A 65 -2.41 10.82 7.72
C ASP A 65 -1.05 11.36 7.30
N ALA A 66 -0.28 11.84 8.28
CA ALA A 66 1.05 12.38 8.04
C ALA A 66 1.94 11.36 7.34
N GLN A 67 1.71 10.10 7.64
CA GLN A 67 2.49 9.02 7.10
C GLN A 67 2.20 8.83 5.61
N MET A 68 0.96 9.06 5.19
CA MET A 68 0.62 8.98 3.78
C MET A 68 1.32 10.09 3.01
N GLY A 69 1.38 11.27 3.60
CA GLY A 69 2.13 12.36 3.01
C GLY A 69 3.61 12.05 2.96
N ASN A 70 4.03 11.16 3.84
CA ASN A 70 5.40 10.67 3.86
C ASN A 70 5.56 9.50 2.89
N GLY A 71 4.44 8.91 2.51
CA GLY A 71 4.44 7.82 1.55
C GLY A 71 4.26 6.46 2.20
N PHE A 72 3.49 6.42 3.29
CA PHE A 72 3.27 5.16 4.01
C PHE A 72 1.79 4.88 4.17
N VAL A 73 1.40 3.65 3.84
CA VAL A 73 -0.01 3.28 3.71
C VAL A 73 -0.22 1.82 4.16
N LEU A 74 -1.46 1.33 4.15
CA LEU A 74 -1.72 -0.09 4.41
C LEU A 74 -2.56 -0.69 3.29
N THR A 75 -2.17 -1.86 2.81
CA THR A 75 -2.87 -2.50 1.71
C THR A 75 -4.22 -3.06 2.13
N CYS A 76 -4.33 -3.44 3.41
CA CYS A 76 -5.58 -3.99 3.93
C CYS A 76 -6.62 -2.91 4.20
N VAL A 77 -6.20 -1.64 4.19
CA VAL A 77 -7.10 -0.55 4.54
C VAL A 77 -6.95 0.64 3.61
N ALA A 78 -6.49 0.40 2.38
CA ALA A 78 -6.24 1.50 1.48
C ALA A 78 -6.25 1.05 0.05
N TYR A 79 -6.74 1.93 -0.80
CA TYR A 79 -6.71 1.73 -2.22
C TYR A 79 -6.50 3.05 -2.92
N PRO A 80 -5.98 3.00 -4.15
CA PRO A 80 -5.59 4.21 -4.89
C PRO A 80 -6.77 5.14 -5.10
N THR A 81 -6.62 6.36 -4.63
CA THR A 81 -7.58 7.41 -4.95
C THR A 81 -7.13 8.11 -6.23
N SER A 82 -5.97 7.69 -6.71
CA SER A 82 -5.47 8.16 -8.00
C SER A 82 -4.51 7.12 -8.56
N ASP A 83 -4.01 7.40 -9.75
CA ASP A 83 -3.07 6.51 -10.41
C ASP A 83 -1.71 6.68 -9.76
N CYS A 84 -1.18 5.62 -9.20
CA CYS A 84 -0.05 5.73 -8.28
C CYS A 84 0.96 4.61 -8.46
N THR A 85 1.94 4.61 -7.57
CA THR A 85 2.95 3.58 -7.48
C THR A 85 3.16 3.27 -6.03
N ILE A 86 2.99 2.02 -5.63
CA ILE A 86 2.95 1.69 -4.23
C ILE A 86 3.96 0.59 -3.89
N GLN A 87 4.88 0.93 -3.01
CA GLN A 87 5.87 0.00 -2.50
C GLN A 87 5.18 -0.98 -1.55
N THR A 88 5.67 -2.21 -1.47
CA THR A 88 4.99 -3.23 -0.70
C THR A 88 5.58 -3.48 0.68
N HIS A 89 6.67 -4.24 0.70
CA HIS A 89 7.19 -4.87 1.92
C HIS A 89 7.92 -3.92 2.86
N GLN A 90 7.70 -2.64 2.71
CA GLN A 90 8.40 -1.63 3.49
C GLN A 90 7.59 -1.22 4.72
N GLU A 91 6.88 -2.17 5.32
CA GLU A 91 6.01 -1.87 6.47
C GLU A 91 6.73 -1.08 7.55
N GLU A 92 7.97 -1.46 7.83
CA GLU A 92 8.83 -0.81 8.82
C GLU A 92 8.87 0.70 8.63
N ALA A 93 8.66 1.14 7.38
CA ALA A 93 8.84 2.53 7.01
C ALA A 93 7.97 3.45 7.86
N LEU A 94 6.79 2.96 8.25
CA LEU A 94 5.89 3.70 9.11
C LEU A 94 6.35 3.62 10.56
N TYR A 95 6.92 2.48 10.94
CA TYR A 95 7.19 2.18 12.35
C TYR A 95 8.49 2.81 12.84
N GLU A 96 9.61 2.30 12.36
CA GLU A 96 10.89 2.81 12.80
C GLU A 96 11.58 3.56 11.67
N ASN A 97 10.85 3.70 10.57
CA ASN A 97 11.27 4.47 9.41
C ASN A 97 12.30 3.74 8.58
N LEU A 98 11.96 3.55 7.32
CA LEU A 98 12.87 2.98 6.35
C LEU A 98 13.50 4.09 5.56
N TYR A 99 12.89 5.25 5.75
CA TYR A 99 13.36 6.51 5.20
C TYR A 99 13.33 6.52 3.68
N PHE A 100 12.29 5.95 3.11
CA PHE A 100 12.11 5.93 1.66
C PHE A 100 11.26 7.11 1.22
N GLN A 101 11.11 7.25 -0.10
CA GLN A 101 10.34 8.35 -0.69
C GLN A 101 10.92 9.70 -0.26
N MET A 1 -11.32 2.02 -11.55
CA MET A 1 -10.10 1.60 -10.86
C MET A 1 -8.90 2.38 -11.36
N TYR A 2 -7.91 2.51 -10.49
CA TYR A 2 -6.71 3.27 -10.78
C TYR A 2 -5.55 2.32 -11.01
N LYS A 3 -4.60 2.75 -11.82
CA LYS A 3 -3.43 1.93 -12.09
C LYS A 3 -2.34 2.24 -11.10
N VAL A 4 -2.13 1.30 -10.20
CA VAL A 4 -1.12 1.43 -9.19
C VAL A 4 0.00 0.44 -9.46
N THR A 5 1.20 0.97 -9.58
CA THR A 5 2.37 0.14 -9.80
C THR A 5 2.99 -0.20 -8.46
N LEU A 6 2.80 -1.43 -8.03
CA LEU A 6 3.30 -1.83 -6.76
C LEU A 6 4.74 -2.25 -6.91
N LYS A 7 5.58 -1.64 -6.09
CA LYS A 7 6.97 -1.91 -6.14
C LYS A 7 7.29 -2.97 -5.10
N THR A 8 7.56 -4.16 -5.60
CA THR A 8 7.84 -5.29 -4.75
C THR A 8 9.34 -5.53 -4.73
N PRO A 9 9.82 -6.26 -3.71
CA PRO A 9 11.24 -6.62 -3.61
C PRO A 9 11.71 -7.50 -4.77
N SER A 10 10.75 -8.00 -5.55
CA SER A 10 11.05 -8.80 -6.71
C SER A 10 10.94 -7.99 -8.01
N GLY A 11 10.02 -7.04 -8.03
CA GLY A 11 9.83 -6.21 -9.20
C GLY A 11 8.48 -5.52 -9.22
N ASP A 12 8.44 -4.31 -9.77
CA ASP A 12 7.21 -3.53 -9.88
C ASP A 12 6.17 -4.25 -10.74
N LYS A 13 4.91 -4.03 -10.41
CA LYS A 13 3.80 -4.55 -11.19
C LYS A 13 2.61 -3.62 -11.07
N THR A 14 2.00 -3.30 -12.19
CA THR A 14 0.84 -2.43 -12.23
C THR A 14 -0.43 -3.22 -12.10
N ILE A 15 -1.22 -2.84 -11.13
CA ILE A 15 -2.50 -3.43 -10.88
C ILE A 15 -3.60 -2.41 -11.17
N GLU A 16 -4.83 -2.88 -11.21
CA GLU A 16 -5.97 -2.00 -11.36
C GLU A 16 -6.83 -2.10 -10.12
N CYS A 17 -6.68 -1.15 -9.22
CA CYS A 17 -7.40 -1.19 -7.96
C CYS A 17 -8.58 -0.24 -8.01
N PRO A 18 -9.80 -0.80 -7.93
CA PRO A 18 -11.04 -0.02 -7.94
C PRO A 18 -11.12 0.95 -6.77
N ALA A 19 -11.98 1.94 -6.93
CA ALA A 19 -12.15 3.00 -5.95
C ALA A 19 -12.98 2.52 -4.76
N ASP A 20 -13.23 1.22 -4.71
CA ASP A 20 -13.98 0.61 -3.62
C ASP A 20 -13.28 -0.64 -3.08
N THR A 21 -12.29 -1.12 -3.82
CA THR A 21 -11.64 -2.37 -3.50
C THR A 21 -10.18 -2.11 -3.11
N TYR A 22 -9.77 -2.62 -1.96
CA TYR A 22 -8.44 -2.34 -1.43
C TYR A 22 -7.34 -3.00 -2.27
N ILE A 23 -6.18 -2.32 -2.31
CA ILE A 23 -5.09 -2.66 -3.22
C ILE A 23 -4.75 -4.14 -3.23
N LEU A 24 -4.64 -4.76 -2.06
CA LEU A 24 -4.11 -6.14 -1.98
C LEU A 24 -4.92 -7.15 -2.80
N ASP A 25 -6.17 -6.83 -3.14
CA ASP A 25 -6.99 -7.73 -3.94
C ASP A 25 -6.46 -7.76 -5.38
N ALA A 26 -6.29 -6.59 -5.94
CA ALA A 26 -5.70 -6.45 -7.27
C ALA A 26 -4.21 -6.76 -7.20
N ALA A 27 -3.62 -6.48 -6.06
CA ALA A 27 -2.22 -6.74 -5.81
C ALA A 27 -1.87 -8.22 -5.99
N GLU A 28 -2.66 -9.09 -5.36
CA GLU A 28 -2.44 -10.53 -5.46
C GLU A 28 -2.75 -11.02 -6.86
N GLU A 29 -3.75 -10.41 -7.49
CA GLU A 29 -4.09 -10.72 -8.87
C GLU A 29 -2.88 -10.50 -9.77
N ALA A 30 -2.23 -9.38 -9.54
CA ALA A 30 -1.07 -8.97 -10.33
C ALA A 30 0.11 -9.92 -10.17
N GLY A 31 0.18 -10.60 -9.03
CA GLY A 31 1.21 -11.60 -8.85
C GLY A 31 2.24 -11.22 -7.80
N LEU A 32 1.88 -10.31 -6.91
CA LEU A 32 2.81 -9.86 -5.88
C LEU A 32 2.77 -10.82 -4.69
N ASP A 33 3.93 -11.07 -4.11
CA ASP A 33 4.02 -11.84 -2.87
C ASP A 33 3.79 -10.89 -1.69
N LEU A 34 2.65 -10.24 -1.72
CA LEU A 34 2.29 -9.27 -0.71
C LEU A 34 1.67 -9.98 0.49
N PRO A 35 2.19 -9.74 1.70
CA PRO A 35 1.65 -10.32 2.93
C PRO A 35 0.30 -9.72 3.32
N TYR A 36 -0.66 -10.59 3.58
CA TYR A 36 -1.95 -10.16 4.11
C TYR A 36 -2.58 -11.31 4.88
N SER A 37 -3.24 -10.98 5.99
CA SER A 37 -3.82 -11.98 6.86
C SER A 37 -5.28 -11.65 7.17
N CYS A 38 -5.50 -10.63 7.98
CA CYS A 38 -6.84 -10.23 8.39
C CYS A 38 -7.58 -9.58 7.24
N ARG A 39 -6.83 -8.84 6.43
CA ARG A 39 -7.38 -8.04 5.34
C ARG A 39 -8.29 -6.96 5.91
N ALA A 40 -8.04 -6.62 7.17
CA ALA A 40 -8.87 -5.67 7.89
C ALA A 40 -8.02 -4.73 8.74
N GLY A 41 -6.73 -4.65 8.42
CA GLY A 41 -5.85 -3.72 9.08
C GLY A 41 -5.66 -4.00 10.56
N ALA A 42 -5.54 -5.28 10.92
CA ALA A 42 -5.31 -5.67 12.31
C ALA A 42 -3.82 -5.68 12.63
N CYS A 43 -3.00 -5.55 11.59
CA CYS A 43 -1.56 -5.47 11.76
C CYS A 43 -1.01 -4.37 10.86
N SER A 44 0.29 -4.10 10.98
CA SER A 44 0.92 -3.03 10.23
C SER A 44 2.02 -3.56 9.32
N SER A 45 2.12 -4.88 9.22
CA SER A 45 3.15 -5.51 8.40
C SER A 45 2.83 -5.39 6.92
N CYS A 46 1.55 -5.23 6.63
CA CYS A 46 1.06 -5.21 5.26
C CYS A 46 0.78 -3.79 4.80
N ALA A 47 1.30 -2.81 5.53
CA ALA A 47 1.10 -1.42 5.15
C ALA A 47 2.12 -1.01 4.08
N GLY A 48 1.63 -0.74 2.89
CA GLY A 48 2.51 -0.39 1.78
C GLY A 48 3.01 1.03 1.85
N LYS A 49 3.85 1.42 0.91
CA LYS A 49 4.38 2.77 0.87
C LYS A 49 3.94 3.48 -0.39
N VAL A 50 3.41 4.67 -0.24
CA VAL A 50 3.09 5.48 -1.40
C VAL A 50 4.38 6.04 -1.99
N ALA A 51 4.78 5.45 -3.10
CA ALA A 51 5.95 5.89 -3.82
C ALA A 51 5.55 6.98 -4.79
N ALA A 52 4.30 6.87 -5.21
CA ALA A 52 3.69 7.81 -6.11
C ALA A 52 2.20 7.82 -5.88
N GLY A 53 1.52 8.85 -6.38
CA GLY A 53 0.07 8.86 -6.34
C GLY A 53 -0.48 8.91 -4.92
N THR A 54 -1.75 8.56 -4.78
CA THR A 54 -2.40 8.57 -3.49
C THR A 54 -3.34 7.38 -3.33
N VAL A 55 -3.77 7.14 -2.11
CA VAL A 55 -4.65 6.03 -1.77
C VAL A 55 -5.63 6.48 -0.69
N ASP A 56 -6.68 5.71 -0.47
CA ASP A 56 -7.59 5.96 0.65
C ASP A 56 -7.34 4.96 1.75
N GLN A 57 -6.54 5.35 2.71
CA GLN A 57 -6.17 4.49 3.83
C GLN A 57 -6.72 5.06 5.13
N SER A 58 -8.02 5.27 5.13
CA SER A 58 -8.72 5.83 6.27
C SER A 58 -8.86 4.81 7.41
N ASP A 59 -8.32 3.62 7.20
CA ASP A 59 -8.51 2.51 8.15
C ASP A 59 -7.51 2.56 9.31
N GLN A 60 -6.27 2.12 9.07
CA GLN A 60 -5.30 1.98 10.15
C GLN A 60 -4.95 3.32 10.78
N SER A 61 -4.83 3.32 12.11
CA SER A 61 -4.64 4.54 12.86
C SER A 61 -3.17 4.89 13.06
N PHE A 62 -2.33 3.86 13.17
CA PHE A 62 -0.90 4.07 13.38
C PHE A 62 -0.28 4.85 12.23
N LEU A 63 -0.71 4.53 11.03
CA LEU A 63 -0.32 5.30 9.84
C LEU A 63 -1.14 6.58 9.81
N ASP A 64 -0.48 7.71 10.00
CA ASP A 64 -1.18 8.99 10.04
C ASP A 64 -1.04 9.72 8.71
N ASP A 65 -1.68 10.87 8.60
CA ASP A 65 -1.58 11.70 7.42
C ASP A 65 -0.12 12.06 7.17
N ALA A 66 0.59 12.26 8.28
CA ALA A 66 2.01 12.57 8.26
C ALA A 66 2.79 11.48 7.53
N GLN A 67 2.48 10.24 7.86
CA GLN A 67 3.15 9.11 7.25
C GLN A 67 2.81 9.04 5.77
N MET A 68 1.58 9.34 5.40
CA MET A 68 1.19 9.30 3.99
C MET A 68 1.85 10.43 3.22
N GLY A 69 2.06 11.56 3.88
CA GLY A 69 2.80 12.65 3.27
C GLY A 69 4.27 12.29 3.13
N ASN A 70 4.68 11.32 3.93
CA ASN A 70 6.02 10.75 3.86
C ASN A 70 6.07 9.64 2.82
N GLY A 71 4.88 9.20 2.40
CA GLY A 71 4.79 8.15 1.41
C GLY A 71 4.56 6.80 2.04
N PHE A 72 3.86 6.77 3.16
CA PHE A 72 3.57 5.52 3.86
C PHE A 72 2.06 5.33 3.96
N VAL A 73 1.60 4.12 3.65
CA VAL A 73 0.18 3.86 3.45
C VAL A 73 -0.22 2.46 3.91
N LEU A 74 -1.51 2.13 3.75
CA LEU A 74 -2.04 0.82 4.10
C LEU A 74 -2.43 0.05 2.84
N THR A 75 -2.09 -1.23 2.79
CA THR A 75 -2.52 -2.07 1.68
C THR A 75 -3.80 -2.86 2.03
N CYS A 76 -3.95 -3.19 3.31
CA CYS A 76 -5.01 -4.11 3.75
C CYS A 76 -6.41 -3.53 3.52
N VAL A 77 -6.65 -2.31 3.98
CA VAL A 77 -7.95 -1.67 3.81
C VAL A 77 -7.77 -0.28 3.22
N ALA A 78 -7.12 -0.24 2.07
CA ALA A 78 -6.86 1.00 1.39
C ALA A 78 -6.68 0.78 -0.09
N TYR A 79 -7.17 1.70 -0.89
CA TYR A 79 -7.03 1.62 -2.32
C TYR A 79 -6.68 2.98 -2.92
N PRO A 80 -6.10 2.99 -4.11
CA PRO A 80 -5.64 4.22 -4.75
C PRO A 80 -6.78 5.17 -5.05
N THR A 81 -6.61 6.41 -4.63
CA THR A 81 -7.54 7.46 -5.01
C THR A 81 -7.05 8.13 -6.29
N SER A 82 -5.86 7.72 -6.72
CA SER A 82 -5.29 8.17 -7.98
C SER A 82 -4.39 7.07 -8.53
N ASP A 83 -3.91 7.24 -9.74
CA ASP A 83 -2.97 6.29 -10.34
C ASP A 83 -1.62 6.48 -9.68
N CYS A 84 -1.09 5.43 -9.09
CA CYS A 84 0.05 5.58 -8.21
C CYS A 84 1.08 4.47 -8.38
N THR A 85 2.10 4.54 -7.54
CA THR A 85 3.13 3.53 -7.45
C THR A 85 3.34 3.23 -5.98
N ILE A 86 3.12 2.01 -5.58
CA ILE A 86 3.08 1.70 -4.16
C ILE A 86 4.07 0.61 -3.80
N GLN A 87 5.01 0.97 -2.96
CA GLN A 87 6.02 0.07 -2.44
C GLN A 87 5.37 -0.90 -1.46
N THR A 88 5.79 -2.15 -1.48
CA THR A 88 5.08 -3.19 -0.72
C THR A 88 5.63 -3.43 0.69
N HIS A 89 6.72 -4.16 0.75
CA HIS A 89 7.21 -4.81 1.99
C HIS A 89 7.88 -3.85 2.98
N GLN A 90 7.65 -2.56 2.82
CA GLN A 90 8.35 -1.56 3.62
C GLN A 90 7.57 -1.17 4.88
N GLU A 91 6.92 -2.15 5.52
CA GLU A 91 6.16 -1.91 6.75
C GLU A 91 6.96 -1.10 7.78
N GLU A 92 8.26 -1.40 7.87
CA GLU A 92 9.19 -0.73 8.76
C GLU A 92 9.07 0.79 8.64
N ALA A 93 8.69 1.24 7.46
CA ALA A 93 8.68 2.65 7.12
C ALA A 93 7.69 3.43 7.96
N LEU A 94 6.53 2.84 8.25
CA LEU A 94 5.56 3.50 9.12
C LEU A 94 5.99 3.35 10.57
N TYR A 95 6.59 2.20 10.88
CA TYR A 95 7.01 1.91 12.25
C TYR A 95 8.12 2.86 12.67
N GLU A 96 9.14 2.96 11.83
CA GLU A 96 10.19 3.94 12.02
C GLU A 96 10.21 4.93 10.85
N ASN A 97 10.76 4.51 9.71
CA ASN A 97 10.82 5.39 8.53
C ASN A 97 11.32 4.66 7.30
N LEU A 98 12.25 3.74 7.53
CA LEU A 98 13.01 3.07 6.48
C LEU A 98 13.81 4.04 5.63
N TYR A 99 13.65 5.32 5.93
CA TYR A 99 14.32 6.41 5.24
C TYR A 99 13.97 6.39 3.75
N PHE A 100 12.76 5.95 3.43
CA PHE A 100 12.30 5.92 2.06
C PHE A 100 11.45 7.15 1.76
N GLN A 101 12.10 8.21 1.32
CA GLN A 101 11.39 9.42 0.94
C GLN A 101 11.13 9.41 -0.56
N MET A 1 -10.63 1.19 -12.79
CA MET A 1 -9.81 1.24 -11.59
C MET A 1 -8.68 2.23 -11.79
N TYR A 2 -7.86 2.38 -10.76
CA TYR A 2 -6.64 3.17 -10.88
C TYR A 2 -5.46 2.24 -11.05
N LYS A 3 -4.52 2.63 -11.89
CA LYS A 3 -3.33 1.83 -12.12
C LYS A 3 -2.26 2.14 -11.11
N VAL A 4 -2.12 1.26 -10.14
CA VAL A 4 -1.12 1.40 -9.12
C VAL A 4 -0.01 0.39 -9.36
N THR A 5 1.19 0.89 -9.50
CA THR A 5 2.34 0.07 -9.75
C THR A 5 3.03 -0.23 -8.45
N LEU A 6 2.88 -1.44 -7.97
CA LEU A 6 3.42 -1.80 -6.71
C LEU A 6 4.86 -2.22 -6.84
N LYS A 7 5.68 -1.68 -5.97
CA LYS A 7 7.06 -2.02 -5.91
C LYS A 7 7.26 -3.13 -4.90
N THR A 8 7.54 -4.30 -5.41
CA THR A 8 7.79 -5.45 -4.59
C THR A 8 9.28 -5.67 -4.49
N PRO A 9 9.74 -6.41 -3.48
CA PRO A 9 11.16 -6.77 -3.34
C PRO A 9 11.69 -7.54 -4.55
N SER A 10 10.77 -8.03 -5.38
CA SER A 10 11.13 -8.72 -6.59
C SER A 10 11.07 -7.78 -7.80
N GLY A 11 10.16 -6.81 -7.77
CA GLY A 11 10.04 -5.85 -8.86
C GLY A 11 8.72 -5.12 -8.87
N ASP A 12 8.57 -4.17 -9.78
CA ASP A 12 7.34 -3.39 -9.91
C ASP A 12 6.31 -4.14 -10.73
N LYS A 13 5.05 -3.94 -10.39
CA LYS A 13 3.94 -4.48 -11.18
C LYS A 13 2.71 -3.58 -11.04
N THR A 14 2.08 -3.30 -12.15
CA THR A 14 0.88 -2.49 -12.17
C THR A 14 -0.37 -3.32 -11.98
N ILE A 15 -1.11 -2.95 -10.96
CA ILE A 15 -2.39 -3.53 -10.68
C ILE A 15 -3.46 -2.52 -11.04
N GLU A 16 -4.71 -2.96 -11.04
CA GLU A 16 -5.83 -2.06 -11.25
C GLU A 16 -6.79 -2.20 -10.09
N CYS A 17 -6.71 -1.24 -9.17
CA CYS A 17 -7.49 -1.30 -7.96
C CYS A 17 -8.62 -0.28 -8.01
N PRO A 18 -9.85 -0.76 -7.88
CA PRO A 18 -11.05 0.09 -7.86
C PRO A 18 -11.05 1.09 -6.70
N ALA A 19 -11.86 2.12 -6.87
CA ALA A 19 -11.99 3.19 -5.88
C ALA A 19 -12.80 2.74 -4.67
N ASP A 20 -13.09 1.44 -4.58
CA ASP A 20 -13.83 0.89 -3.47
C ASP A 20 -13.16 -0.37 -2.91
N THR A 21 -12.18 -0.87 -3.63
CA THR A 21 -11.58 -2.15 -3.29
C THR A 21 -10.12 -1.97 -2.91
N TYR A 22 -9.73 -2.53 -1.77
CA TYR A 22 -8.41 -2.34 -1.20
C TYR A 22 -7.31 -2.98 -2.06
N ILE A 23 -6.17 -2.27 -2.15
CA ILE A 23 -5.08 -2.58 -3.07
C ILE A 23 -4.74 -4.05 -3.13
N LEU A 24 -4.70 -4.73 -1.97
CA LEU A 24 -4.22 -6.11 -1.92
C LEU A 24 -4.98 -7.04 -2.86
N ASP A 25 -6.23 -6.74 -3.16
CA ASP A 25 -7.04 -7.59 -4.03
C ASP A 25 -6.49 -7.56 -5.44
N ALA A 26 -6.29 -6.37 -5.95
CA ALA A 26 -5.71 -6.17 -7.26
C ALA A 26 -4.22 -6.49 -7.22
N ALA A 27 -3.62 -6.28 -6.05
CA ALA A 27 -2.22 -6.56 -5.83
C ALA A 27 -1.91 -8.03 -6.09
N GLU A 28 -2.69 -8.92 -5.49
CA GLU A 28 -2.53 -10.35 -5.68
C GLU A 28 -2.92 -10.74 -7.10
N GLU A 29 -3.88 -10.00 -7.65
CA GLU A 29 -4.30 -10.19 -9.04
C GLU A 29 -3.13 -10.00 -9.98
N ALA A 30 -2.31 -9.00 -9.68
CA ALA A 30 -1.13 -8.69 -10.48
C ALA A 30 -0.04 -9.73 -10.30
N GLY A 31 -0.02 -10.40 -9.16
CA GLY A 31 0.92 -11.47 -8.94
C GLY A 31 1.97 -11.16 -7.91
N LEU A 32 1.69 -10.21 -7.02
CA LEU A 32 2.64 -9.85 -5.98
C LEU A 32 2.54 -10.82 -4.81
N ASP A 33 3.68 -11.10 -4.19
CA ASP A 33 3.68 -11.88 -2.96
C ASP A 33 3.50 -10.95 -1.78
N LEU A 34 2.35 -10.30 -1.76
CA LEU A 34 2.02 -9.36 -0.71
C LEU A 34 1.48 -10.12 0.51
N PRO A 35 2.07 -9.89 1.69
CA PRO A 35 1.70 -10.59 2.92
C PRO A 35 0.21 -10.43 3.24
N TYR A 36 -0.41 -11.56 3.55
CA TYR A 36 -1.85 -11.58 3.81
C TYR A 36 -2.12 -12.21 5.16
N SER A 37 -3.09 -11.68 5.90
CA SER A 37 -3.48 -12.24 7.18
C SER A 37 -4.95 -11.96 7.48
N CYS A 38 -5.27 -10.72 7.85
CA CYS A 38 -6.62 -10.39 8.26
C CYS A 38 -7.43 -9.81 7.10
N ARG A 39 -6.78 -8.93 6.33
CA ARG A 39 -7.43 -8.18 5.25
C ARG A 39 -8.42 -7.19 5.85
N ALA A 40 -8.23 -6.87 7.13
CA ALA A 40 -9.14 -5.99 7.84
C ALA A 40 -8.39 -4.92 8.63
N GLY A 41 -7.08 -5.04 8.70
CA GLY A 41 -6.28 -4.03 9.38
C GLY A 41 -6.01 -4.38 10.84
N ALA A 42 -5.64 -5.63 11.09
CA ALA A 42 -5.29 -6.05 12.44
C ALA A 42 -3.79 -5.91 12.67
N CYS A 43 -3.06 -5.60 11.61
CA CYS A 43 -1.62 -5.42 11.66
C CYS A 43 -1.21 -4.36 10.64
N SER A 44 0.10 -4.18 10.46
CA SER A 44 0.58 -3.24 9.47
C SER A 44 1.84 -3.73 8.78
N SER A 45 2.20 -4.99 8.99
CA SER A 45 3.35 -5.58 8.30
C SER A 45 3.08 -5.63 6.80
N CYS A 46 1.81 -5.48 6.47
CA CYS A 46 1.34 -5.45 5.11
C CYS A 46 1.14 -4.02 4.61
N ALA A 47 1.59 -3.05 5.40
CA ALA A 47 1.42 -1.65 5.05
C ALA A 47 2.37 -1.23 3.94
N GLY A 48 1.80 -0.92 2.79
CA GLY A 48 2.59 -0.50 1.66
C GLY A 48 3.10 0.91 1.80
N LYS A 49 3.97 1.33 0.90
CA LYS A 49 4.49 2.68 0.92
C LYS A 49 4.05 3.43 -0.34
N VAL A 50 3.43 4.57 -0.16
CA VAL A 50 3.08 5.41 -1.29
C VAL A 50 4.35 6.01 -1.88
N ALA A 51 4.74 5.49 -3.02
CA ALA A 51 5.90 5.97 -3.73
C ALA A 51 5.49 7.07 -4.69
N ALA A 52 4.27 6.94 -5.17
CA ALA A 52 3.69 7.88 -6.10
C ALA A 52 2.18 7.87 -5.95
N GLY A 53 1.52 8.84 -6.58
CA GLY A 53 0.06 8.87 -6.57
C GLY A 53 -0.53 8.95 -5.19
N THR A 54 -1.80 8.60 -5.05
CA THR A 54 -2.45 8.63 -3.75
C THR A 54 -3.37 7.44 -3.54
N VAL A 55 -3.73 7.24 -2.28
CA VAL A 55 -4.59 6.13 -1.87
C VAL A 55 -5.55 6.62 -0.79
N ASP A 56 -6.56 5.83 -0.46
CA ASP A 56 -7.47 6.17 0.62
C ASP A 56 -7.29 5.21 1.78
N GLN A 57 -6.50 5.65 2.76
CA GLN A 57 -6.17 4.83 3.92
C GLN A 57 -6.87 5.38 5.15
N SER A 58 -8.19 5.52 5.04
CA SER A 58 -9.00 6.02 6.14
C SER A 58 -8.85 5.14 7.37
N ASP A 59 -8.98 3.83 7.21
CA ASP A 59 -8.84 2.89 8.32
C ASP A 59 -7.40 2.41 8.42
N GLN A 60 -6.49 3.36 8.53
CA GLN A 60 -5.07 3.06 8.67
C GLN A 60 -4.80 2.42 10.03
N SER A 61 -4.06 1.32 10.02
CA SER A 61 -3.91 0.50 11.22
C SER A 61 -2.63 0.78 11.99
N PHE A 62 -1.96 1.90 11.72
CA PHE A 62 -0.73 2.22 12.45
C PHE A 62 -0.23 3.63 12.12
N LEU A 63 0.25 3.86 10.88
CA LEU A 63 0.79 5.17 10.51
C LEU A 63 -0.29 6.26 10.51
N ASP A 64 0.14 7.50 10.37
CA ASP A 64 -0.77 8.64 10.38
C ASP A 64 -0.90 9.23 8.98
N ASP A 65 -1.76 10.23 8.82
CA ASP A 65 -1.92 10.90 7.53
C ASP A 65 -0.61 11.57 7.13
N ALA A 66 0.12 12.03 8.13
CA ALA A 66 1.44 12.61 7.94
C ALA A 66 2.34 11.63 7.23
N GLN A 67 2.25 10.38 7.66
CA GLN A 67 3.04 9.32 7.11
C GLN A 67 2.67 9.05 5.66
N MET A 68 1.40 9.22 5.31
CA MET A 68 0.98 9.06 3.93
C MET A 68 1.61 10.14 3.06
N GLY A 69 1.75 11.35 3.62
CA GLY A 69 2.44 12.41 2.93
C GLY A 69 3.91 12.08 2.78
N ASN A 70 4.43 11.37 3.78
CA ASN A 70 5.79 10.85 3.75
C ASN A 70 5.89 9.69 2.77
N GLY A 71 4.74 9.14 2.41
CA GLY A 71 4.68 8.06 1.45
C GLY A 71 4.50 6.71 2.10
N PHE A 72 3.79 6.67 3.22
CA PHE A 72 3.56 5.44 3.95
C PHE A 72 2.06 5.19 4.11
N VAL A 73 1.63 3.98 3.77
CA VAL A 73 0.21 3.68 3.59
C VAL A 73 -0.12 2.24 4.04
N LEU A 74 -1.38 1.85 3.93
CA LEU A 74 -1.83 0.50 4.30
C LEU A 74 -2.39 -0.23 3.09
N THR A 75 -2.06 -1.50 2.92
CA THR A 75 -2.57 -2.26 1.80
C THR A 75 -3.88 -2.98 2.15
N CYS A 76 -4.07 -3.32 3.42
CA CYS A 76 -5.27 -4.07 3.84
C CYS A 76 -6.54 -3.22 3.75
N VAL A 77 -6.52 -2.01 4.29
CA VAL A 77 -7.71 -1.19 4.29
C VAL A 77 -7.44 0.16 3.62
N ALA A 78 -6.92 0.10 2.42
CA ALA A 78 -6.67 1.29 1.63
C ALA A 78 -6.59 0.95 0.15
N TYR A 79 -7.02 1.88 -0.68
CA TYR A 79 -6.94 1.70 -2.12
C TYR A 79 -6.62 3.01 -2.80
N PRO A 80 -6.10 2.94 -4.03
CA PRO A 80 -5.68 4.12 -4.78
C PRO A 80 -6.83 5.06 -5.07
N THR A 81 -6.66 6.31 -4.69
CA THR A 81 -7.60 7.35 -5.08
C THR A 81 -7.18 7.93 -6.43
N SER A 82 -6.01 7.50 -6.88
CA SER A 82 -5.50 7.84 -8.20
C SER A 82 -4.52 6.77 -8.66
N ASP A 83 -4.03 6.91 -9.87
CA ASP A 83 -3.03 6.01 -10.38
C ASP A 83 -1.71 6.32 -9.68
N CYS A 84 -1.05 5.30 -9.17
CA CYS A 84 0.07 5.53 -8.28
C CYS A 84 1.11 4.43 -8.40
N THR A 85 2.13 4.57 -7.56
CA THR A 85 3.18 3.58 -7.44
C THR A 85 3.37 3.27 -5.99
N ILE A 86 3.13 2.04 -5.59
CA ILE A 86 3.09 1.73 -4.17
C ILE A 86 4.04 0.61 -3.82
N GLN A 87 4.98 0.95 -2.99
CA GLN A 87 5.94 0.01 -2.46
C GLN A 87 5.23 -0.96 -1.52
N THR A 88 5.68 -2.20 -1.46
CA THR A 88 4.96 -3.21 -0.70
C THR A 88 5.54 -3.42 0.71
N HIS A 89 6.63 -4.17 0.77
CA HIS A 89 7.14 -4.75 2.02
C HIS A 89 7.93 -3.76 2.89
N GLN A 90 7.79 -2.48 2.64
CA GLN A 90 8.60 -1.48 3.34
C GLN A 90 7.92 -0.95 4.60
N GLU A 91 7.19 -1.79 5.32
CA GLU A 91 6.51 -1.37 6.56
C GLU A 91 7.43 -0.60 7.49
N GLU A 92 8.70 -1.02 7.55
CA GLU A 92 9.71 -0.39 8.40
C GLU A 92 9.70 1.12 8.21
N ALA A 93 9.29 1.56 7.03
CA ALA A 93 9.23 2.97 6.69
C ALA A 93 8.42 3.78 7.71
N LEU A 94 7.22 3.30 8.03
CA LEU A 94 6.38 3.97 9.03
C LEU A 94 6.98 3.74 10.41
N TYR A 95 7.47 2.52 10.63
CA TYR A 95 7.90 2.10 11.95
C TYR A 95 9.12 2.90 12.44
N GLU A 96 10.22 2.81 11.71
CA GLU A 96 11.44 3.49 12.11
C GLU A 96 12.05 4.28 10.94
N ASN A 97 12.76 3.56 10.08
CA ASN A 97 13.47 4.14 8.96
C ASN A 97 13.58 3.11 7.87
N LEU A 98 12.93 3.37 6.76
CA LEU A 98 12.96 2.45 5.62
C LEU A 98 14.38 2.25 5.10
N TYR A 99 15.28 3.18 5.42
CA TYR A 99 16.65 3.18 4.88
C TYR A 99 16.61 3.22 3.35
N PHE A 100 15.42 3.46 2.83
CA PHE A 100 15.11 3.30 1.42
C PHE A 100 15.24 4.66 0.72
N GLN A 101 16.47 4.98 0.35
CA GLN A 101 16.80 6.26 -0.28
C GLN A 101 16.44 7.42 0.65
N MET A 1 -10.76 1.15 -12.57
CA MET A 1 -9.87 1.20 -11.42
C MET A 1 -8.79 2.23 -11.67
N TYR A 2 -7.87 2.34 -10.73
CA TYR A 2 -6.69 3.16 -10.91
C TYR A 2 -5.48 2.26 -11.12
N LYS A 3 -4.57 2.71 -11.96
CA LYS A 3 -3.38 1.95 -12.25
C LYS A 3 -2.31 2.25 -11.21
N VAL A 4 -2.02 1.27 -10.40
CA VAL A 4 -1.03 1.44 -9.36
C VAL A 4 0.13 0.48 -9.60
N THR A 5 1.31 1.06 -9.70
CA THR A 5 2.52 0.31 -9.91
C THR A 5 3.13 -0.05 -8.57
N LEU A 6 2.97 -1.29 -8.16
CA LEU A 6 3.46 -1.69 -6.88
C LEU A 6 4.92 -2.08 -6.97
N LYS A 7 5.69 -1.53 -6.07
CA LYS A 7 7.10 -1.82 -6.00
C LYS A 7 7.31 -2.89 -4.96
N THR A 8 7.59 -4.09 -5.46
CA THR A 8 7.81 -5.21 -4.61
C THR A 8 9.30 -5.43 -4.44
N PRO A 9 9.70 -6.21 -3.43
CA PRO A 9 11.09 -6.59 -3.22
C PRO A 9 11.65 -7.40 -4.39
N SER A 10 10.75 -7.80 -5.30
CA SER A 10 11.13 -8.53 -6.49
C SER A 10 11.14 -7.61 -7.72
N GLY A 11 10.26 -6.61 -7.71
CA GLY A 11 10.18 -5.66 -8.81
C GLY A 11 8.81 -5.02 -8.94
N ASP A 12 8.76 -3.92 -9.69
CA ASP A 12 7.50 -3.20 -9.94
C ASP A 12 6.51 -4.04 -10.72
N LYS A 13 5.24 -3.82 -10.43
CA LYS A 13 4.16 -4.45 -11.18
C LYS A 13 2.89 -3.61 -11.10
N THR A 14 2.21 -3.49 -12.21
CA THR A 14 0.99 -2.69 -12.27
C THR A 14 -0.23 -3.51 -11.94
N ILE A 15 -1.03 -3.00 -11.03
CA ILE A 15 -2.31 -3.57 -10.72
C ILE A 15 -3.40 -2.57 -11.05
N GLU A 16 -4.63 -3.03 -11.04
CA GLU A 16 -5.78 -2.15 -11.25
C GLU A 16 -6.72 -2.27 -10.07
N CYS A 17 -6.66 -1.31 -9.15
CA CYS A 17 -7.42 -1.39 -7.93
C CYS A 17 -8.55 -0.38 -7.94
N PRO A 18 -9.79 -0.87 -7.78
CA PRO A 18 -10.98 -0.04 -7.71
C PRO A 18 -10.96 0.95 -6.54
N ALA A 19 -11.80 1.96 -6.63
CA ALA A 19 -11.89 3.02 -5.62
C ALA A 19 -12.68 2.54 -4.39
N ASP A 20 -12.99 1.26 -4.35
CA ASP A 20 -13.72 0.69 -3.22
C ASP A 20 -13.08 -0.62 -2.75
N THR A 21 -12.04 -1.04 -3.45
CA THR A 21 -11.41 -2.32 -3.18
C THR A 21 -9.93 -2.14 -2.86
N TYR A 22 -9.49 -2.72 -1.74
CA TYR A 22 -8.14 -2.48 -1.22
C TYR A 22 -7.05 -3.06 -2.12
N ILE A 23 -5.93 -2.36 -2.18
CA ILE A 23 -4.83 -2.63 -3.11
C ILE A 23 -4.50 -4.11 -3.23
N LEU A 24 -4.42 -4.80 -2.10
CA LEU A 24 -3.92 -6.19 -2.08
C LEU A 24 -4.72 -7.13 -2.98
N ASP A 25 -5.99 -6.82 -3.22
CA ASP A 25 -6.84 -7.67 -4.06
C ASP A 25 -6.33 -7.64 -5.49
N ALA A 26 -6.15 -6.44 -5.99
CA ALA A 26 -5.57 -6.23 -7.31
C ALA A 26 -4.08 -6.55 -7.30
N ALA A 27 -3.47 -6.35 -6.15
CA ALA A 27 -2.05 -6.62 -5.96
C ALA A 27 -1.74 -8.08 -6.28
N GLU A 28 -2.48 -8.99 -5.66
CA GLU A 28 -2.27 -10.41 -5.87
C GLU A 28 -2.73 -10.81 -7.27
N GLU A 29 -3.74 -10.12 -7.78
CA GLU A 29 -4.20 -10.31 -9.14
C GLU A 29 -3.04 -10.13 -10.11
N ALA A 30 -2.29 -9.06 -9.87
CA ALA A 30 -1.10 -8.76 -10.67
C ALA A 30 0.00 -9.79 -10.46
N GLY A 31 0.02 -10.40 -9.28
CA GLY A 31 1.00 -11.44 -9.03
C GLY A 31 2.03 -11.06 -7.99
N LEU A 32 1.71 -10.11 -7.12
CA LEU A 32 2.64 -9.69 -6.09
C LEU A 32 2.54 -10.61 -4.88
N ASP A 33 3.68 -10.87 -4.26
CA ASP A 33 3.72 -11.67 -3.04
C ASP A 33 3.44 -10.78 -1.83
N LEU A 34 2.27 -10.14 -1.87
CA LEU A 34 1.86 -9.24 -0.81
C LEU A 34 1.09 -10.01 0.25
N PRO A 35 1.55 -9.94 1.52
CA PRO A 35 0.93 -10.66 2.64
C PRO A 35 -0.48 -10.16 2.97
N TYR A 36 -1.38 -11.10 3.19
CA TYR A 36 -2.75 -10.79 3.57
C TYR A 36 -3.16 -11.65 4.76
N SER A 37 -3.92 -11.06 5.69
CA SER A 37 -4.31 -11.80 6.88
C SER A 37 -5.67 -11.33 7.42
N CYS A 38 -5.69 -10.20 8.12
CA CYS A 38 -6.87 -9.80 8.87
C CYS A 38 -7.92 -9.12 8.01
N ARG A 39 -7.46 -8.32 7.04
CA ARG A 39 -8.35 -7.55 6.16
C ARG A 39 -8.96 -6.36 6.90
N ALA A 40 -8.62 -6.23 8.19
CA ALA A 40 -9.21 -5.21 9.03
C ALA A 40 -8.16 -4.22 9.53
N GLY A 41 -6.89 -4.56 9.37
CA GLY A 41 -5.83 -3.67 9.79
C GLY A 41 -5.37 -3.95 11.20
N ALA A 42 -5.19 -5.22 11.53
CA ALA A 42 -4.77 -5.61 12.87
C ALA A 42 -3.25 -5.57 13.01
N CYS A 43 -2.57 -5.38 11.89
CA CYS A 43 -1.12 -5.31 11.87
C CYS A 43 -0.67 -4.27 10.86
N SER A 44 0.64 -4.13 10.69
CA SER A 44 1.19 -3.19 9.73
C SER A 44 2.36 -3.79 8.97
N SER A 45 2.54 -5.10 9.10
CA SER A 45 3.60 -5.81 8.41
C SER A 45 3.30 -5.87 6.91
N CYS A 46 2.03 -5.85 6.61
CA CYS A 46 1.53 -5.92 5.25
C CYS A 46 1.31 -4.52 4.68
N ALA A 47 1.86 -3.52 5.34
CA ALA A 47 1.60 -2.14 4.98
C ALA A 47 2.45 -1.68 3.81
N GLY A 48 1.80 -1.42 2.68
CA GLY A 48 2.48 -0.88 1.52
C GLY A 48 2.92 0.55 1.75
N LYS A 49 3.68 1.11 0.82
CA LYS A 49 4.15 2.47 0.96
C LYS A 49 3.84 3.31 -0.28
N VAL A 50 3.14 4.42 -0.06
CA VAL A 50 2.75 5.31 -1.15
C VAL A 50 3.98 5.97 -1.78
N ALA A 51 4.44 5.38 -2.86
CA ALA A 51 5.61 5.88 -3.56
C ALA A 51 5.22 7.01 -4.50
N ALA A 52 4.03 6.89 -5.06
CA ALA A 52 3.50 7.87 -5.98
C ALA A 52 2.00 7.89 -5.88
N GLY A 53 1.38 8.85 -6.55
CA GLY A 53 -0.06 8.93 -6.60
C GLY A 53 -0.68 9.04 -5.23
N THR A 54 -1.92 8.57 -5.10
CA THR A 54 -2.58 8.58 -3.82
C THR A 54 -3.41 7.31 -3.61
N VAL A 55 -3.72 7.07 -2.36
CA VAL A 55 -4.53 5.94 -1.94
C VAL A 55 -5.44 6.40 -0.81
N ASP A 56 -6.38 5.57 -0.39
CA ASP A 56 -7.21 5.89 0.76
C ASP A 56 -6.82 5.04 1.96
N GLN A 57 -5.98 5.59 2.83
CA GLN A 57 -5.61 4.97 4.09
C GLN A 57 -5.71 5.98 5.23
N SER A 58 -6.84 6.66 5.26
CA SER A 58 -7.08 7.69 6.25
C SER A 58 -7.34 7.08 7.63
N ASP A 59 -8.19 6.05 7.68
CA ASP A 59 -8.50 5.35 8.92
C ASP A 59 -7.67 4.06 9.00
N GLN A 60 -6.37 4.23 8.86
CA GLN A 60 -5.45 3.11 8.77
C GLN A 60 -5.26 2.42 10.13
N SER A 61 -4.33 2.91 10.93
CA SER A 61 -4.03 2.31 12.24
C SER A 61 -3.33 3.33 13.14
N PHE A 62 -2.02 3.44 12.98
CA PHE A 62 -1.24 4.43 13.72
C PHE A 62 -0.48 5.31 12.74
N LEU A 63 -1.00 5.36 11.51
CA LEU A 63 -0.43 6.18 10.47
C LEU A 63 -1.01 7.59 10.54
N ASP A 64 -0.14 8.58 10.46
CA ASP A 64 -0.60 9.96 10.42
C ASP A 64 -0.65 10.45 8.99
N ASP A 65 -1.11 11.67 8.81
CA ASP A 65 -1.10 12.31 7.50
C ASP A 65 0.34 12.51 7.08
N ALA A 66 1.18 12.71 8.09
CA ALA A 66 2.61 12.84 7.91
C ALA A 66 3.18 11.62 7.23
N GLN A 67 2.70 10.46 7.65
CA GLN A 67 3.15 9.20 7.12
C GLN A 67 2.75 9.02 5.66
N MET A 68 1.52 9.39 5.31
CA MET A 68 1.10 9.35 3.92
C MET A 68 1.94 10.32 3.09
N GLY A 69 2.24 11.49 3.68
CA GLY A 69 3.12 12.43 3.01
C GLY A 69 4.54 11.90 2.90
N ASN A 70 4.89 11.07 3.87
CA ASN A 70 6.17 10.37 3.86
C ASN A 70 6.14 9.23 2.86
N GLY A 71 4.95 8.86 2.43
CA GLY A 71 4.80 7.82 1.44
C GLY A 71 4.48 6.48 2.04
N PHE A 72 3.71 6.47 3.12
CA PHE A 72 3.42 5.23 3.82
C PHE A 72 1.89 4.95 3.82
N VAL A 73 1.53 3.66 3.79
CA VAL A 73 0.13 3.22 3.71
C VAL A 73 -0.02 1.79 4.33
N LEU A 74 -1.26 1.29 4.50
CA LEU A 74 -1.51 -0.10 4.87
C LEU A 74 -2.41 -0.77 3.82
N THR A 75 -1.93 -1.86 3.26
CA THR A 75 -2.58 -2.48 2.11
C THR A 75 -3.93 -3.12 2.48
N CYS A 76 -4.07 -3.60 3.71
CA CYS A 76 -5.31 -4.21 4.17
C CYS A 76 -6.45 -3.18 4.27
N VAL A 77 -6.10 -1.91 4.40
CA VAL A 77 -7.10 -0.86 4.56
C VAL A 77 -6.77 0.33 3.65
N ALA A 78 -6.47 0.06 2.38
CA ALA A 78 -6.16 1.13 1.46
C ALA A 78 -6.35 0.73 0.02
N TYR A 79 -6.85 1.66 -0.77
CA TYR A 79 -6.92 1.52 -2.21
C TYR A 79 -6.60 2.85 -2.88
N PRO A 80 -6.11 2.81 -4.11
CA PRO A 80 -5.68 4.00 -4.82
C PRO A 80 -6.84 4.91 -5.15
N THR A 81 -6.74 6.15 -4.72
CA THR A 81 -7.72 7.15 -5.09
C THR A 81 -7.31 7.83 -6.39
N SER A 82 -6.11 7.48 -6.83
CA SER A 82 -5.58 7.93 -8.11
C SER A 82 -4.63 6.86 -8.65
N ASP A 83 -4.14 7.05 -9.86
CA ASP A 83 -3.16 6.14 -10.42
C ASP A 83 -1.82 6.44 -9.77
N CYS A 84 -1.11 5.42 -9.32
CA CYS A 84 0.01 5.63 -8.43
C CYS A 84 1.07 4.55 -8.56
N THR A 85 2.07 4.66 -7.72
CA THR A 85 3.09 3.66 -7.54
C THR A 85 3.22 3.38 -6.07
N ILE A 86 3.04 2.14 -5.67
CA ILE A 86 2.98 1.85 -4.26
C ILE A 86 3.95 0.73 -3.92
N GLN A 87 4.88 1.08 -3.05
CA GLN A 87 5.86 0.17 -2.53
C GLN A 87 5.14 -0.85 -1.63
N THR A 88 5.64 -2.06 -1.53
CA THR A 88 4.91 -3.09 -0.79
C THR A 88 5.42 -3.31 0.63
N HIS A 89 6.50 -4.07 0.73
CA HIS A 89 6.94 -4.69 1.99
C HIS A 89 7.66 -3.74 2.96
N GLN A 90 7.48 -2.45 2.76
CA GLN A 90 8.18 -1.45 3.58
C GLN A 90 7.41 -1.14 4.86
N GLU A 91 6.80 -2.17 5.43
CA GLU A 91 6.05 -2.08 6.70
C GLU A 91 6.73 -1.18 7.72
N GLU A 92 8.03 -1.40 7.93
CA GLU A 92 8.84 -0.68 8.91
C GLU A 92 8.68 0.83 8.78
N ALA A 93 8.35 1.28 7.58
CA ALA A 93 8.37 2.69 7.24
C ALA A 93 7.43 3.52 8.13
N LEU A 94 6.29 2.95 8.52
CA LEU A 94 5.38 3.66 9.39
C LEU A 94 5.95 3.71 10.79
N TYR A 95 6.63 2.64 11.16
CA TYR A 95 7.13 2.48 12.51
C TYR A 95 8.36 3.35 12.73
N GLU A 96 9.18 3.47 11.70
CA GLU A 96 10.32 4.37 11.72
C GLU A 96 10.23 5.32 10.54
N ASN A 97 10.67 4.85 9.37
CA ASN A 97 10.61 5.63 8.14
C ASN A 97 11.18 4.85 6.96
N LEU A 98 12.06 3.92 7.27
CA LEU A 98 12.76 3.11 6.27
C LEU A 98 13.53 3.96 5.29
N TYR A 99 13.70 5.23 5.65
CA TYR A 99 14.38 6.23 4.81
C TYR A 99 13.74 6.31 3.42
N PHE A 100 12.47 5.93 3.33
CA PHE A 100 11.77 5.96 2.06
C PHE A 100 10.85 7.18 1.97
N GLN A 101 10.69 7.69 0.76
CA GLN A 101 9.84 8.83 0.49
C GLN A 101 9.27 8.70 -0.93
N MET A 1 -11.32 1.85 -11.69
CA MET A 1 -10.13 1.64 -10.87
C MET A 1 -8.97 2.49 -11.34
N TYR A 2 -7.88 2.44 -10.59
CA TYR A 2 -6.69 3.19 -10.90
C TYR A 2 -5.52 2.24 -11.07
N LYS A 3 -4.58 2.61 -11.92
CA LYS A 3 -3.41 1.78 -12.18
C LYS A 3 -2.30 2.12 -11.19
N VAL A 4 -2.11 1.22 -10.25
CA VAL A 4 -1.09 1.37 -9.25
C VAL A 4 0.04 0.38 -9.49
N THR A 5 1.23 0.90 -9.60
CA THR A 5 2.41 0.10 -9.78
C THR A 5 2.98 -0.27 -8.42
N LEU A 6 2.78 -1.48 -7.99
CA LEU A 6 3.27 -1.88 -6.71
C LEU A 6 4.70 -2.31 -6.83
N LYS A 7 5.53 -1.71 -6.01
CA LYS A 7 6.93 -1.94 -6.06
C LYS A 7 7.29 -3.00 -5.06
N THR A 8 7.61 -4.16 -5.59
CA THR A 8 7.97 -5.30 -4.77
C THR A 8 9.47 -5.48 -4.85
N PRO A 9 10.07 -6.12 -3.83
CA PRO A 9 11.51 -6.42 -3.83
C PRO A 9 11.90 -7.41 -4.92
N SER A 10 10.91 -7.90 -5.65
CA SER A 10 11.13 -8.83 -6.74
C SER A 10 10.75 -8.23 -8.09
N GLY A 11 10.35 -6.96 -8.07
CA GLY A 11 9.94 -6.31 -9.30
C GLY A 11 8.55 -5.71 -9.23
N ASP A 12 8.40 -4.49 -9.72
CA ASP A 12 7.12 -3.79 -9.73
C ASP A 12 6.11 -4.46 -10.65
N LYS A 13 4.84 -4.19 -10.39
CA LYS A 13 3.76 -4.67 -11.21
C LYS A 13 2.58 -3.71 -11.09
N THR A 14 1.94 -3.43 -12.21
CA THR A 14 0.80 -2.53 -12.22
C THR A 14 -0.49 -3.30 -12.07
N ILE A 15 -1.25 -2.89 -11.08
CA ILE A 15 -2.54 -3.47 -10.81
C ILE A 15 -3.64 -2.46 -11.12
N GLU A 16 -4.87 -2.91 -11.11
CA GLU A 16 -6.01 -2.02 -11.25
C GLU A 16 -6.89 -2.17 -10.02
N CYS A 17 -6.74 -1.24 -9.08
CA CYS A 17 -7.49 -1.34 -7.84
C CYS A 17 -8.62 -0.32 -7.83
N PRO A 18 -9.86 -0.81 -7.72
CA PRO A 18 -11.07 0.03 -7.69
C PRO A 18 -11.08 1.01 -6.51
N ALA A 19 -11.90 2.03 -6.65
CA ALA A 19 -12.04 3.09 -5.64
C ALA A 19 -12.82 2.62 -4.42
N ASP A 20 -13.08 1.33 -4.35
CA ASP A 20 -13.81 0.74 -3.22
C ASP A 20 -13.09 -0.50 -2.69
N THR A 21 -12.10 -0.96 -3.44
CA THR A 21 -11.45 -2.22 -3.13
C THR A 21 -9.99 -2.01 -2.81
N TYR A 22 -9.57 -2.53 -1.66
CA TYR A 22 -8.24 -2.27 -1.11
C TYR A 22 -7.14 -2.89 -1.98
N ILE A 23 -6.01 -2.18 -2.05
CA ILE A 23 -4.92 -2.47 -2.99
C ILE A 23 -4.58 -3.94 -3.08
N LEU A 24 -4.42 -4.62 -1.93
CA LEU A 24 -3.87 -5.97 -1.95
C LEU A 24 -4.73 -6.92 -2.78
N ASP A 25 -6.02 -6.65 -2.91
CA ASP A 25 -6.90 -7.52 -3.71
C ASP A 25 -6.43 -7.55 -5.17
N ALA A 26 -6.26 -6.36 -5.72
CA ALA A 26 -5.73 -6.21 -7.07
C ALA A 26 -4.24 -6.51 -7.08
N ALA A 27 -3.57 -6.23 -5.97
CA ALA A 27 -2.15 -6.47 -5.83
C ALA A 27 -1.83 -7.95 -6.03
N GLU A 28 -2.53 -8.82 -5.30
CA GLU A 28 -2.34 -10.25 -5.42
C GLU A 28 -2.78 -10.72 -6.79
N GLU A 29 -3.79 -10.06 -7.33
CA GLU A 29 -4.27 -10.34 -8.68
C GLU A 29 -3.13 -10.19 -9.68
N ALA A 30 -2.35 -9.14 -9.51
CA ALA A 30 -1.24 -8.82 -10.40
C ALA A 30 -0.13 -9.85 -10.31
N GLY A 31 0.00 -10.49 -9.16
CA GLY A 31 0.97 -11.56 -9.03
C GLY A 31 2.06 -11.25 -8.02
N LEU A 32 1.81 -10.29 -7.15
CA LEU A 32 2.82 -9.89 -6.16
C LEU A 32 2.97 -10.95 -5.09
N ASP A 33 4.11 -10.91 -4.41
CA ASP A 33 4.37 -11.74 -3.27
C ASP A 33 3.97 -11.01 -2.00
N LEU A 34 2.98 -10.15 -2.13
CA LEU A 34 2.54 -9.28 -1.06
C LEU A 34 1.85 -10.11 0.02
N PRO A 35 2.39 -10.06 1.25
CA PRO A 35 1.83 -10.79 2.39
C PRO A 35 0.41 -10.34 2.75
N TYR A 36 -0.44 -11.30 3.09
CA TYR A 36 -1.79 -11.00 3.47
C TYR A 36 -2.24 -11.95 4.58
N SER A 37 -3.01 -11.43 5.52
CA SER A 37 -3.52 -12.26 6.61
C SER A 37 -5.00 -11.98 6.84
N CYS A 38 -5.32 -10.86 7.48
CA CYS A 38 -6.70 -10.51 7.76
C CYS A 38 -7.36 -9.89 6.54
N ARG A 39 -6.59 -9.05 5.84
CA ARG A 39 -7.06 -8.29 4.68
C ARG A 39 -8.06 -7.23 5.11
N ALA A 40 -8.14 -6.98 6.41
CA ALA A 40 -9.10 -6.04 6.96
C ALA A 40 -8.41 -4.93 7.75
N GLY A 41 -7.15 -5.16 8.10
CA GLY A 41 -6.39 -4.15 8.80
C GLY A 41 -6.28 -4.43 10.28
N ALA A 42 -5.99 -5.68 10.62
CA ALA A 42 -5.82 -6.07 12.01
C ALA A 42 -4.36 -5.92 12.43
N CYS A 43 -3.51 -5.66 11.46
CA CYS A 43 -2.08 -5.48 11.70
C CYS A 43 -1.52 -4.40 10.80
N SER A 44 -0.23 -4.14 10.91
CA SER A 44 0.43 -3.15 10.08
C SER A 44 1.73 -3.68 9.50
N SER A 45 1.93 -4.99 9.62
CA SER A 45 3.12 -5.66 9.09
C SER A 45 2.98 -5.90 7.59
N CYS A 46 1.88 -5.41 7.04
CA CYS A 46 1.55 -5.57 5.64
C CYS A 46 1.22 -4.23 5.00
N ALA A 47 1.58 -3.15 5.71
CA ALA A 47 1.22 -1.82 5.26
C ALA A 47 2.15 -1.33 4.15
N GLY A 48 1.58 -1.16 2.95
CA GLY A 48 2.36 -0.71 1.80
C GLY A 48 2.87 0.70 1.95
N LYS A 49 3.77 1.11 1.07
CA LYS A 49 4.30 2.46 1.11
C LYS A 49 3.90 3.21 -0.16
N VAL A 50 3.34 4.39 0.02
CA VAL A 50 2.94 5.21 -1.12
C VAL A 50 4.17 5.83 -1.77
N ALA A 51 4.60 5.23 -2.86
CA ALA A 51 5.76 5.71 -3.59
C ALA A 51 5.36 6.86 -4.49
N ALA A 52 4.15 6.74 -5.04
CA ALA A 52 3.62 7.72 -5.95
C ALA A 52 2.11 7.77 -5.81
N GLY A 53 1.50 8.77 -6.42
CA GLY A 53 0.05 8.86 -6.44
C GLY A 53 -0.56 9.00 -5.07
N THR A 54 -1.82 8.60 -4.95
CA THR A 54 -2.52 8.66 -3.68
C THR A 54 -3.40 7.44 -3.48
N VAL A 55 -3.80 7.23 -2.24
CA VAL A 55 -4.61 6.10 -1.85
C VAL A 55 -5.61 6.55 -0.78
N ASP A 56 -6.57 5.70 -0.44
CA ASP A 56 -7.49 6.00 0.65
C ASP A 56 -7.23 5.09 1.83
N GLN A 57 -6.46 5.59 2.79
CA GLN A 57 -6.13 4.85 4.00
C GLN A 57 -6.58 5.65 5.22
N SER A 58 -7.81 6.13 5.16
CA SER A 58 -8.35 7.00 6.19
C SER A 58 -8.44 6.27 7.53
N ASP A 59 -8.80 4.99 7.49
CA ASP A 59 -8.94 4.20 8.70
C ASP A 59 -7.66 3.40 8.96
N GLN A 60 -6.55 4.10 9.12
CA GLN A 60 -5.28 3.47 9.45
C GLN A 60 -5.06 3.46 10.96
N SER A 61 -4.04 2.75 11.40
CA SER A 61 -3.75 2.63 12.83
C SER A 61 -2.90 3.80 13.31
N PHE A 62 -1.57 3.66 13.23
CA PHE A 62 -0.66 4.70 13.69
C PHE A 62 -0.01 5.41 12.51
N LEU A 63 -0.58 5.21 11.34
CA LEU A 63 -0.19 5.91 10.13
C LEU A 63 -0.99 7.22 10.08
N ASP A 64 -0.29 8.35 10.13
CA ASP A 64 -0.97 9.65 10.07
C ASP A 64 -0.85 10.25 8.68
N ASP A 65 -1.49 11.40 8.48
CA ASP A 65 -1.39 12.13 7.22
C ASP A 65 0.06 12.47 6.94
N ALA A 66 0.80 12.70 8.02
CA ALA A 66 2.21 12.98 7.95
C ALA A 66 2.96 11.81 7.33
N GLN A 67 2.57 10.60 7.70
CA GLN A 67 3.19 9.40 7.17
C GLN A 67 2.83 9.21 5.71
N MET A 68 1.58 9.53 5.33
CA MET A 68 1.19 9.42 3.94
C MET A 68 1.88 10.48 3.09
N GLY A 69 2.07 11.66 3.68
CA GLY A 69 2.86 12.68 3.03
C GLY A 69 4.30 12.23 2.87
N ASN A 70 4.72 11.39 3.80
CA ASN A 70 6.04 10.75 3.74
C ASN A 70 6.02 9.59 2.74
N GLY A 71 4.83 9.14 2.38
CA GLY A 71 4.72 8.08 1.42
C GLY A 71 4.41 6.73 2.04
N PHE A 72 3.60 6.70 3.10
CA PHE A 72 3.31 5.45 3.81
C PHE A 72 1.80 5.20 3.91
N VAL A 73 1.40 3.91 3.79
CA VAL A 73 -0.03 3.52 3.75
C VAL A 73 -0.23 2.10 4.36
N LEU A 74 -1.48 1.62 4.45
CA LEU A 74 -1.78 0.22 4.82
C LEU A 74 -2.51 -0.46 3.67
N THR A 75 -2.03 -1.62 3.23
CA THR A 75 -2.57 -2.28 2.05
C THR A 75 -3.93 -2.93 2.31
N CYS A 76 -4.14 -3.39 3.54
CA CYS A 76 -5.39 -4.05 3.91
C CYS A 76 -6.54 -3.07 4.08
N VAL A 77 -6.23 -1.79 4.28
CA VAL A 77 -7.27 -0.78 4.51
C VAL A 77 -7.06 0.44 3.62
N ALA A 78 -6.65 0.22 2.38
CA ALA A 78 -6.45 1.33 1.47
C ALA A 78 -6.51 0.91 0.02
N TYR A 79 -7.04 1.79 -0.80
CA TYR A 79 -7.03 1.63 -2.24
C TYR A 79 -6.65 2.93 -2.90
N PRO A 80 -6.15 2.87 -4.13
CA PRO A 80 -5.65 4.03 -4.84
C PRO A 80 -6.76 5.00 -5.20
N THR A 81 -6.63 6.22 -4.77
CA THR A 81 -7.57 7.26 -5.15
C THR A 81 -7.10 7.94 -6.43
N SER A 82 -5.89 7.57 -6.84
CA SER A 82 -5.36 7.99 -8.12
C SER A 82 -4.43 6.90 -8.66
N ASP A 83 -3.95 7.09 -9.87
CA ASP A 83 -2.98 6.19 -10.45
C ASP A 83 -1.64 6.43 -9.76
N CYS A 84 -1.05 5.38 -9.24
CA CYS A 84 0.07 5.54 -8.32
C CYS A 84 1.09 4.43 -8.44
N THR A 85 2.08 4.50 -7.58
CA THR A 85 3.08 3.47 -7.43
C THR A 85 3.23 3.21 -5.96
N ILE A 86 3.05 1.98 -5.54
CA ILE A 86 3.00 1.69 -4.13
C ILE A 86 3.97 0.58 -3.77
N GLN A 87 4.92 0.95 -2.96
CA GLN A 87 5.94 0.05 -2.46
C GLN A 87 5.30 -0.95 -1.50
N THR A 88 5.77 -2.18 -1.52
CA THR A 88 5.10 -3.24 -0.78
C THR A 88 5.74 -3.52 0.57
N HIS A 89 6.84 -4.26 0.53
CA HIS A 89 7.45 -4.90 1.70
C HIS A 89 8.16 -3.95 2.66
N GLN A 90 7.84 -2.66 2.58
CA GLN A 90 8.50 -1.67 3.42
C GLN A 90 7.59 -1.16 4.52
N GLU A 91 6.73 -2.03 5.03
CA GLU A 91 5.76 -1.67 6.07
C GLU A 91 6.40 -0.91 7.24
N GLU A 92 7.59 -1.36 7.64
CA GLU A 92 8.37 -0.76 8.72
C GLU A 92 8.47 0.76 8.56
N ALA A 93 8.40 1.22 7.32
CA ALA A 93 8.65 2.61 7.01
C ALA A 93 7.75 3.55 7.82
N LEU A 94 6.52 3.12 8.07
CA LEU A 94 5.58 3.88 8.89
C LEU A 94 5.89 3.69 10.38
N TYR A 95 6.37 2.50 10.73
CA TYR A 95 6.44 2.08 12.13
C TYR A 95 7.52 2.83 12.90
N GLU A 96 8.77 2.53 12.60
CA GLU A 96 9.88 3.22 13.22
C GLU A 96 10.76 3.84 12.16
N ASN A 97 10.19 3.93 10.96
CA ASN A 97 10.78 4.63 9.83
C ASN A 97 11.89 3.83 9.17
N LEU A 98 11.71 3.61 7.88
CA LEU A 98 12.75 3.02 7.06
C LEU A 98 13.54 4.11 6.42
N TYR A 99 12.90 5.27 6.41
CA TYR A 99 13.46 6.51 5.89
C TYR A 99 13.63 6.45 4.37
N PHE A 100 12.78 5.65 3.72
CA PHE A 100 12.79 5.56 2.27
C PHE A 100 11.99 6.72 1.70
N GLN A 101 12.68 7.70 1.12
CA GLN A 101 12.04 8.87 0.55
C GLN A 101 12.39 9.01 -0.91
N MET A 1 -10.43 1.17 -13.05
CA MET A 1 -9.77 1.29 -11.77
C MET A 1 -8.57 2.21 -11.91
N TYR A 2 -7.83 2.40 -10.83
CA TYR A 2 -6.62 3.21 -10.88
C TYR A 2 -5.41 2.34 -11.14
N LYS A 3 -4.50 2.86 -11.94
CA LYS A 3 -3.28 2.15 -12.30
C LYS A 3 -2.20 2.38 -11.26
N VAL A 4 -2.00 1.39 -10.42
CA VAL A 4 -1.01 1.46 -9.37
C VAL A 4 0.15 0.49 -9.63
N THR A 5 1.35 1.03 -9.65
CA THR A 5 2.56 0.24 -9.80
C THR A 5 3.05 -0.19 -8.43
N LEU A 6 2.86 -1.43 -8.09
CA LEU A 6 3.28 -1.89 -6.80
C LEU A 6 4.72 -2.33 -6.84
N LYS A 7 5.49 -1.73 -5.94
CA LYS A 7 6.90 -1.97 -5.86
C LYS A 7 7.17 -3.03 -4.82
N THR A 8 7.52 -4.18 -5.32
CA THR A 8 7.75 -5.35 -4.51
C THR A 8 9.24 -5.61 -4.39
N PRO A 9 9.66 -6.41 -3.40
CA PRO A 9 11.04 -6.84 -3.27
C PRO A 9 11.48 -7.73 -4.44
N SER A 10 10.51 -8.12 -5.25
CA SER A 10 10.77 -8.93 -6.42
C SER A 10 10.85 -8.06 -7.69
N GLY A 11 10.15 -6.93 -7.66
CA GLY A 11 10.14 -6.03 -8.80
C GLY A 11 9.01 -5.03 -8.74
N ASP A 12 8.36 -4.79 -9.87
CA ASP A 12 7.24 -3.86 -9.92
C ASP A 12 6.19 -4.38 -10.90
N LYS A 13 4.94 -4.21 -10.52
CA LYS A 13 3.82 -4.66 -11.34
C LYS A 13 2.68 -3.67 -11.24
N THR A 14 2.02 -3.43 -12.35
CA THR A 14 0.90 -2.52 -12.38
C THR A 14 -0.40 -3.26 -12.18
N ILE A 15 -1.13 -2.87 -11.17
CA ILE A 15 -2.40 -3.45 -10.86
C ILE A 15 -3.52 -2.46 -11.15
N GLU A 16 -4.76 -2.96 -11.14
CA GLU A 16 -5.92 -2.11 -11.29
C GLU A 16 -6.79 -2.23 -10.06
N CYS A 17 -6.67 -1.26 -9.17
CA CYS A 17 -7.40 -1.29 -7.92
C CYS A 17 -8.60 -0.38 -7.99
N PRO A 18 -9.80 -0.95 -7.84
CA PRO A 18 -11.05 -0.19 -7.84
C PRO A 18 -11.09 0.87 -6.76
N ALA A 19 -11.89 1.89 -7.02
CA ALA A 19 -12.06 3.02 -6.11
C ALA A 19 -12.85 2.62 -4.86
N ASP A 20 -13.11 1.33 -4.72
CA ASP A 20 -13.84 0.79 -3.58
C ASP A 20 -13.17 -0.45 -3.00
N THR A 21 -12.11 -0.91 -3.64
CA THR A 21 -11.49 -2.16 -3.29
C THR A 21 -10.01 -1.96 -2.94
N TYR A 22 -9.59 -2.45 -1.79
CA TYR A 22 -8.24 -2.19 -1.28
C TYR A 22 -7.16 -2.87 -2.13
N ILE A 23 -6.01 -2.19 -2.17
CA ILE A 23 -4.90 -2.51 -3.08
C ILE A 23 -4.56 -4.00 -3.14
N LEU A 24 -4.54 -4.67 -1.99
CA LEU A 24 -4.02 -6.05 -1.92
C LEU A 24 -4.79 -7.02 -2.82
N ASP A 25 -6.05 -6.70 -3.12
CA ASP A 25 -6.88 -7.57 -3.96
C ASP A 25 -6.33 -7.59 -5.38
N ALA A 26 -6.15 -6.41 -5.92
CA ALA A 26 -5.56 -6.24 -7.23
C ALA A 26 -4.08 -6.55 -7.19
N ALA A 27 -3.48 -6.30 -6.03
CA ALA A 27 -2.08 -6.55 -5.80
C ALA A 27 -1.75 -8.01 -6.04
N GLU A 28 -2.46 -8.91 -5.36
CA GLU A 28 -2.21 -10.33 -5.49
C GLU A 28 -2.65 -10.83 -6.86
N GLU A 29 -3.68 -10.19 -7.40
CA GLU A 29 -4.16 -10.50 -8.75
C GLU A 29 -3.04 -10.31 -9.75
N ALA A 30 -2.29 -9.24 -9.53
CA ALA A 30 -1.14 -8.90 -10.37
C ALA A 30 -0.02 -9.93 -10.25
N GLY A 31 0.05 -10.60 -9.11
CA GLY A 31 1.03 -11.65 -8.94
C GLY A 31 2.13 -11.27 -7.98
N LEU A 32 1.84 -10.36 -7.07
CA LEU A 32 2.85 -9.91 -6.12
C LEU A 32 3.01 -10.90 -4.98
N ASP A 33 4.17 -10.83 -4.33
CA ASP A 33 4.45 -11.61 -3.15
C ASP A 33 4.01 -10.85 -1.90
N LEU A 34 2.89 -10.14 -2.02
CA LEU A 34 2.38 -9.31 -0.95
C LEU A 34 1.67 -10.14 0.12
N PRO A 35 2.15 -10.03 1.36
CA PRO A 35 1.55 -10.71 2.51
C PRO A 35 0.32 -9.99 3.05
N TYR A 36 -0.75 -10.73 3.31
CA TYR A 36 -1.90 -10.20 4.02
C TYR A 36 -2.73 -11.35 4.55
N SER A 37 -3.44 -11.10 5.63
CA SER A 37 -4.21 -12.15 6.28
C SER A 37 -5.61 -11.68 6.63
N CYS A 38 -5.71 -10.65 7.46
CA CYS A 38 -7.00 -10.18 7.94
C CYS A 38 -7.76 -9.43 6.85
N ARG A 39 -7.01 -8.75 5.99
CA ARG A 39 -7.56 -7.82 4.99
C ARG A 39 -8.57 -6.88 5.62
N ALA A 40 -8.32 -6.57 6.89
CA ALA A 40 -9.20 -5.69 7.66
C ALA A 40 -8.39 -4.76 8.56
N GLY A 41 -7.07 -4.81 8.44
CA GLY A 41 -6.23 -3.88 9.17
C GLY A 41 -5.94 -4.31 10.59
N ALA A 42 -5.61 -5.58 10.79
CA ALA A 42 -5.30 -6.09 12.12
C ALA A 42 -3.80 -6.21 12.35
N CYS A 43 -3.02 -5.67 11.41
CA CYS A 43 -1.57 -5.64 11.54
C CYS A 43 -0.99 -4.56 10.61
N SER A 44 0.31 -4.31 10.73
CA SER A 44 0.94 -3.26 9.95
C SER A 44 2.12 -3.78 9.12
N SER A 45 2.31 -5.10 9.12
CA SER A 45 3.36 -5.71 8.31
C SER A 45 3.05 -5.49 6.84
N CYS A 46 1.77 -5.42 6.56
CA CYS A 46 1.26 -5.21 5.22
C CYS A 46 0.96 -3.75 4.95
N ALA A 47 1.65 -2.84 5.65
CA ALA A 47 1.46 -1.43 5.38
C ALA A 47 2.31 -0.99 4.20
N GLY A 48 1.64 -0.66 3.11
CA GLY A 48 2.33 -0.30 1.89
C GLY A 48 2.90 1.09 1.95
N LYS A 49 3.74 1.43 0.99
CA LYS A 49 4.31 2.77 0.91
C LYS A 49 3.83 3.45 -0.35
N VAL A 50 3.24 4.61 -0.21
CA VAL A 50 2.86 5.40 -1.37
C VAL A 50 4.12 6.01 -1.97
N ALA A 51 4.65 5.34 -2.98
CA ALA A 51 5.79 5.85 -3.71
C ALA A 51 5.33 7.00 -4.61
N ALA A 52 4.12 6.85 -5.11
CA ALA A 52 3.53 7.81 -6.01
C ALA A 52 2.03 7.86 -5.81
N GLY A 53 1.39 8.87 -6.38
CA GLY A 53 -0.06 8.94 -6.38
C GLY A 53 -0.65 9.02 -4.99
N THR A 54 -1.90 8.58 -4.85
CA THR A 54 -2.58 8.59 -3.56
C THR A 54 -3.45 7.36 -3.36
N VAL A 55 -3.89 7.16 -2.13
CA VAL A 55 -4.73 6.03 -1.74
C VAL A 55 -5.72 6.49 -0.67
N ASP A 56 -6.73 5.66 -0.39
CA ASP A 56 -7.65 5.93 0.70
C ASP A 56 -7.42 4.97 1.85
N GLN A 57 -6.66 5.41 2.84
CA GLN A 57 -6.36 4.58 4.00
C GLN A 57 -7.13 5.08 5.21
N SER A 58 -8.45 5.14 5.04
CA SER A 58 -9.36 5.58 6.09
C SER A 58 -9.12 4.81 7.39
N ASP A 59 -8.96 3.50 7.30
CA ASP A 59 -8.68 2.69 8.48
C ASP A 59 -7.21 2.34 8.55
N GLN A 60 -6.44 3.27 9.10
CA GLN A 60 -5.00 3.09 9.24
C GLN A 60 -4.65 2.75 10.69
N SER A 61 -3.52 2.07 10.87
CA SER A 61 -3.06 1.66 12.20
C SER A 61 -2.27 2.78 12.88
N PHE A 62 -1.08 2.46 13.42
CA PHE A 62 -0.27 3.45 14.13
C PHE A 62 0.43 4.40 13.15
N LEU A 63 0.12 4.25 11.88
CA LEU A 63 0.62 5.15 10.85
C LEU A 63 -0.19 6.44 10.87
N ASP A 64 0.48 7.58 10.83
CA ASP A 64 -0.18 8.87 10.90
C ASP A 64 -0.48 9.41 9.50
N ASP A 65 -1.32 10.44 9.41
CA ASP A 65 -1.60 11.07 8.12
C ASP A 65 -0.32 11.68 7.54
N ALA A 66 0.51 12.23 8.43
CA ALA A 66 1.79 12.81 8.03
C ALA A 66 2.65 11.77 7.33
N GLN A 67 2.48 10.51 7.72
CA GLN A 67 3.18 9.41 7.10
C GLN A 67 2.77 9.22 5.65
N MET A 68 1.51 9.47 5.33
CA MET A 68 1.06 9.33 3.96
C MET A 68 1.63 10.44 3.10
N GLY A 69 1.81 11.62 3.69
CA GLY A 69 2.50 12.69 3.02
C GLY A 69 3.97 12.34 2.82
N ASN A 70 4.45 11.44 3.68
CA ASN A 70 5.80 10.91 3.58
C ASN A 70 5.82 9.73 2.60
N GLY A 71 4.64 9.23 2.29
CA GLY A 71 4.51 8.13 1.36
C GLY A 71 4.32 6.79 2.04
N PHE A 72 3.65 6.78 3.18
CA PHE A 72 3.42 5.56 3.93
C PHE A 72 1.93 5.33 4.15
N VAL A 73 1.49 4.09 3.88
CA VAL A 73 0.07 3.77 3.76
C VAL A 73 -0.19 2.32 4.22
N LEU A 74 -1.43 1.86 4.14
CA LEU A 74 -1.78 0.46 4.45
C LEU A 74 -2.42 -0.21 3.23
N THR A 75 -2.04 -1.44 2.93
CA THR A 75 -2.60 -2.11 1.75
C THR A 75 -3.88 -2.88 2.08
N CYS A 76 -4.11 -3.16 3.37
CA CYS A 76 -5.25 -3.97 3.79
C CYS A 76 -6.56 -3.20 3.72
N VAL A 77 -6.58 -1.96 4.20
CA VAL A 77 -7.80 -1.17 4.16
C VAL A 77 -7.57 0.16 3.46
N ALA A 78 -6.96 0.09 2.28
CA ALA A 78 -6.71 1.28 1.50
C ALA A 78 -6.62 0.94 0.02
N TYR A 79 -7.14 1.83 -0.79
CA TYR A 79 -7.07 1.69 -2.23
C TYR A 79 -6.71 3.01 -2.88
N PRO A 80 -6.11 2.97 -4.06
CA PRO A 80 -5.64 4.15 -4.74
C PRO A 80 -6.79 5.09 -5.10
N THR A 81 -6.71 6.31 -4.63
CA THR A 81 -7.69 7.32 -5.02
C THR A 81 -7.22 8.02 -6.28
N SER A 82 -6.02 7.64 -6.71
CA SER A 82 -5.48 8.07 -8.00
C SER A 82 -4.57 6.98 -8.52
N ASP A 83 -4.09 7.14 -9.74
CA ASP A 83 -3.14 6.21 -10.30
C ASP A 83 -1.78 6.49 -9.66
N CYS A 84 -1.15 5.45 -9.15
CA CYS A 84 -0.03 5.63 -8.24
C CYS A 84 0.99 4.52 -8.37
N THR A 85 1.97 4.57 -7.49
CA THR A 85 2.99 3.56 -7.38
C THR A 85 3.21 3.26 -5.92
N ILE A 86 3.03 2.02 -5.52
CA ILE A 86 2.95 1.70 -4.11
C ILE A 86 3.93 0.59 -3.74
N GLN A 87 4.82 0.91 -2.83
CA GLN A 87 5.83 -0.01 -2.33
C GLN A 87 5.17 -0.95 -1.33
N THR A 88 5.57 -2.23 -1.35
CA THR A 88 4.86 -3.24 -0.58
C THR A 88 5.41 -3.45 0.84
N HIS A 89 6.47 -4.24 0.92
CA HIS A 89 6.95 -4.84 2.18
C HIS A 89 7.65 -3.85 3.12
N GLN A 90 7.46 -2.57 2.90
CA GLN A 90 8.24 -1.56 3.61
C GLN A 90 7.56 -1.10 4.91
N GLU A 91 6.96 -2.04 5.65
CA GLU A 91 6.39 -1.75 6.97
C GLU A 91 7.31 -0.83 7.79
N GLU A 92 8.59 -1.20 7.80
CA GLU A 92 9.64 -0.48 8.53
C GLU A 92 9.59 1.02 8.26
N ALA A 93 9.16 1.38 7.05
CA ALA A 93 9.20 2.75 6.58
C ALA A 93 8.36 3.68 7.44
N LEU A 94 7.25 3.18 7.95
CA LEU A 94 6.36 3.97 8.76
C LEU A 94 6.91 4.11 10.18
N TYR A 95 7.85 3.24 10.53
CA TYR A 95 8.36 3.22 11.89
C TYR A 95 9.48 4.24 12.09
N GLU A 96 10.64 4.01 11.50
CA GLU A 96 11.75 4.95 11.63
C GLU A 96 12.46 5.17 10.29
N ASN A 97 13.33 4.24 9.94
CA ASN A 97 14.15 4.36 8.76
C ASN A 97 13.91 3.16 7.89
N LEU A 98 13.16 3.39 6.85
CA LEU A 98 12.88 2.38 5.86
C LEU A 98 14.17 1.77 5.35
N TYR A 99 15.14 2.65 5.14
CA TYR A 99 16.45 2.32 4.59
C TYR A 99 16.34 1.99 3.09
N PHE A 100 15.16 1.51 2.69
CA PHE A 100 14.90 1.13 1.30
C PHE A 100 15.07 2.31 0.36
N GLN A 101 14.76 3.49 0.84
CA GLN A 101 14.83 4.70 0.03
C GLN A 101 15.32 5.86 0.88
N MET A 1 -11.24 1.92 -11.75
CA MET A 1 -10.08 1.53 -10.95
C MET A 1 -8.84 2.25 -11.41
N TYR A 2 -7.89 2.38 -10.50
CA TYR A 2 -6.67 3.12 -10.76
C TYR A 2 -5.51 2.16 -10.93
N LYS A 3 -4.53 2.55 -11.73
CA LYS A 3 -3.35 1.74 -11.91
C LYS A 3 -2.32 2.09 -10.86
N VAL A 4 -2.06 1.14 -10.00
CA VAL A 4 -1.08 1.30 -8.97
C VAL A 4 0.07 0.33 -9.22
N THR A 5 1.24 0.89 -9.39
CA THR A 5 2.42 0.11 -9.62
C THR A 5 3.01 -0.28 -8.29
N LEU A 6 2.78 -1.52 -7.88
CA LEU A 6 3.26 -1.96 -6.60
C LEU A 6 4.67 -2.42 -6.71
N LYS A 7 5.50 -1.84 -5.88
CA LYS A 7 6.90 -2.15 -5.88
C LYS A 7 7.18 -3.20 -4.85
N THR A 8 7.44 -4.40 -5.35
CA THR A 8 7.71 -5.54 -4.51
C THR A 8 9.21 -5.72 -4.42
N PRO A 9 9.68 -6.48 -3.43
CA PRO A 9 11.11 -6.82 -3.31
C PRO A 9 11.64 -7.54 -4.54
N SER A 10 10.73 -8.03 -5.37
CA SER A 10 11.09 -8.67 -6.62
C SER A 10 11.04 -7.65 -7.77
N GLY A 11 10.18 -6.65 -7.64
CA GLY A 11 10.05 -5.64 -8.67
C GLY A 11 8.67 -5.01 -8.70
N ASP A 12 8.52 -3.92 -9.44
CA ASP A 12 7.25 -3.23 -9.55
C ASP A 12 6.33 -3.92 -10.55
N LYS A 13 5.04 -3.88 -10.25
CA LYS A 13 4.00 -4.40 -11.14
C LYS A 13 2.76 -3.52 -11.04
N THR A 14 2.18 -3.20 -12.18
CA THR A 14 0.99 -2.37 -12.21
C THR A 14 -0.26 -3.22 -12.05
N ILE A 15 -1.02 -2.86 -11.04
CA ILE A 15 -2.29 -3.45 -10.79
C ILE A 15 -3.38 -2.44 -11.11
N GLU A 16 -4.61 -2.89 -11.15
CA GLU A 16 -5.74 -2.01 -11.35
C GLU A 16 -6.72 -2.22 -10.21
N CYS A 17 -6.66 -1.32 -9.24
CA CYS A 17 -7.47 -1.47 -8.04
C CYS A 17 -8.62 -0.46 -8.05
N PRO A 18 -9.85 -0.98 -7.98
CA PRO A 18 -11.06 -0.15 -7.93
C PRO A 18 -11.09 0.77 -6.72
N ALA A 19 -11.96 1.78 -6.78
CA ALA A 19 -12.02 2.82 -5.76
C ALA A 19 -12.79 2.36 -4.52
N ASP A 20 -13.15 1.09 -4.47
CA ASP A 20 -13.82 0.53 -3.29
C ASP A 20 -13.19 -0.81 -2.90
N THR A 21 -12.22 -1.25 -3.69
CA THR A 21 -11.59 -2.54 -3.47
C THR A 21 -10.15 -2.34 -3.04
N TYR A 22 -9.78 -2.96 -1.92
CA TYR A 22 -8.46 -2.74 -1.33
C TYR A 22 -7.36 -3.31 -2.21
N ILE A 23 -6.22 -2.62 -2.25
CA ILE A 23 -5.13 -2.90 -3.18
C ILE A 23 -4.80 -4.39 -3.31
N LEU A 24 -4.69 -5.10 -2.18
CA LEU A 24 -4.26 -6.52 -2.17
C LEU A 24 -4.97 -7.32 -3.25
N ASP A 25 -6.27 -7.12 -3.38
CA ASP A 25 -7.08 -7.86 -4.36
C ASP A 25 -6.52 -7.74 -5.77
N ALA A 26 -6.28 -6.52 -6.20
CA ALA A 26 -5.68 -6.26 -7.50
C ALA A 26 -4.19 -6.60 -7.48
N ALA A 27 -3.59 -6.46 -6.31
CA ALA A 27 -2.19 -6.77 -6.10
C ALA A 27 -1.89 -8.23 -6.41
N GLU A 28 -2.69 -9.11 -5.81
CA GLU A 28 -2.56 -10.55 -6.00
C GLU A 28 -2.93 -10.92 -7.42
N GLU A 29 -3.87 -10.17 -7.99
CA GLU A 29 -4.27 -10.33 -9.38
C GLU A 29 -3.06 -10.14 -10.28
N ALA A 30 -2.32 -9.08 -9.97
CA ALA A 30 -1.09 -8.75 -10.70
C ALA A 30 -0.01 -9.81 -10.48
N GLY A 31 -0.06 -10.48 -9.34
CA GLY A 31 0.86 -11.57 -9.09
C GLY A 31 1.91 -11.24 -8.05
N LEU A 32 1.60 -10.32 -7.15
CA LEU A 32 2.55 -9.94 -6.12
C LEU A 32 2.47 -10.88 -4.93
N ASP A 33 3.62 -11.17 -4.34
CA ASP A 33 3.67 -11.90 -3.07
C ASP A 33 3.48 -10.91 -1.94
N LEU A 34 2.38 -10.19 -2.03
CA LEU A 34 2.03 -9.15 -1.07
C LEU A 34 1.47 -9.76 0.20
N PRO A 35 1.98 -9.32 1.36
CA PRO A 35 1.50 -9.78 2.66
C PRO A 35 0.14 -9.19 3.02
N TYR A 36 -0.85 -10.05 3.17
CA TYR A 36 -2.18 -9.62 3.58
C TYR A 36 -2.86 -10.74 4.35
N SER A 37 -3.70 -10.37 5.29
CA SER A 37 -4.42 -11.34 6.09
C SER A 37 -5.83 -10.86 6.40
N CYS A 38 -5.93 -9.76 7.11
CA CYS A 38 -7.22 -9.26 7.55
C CYS A 38 -7.90 -8.45 6.46
N ARG A 39 -7.13 -7.59 5.80
CA ARG A 39 -7.67 -6.57 4.89
C ARG A 39 -8.89 -5.90 5.54
N ALA A 40 -8.76 -5.69 6.86
CA ALA A 40 -9.81 -5.10 7.66
C ALA A 40 -9.22 -4.22 8.76
N GLY A 41 -7.93 -4.41 9.05
CA GLY A 41 -7.26 -3.54 9.99
C GLY A 41 -6.93 -4.24 11.31
N ALA A 42 -6.41 -5.45 11.22
CA ALA A 42 -6.06 -6.19 12.43
C ALA A 42 -4.60 -6.00 12.81
N CYS A 43 -3.83 -5.41 11.90
CA CYS A 43 -2.42 -5.13 12.16
C CYS A 43 -1.93 -4.01 11.25
N SER A 44 -0.66 -3.64 11.41
CA SER A 44 -0.09 -2.57 10.60
C SER A 44 1.20 -3.07 9.94
N SER A 45 1.43 -4.37 10.02
CA SER A 45 2.62 -4.99 9.46
C SER A 45 2.60 -4.88 7.94
N CYS A 46 1.42 -4.93 7.38
CA CYS A 46 1.25 -4.88 5.94
C CYS A 46 0.94 -3.47 5.46
N ALA A 47 1.54 -2.48 6.10
CA ALA A 47 1.36 -1.11 5.65
C ALA A 47 2.35 -0.78 4.53
N GLY A 48 1.82 -0.58 3.33
CA GLY A 48 2.65 -0.34 2.16
C GLY A 48 3.17 1.08 2.11
N LYS A 49 3.96 1.40 1.10
CA LYS A 49 4.53 2.74 0.97
C LYS A 49 4.04 3.42 -0.28
N VAL A 50 3.54 4.62 -0.13
CA VAL A 50 3.19 5.42 -1.28
C VAL A 50 4.46 5.96 -1.92
N ALA A 51 4.83 5.37 -3.05
CA ALA A 51 5.98 5.82 -3.80
C ALA A 51 5.53 6.90 -4.76
N ALA A 52 4.29 6.76 -5.18
CA ALA A 52 3.65 7.70 -6.09
C ALA A 52 2.16 7.70 -5.83
N GLY A 53 1.49 8.74 -6.31
CA GLY A 53 0.05 8.76 -6.25
C GLY A 53 -0.52 8.77 -4.84
N THR A 54 -1.79 8.44 -4.72
CA THR A 54 -2.44 8.41 -3.42
C THR A 54 -3.40 7.23 -3.28
N VAL A 55 -3.76 6.95 -2.04
CA VAL A 55 -4.62 5.82 -1.70
C VAL A 55 -5.62 6.25 -0.63
N ASP A 56 -6.65 5.44 -0.40
CA ASP A 56 -7.59 5.72 0.68
C ASP A 56 -7.35 4.77 1.85
N GLN A 57 -6.56 5.23 2.80
CA GLN A 57 -6.30 4.50 4.03
C GLN A 57 -6.86 5.31 5.19
N SER A 58 -8.13 5.68 5.06
CA SER A 58 -8.77 6.64 5.96
C SER A 58 -8.59 6.25 7.43
N ASP A 59 -8.66 4.96 7.73
CA ASP A 59 -8.50 4.52 9.11
C ASP A 59 -7.78 3.18 9.20
N GLN A 60 -6.52 3.23 9.60
CA GLN A 60 -5.79 2.04 9.99
C GLN A 60 -5.02 2.31 11.27
N SER A 61 -4.74 1.26 12.03
CA SER A 61 -3.97 1.40 13.26
C SER A 61 -2.53 1.74 12.94
N PHE A 62 -2.08 2.91 13.43
CA PHE A 62 -0.75 3.47 13.12
C PHE A 62 -0.78 4.06 11.71
N LEU A 63 0.36 4.60 11.25
CA LEU A 63 0.43 5.33 9.97
C LEU A 63 -0.54 6.52 9.96
N ASP A 64 -0.01 7.73 10.14
CA ASP A 64 -0.84 8.92 10.18
C ASP A 64 -0.89 9.61 8.82
N ASP A 65 -1.62 10.70 8.73
CA ASP A 65 -1.68 11.51 7.50
C ASP A 65 -0.28 12.02 7.18
N ALA A 66 0.46 12.31 8.23
CA ALA A 66 1.83 12.77 8.13
C ALA A 66 2.68 11.77 7.36
N GLN A 67 2.43 10.49 7.62
CA GLN A 67 3.16 9.42 6.97
C GLN A 67 2.86 9.38 5.47
N MET A 68 1.65 9.73 5.06
CA MET A 68 1.33 9.82 3.64
C MET A 68 2.10 10.93 2.96
N GLY A 69 2.31 12.03 3.68
CA GLY A 69 3.15 13.08 3.17
C GLY A 69 4.60 12.62 3.08
N ASN A 70 4.90 11.58 3.84
CA ASN A 70 6.20 10.94 3.81
C ASN A 70 6.25 9.85 2.74
N GLY A 71 5.07 9.43 2.31
CA GLY A 71 4.96 8.38 1.31
C GLY A 71 4.75 7.02 1.94
N PHE A 72 4.06 6.98 3.07
CA PHE A 72 3.80 5.73 3.76
C PHE A 72 2.29 5.52 3.94
N VAL A 73 1.85 4.29 3.75
CA VAL A 73 0.42 3.99 3.64
C VAL A 73 0.10 2.59 4.16
N LEU A 74 -1.17 2.21 4.07
CA LEU A 74 -1.58 0.84 4.32
C LEU A 74 -2.12 0.24 3.03
N THR A 75 -1.75 -0.99 2.73
CA THR A 75 -2.30 -1.65 1.56
C THR A 75 -3.49 -2.54 1.91
N CYS A 76 -3.51 -3.07 3.15
CA CYS A 76 -4.52 -4.04 3.58
C CYS A 76 -5.94 -3.45 3.53
N VAL A 77 -6.12 -2.28 4.11
CA VAL A 77 -7.44 -1.67 4.18
C VAL A 77 -7.42 -0.34 3.48
N ALA A 78 -6.87 -0.34 2.28
CA ALA A 78 -6.73 0.87 1.51
C ALA A 78 -6.60 0.55 0.05
N TYR A 79 -6.99 1.50 -0.77
CA TYR A 79 -6.89 1.35 -2.19
C TYR A 79 -6.61 2.68 -2.85
N PRO A 80 -6.09 2.67 -4.08
CA PRO A 80 -5.68 3.88 -4.78
C PRO A 80 -6.84 4.82 -5.01
N THR A 81 -6.67 6.05 -4.59
CA THR A 81 -7.62 7.09 -4.91
C THR A 81 -7.18 7.80 -6.17
N SER A 82 -5.98 7.45 -6.62
CA SER A 82 -5.44 7.93 -7.87
C SER A 82 -4.48 6.88 -8.44
N ASP A 83 -4.02 7.12 -9.65
CA ASP A 83 -3.01 6.27 -10.27
C ASP A 83 -1.68 6.48 -9.56
N CYS A 84 -1.09 5.39 -9.10
CA CYS A 84 0.03 5.50 -8.18
C CYS A 84 1.04 4.37 -8.33
N THR A 85 2.04 4.41 -7.47
CA THR A 85 3.07 3.39 -7.37
C THR A 85 3.31 3.12 -5.89
N ILE A 86 3.09 1.90 -5.46
CA ILE A 86 3.07 1.63 -4.04
C ILE A 86 4.02 0.50 -3.68
N GLN A 87 4.98 0.83 -2.85
CA GLN A 87 5.96 -0.10 -2.33
C GLN A 87 5.28 -1.04 -1.32
N THR A 88 5.62 -2.32 -1.38
CA THR A 88 4.89 -3.33 -0.61
C THR A 88 5.44 -3.56 0.80
N HIS A 89 6.53 -4.30 0.87
CA HIS A 89 7.02 -4.91 2.12
C HIS A 89 7.78 -3.95 3.03
N GLN A 90 7.64 -2.66 2.80
CA GLN A 90 8.44 -1.67 3.52
C GLN A 90 7.76 -1.17 4.80
N GLU A 91 7.10 -2.07 5.52
CA GLU A 91 6.46 -1.74 6.81
C GLU A 91 7.36 -0.89 7.70
N GLU A 92 8.64 -1.26 7.74
CA GLU A 92 9.66 -0.58 8.54
C GLU A 92 9.63 0.93 8.31
N ALA A 93 9.20 1.32 7.11
CA ALA A 93 9.23 2.70 6.70
C ALA A 93 8.30 3.57 7.55
N LEU A 94 7.19 3.02 7.98
CA LEU A 94 6.27 3.74 8.87
C LEU A 94 6.82 3.71 10.30
N TYR A 95 7.43 2.59 10.66
CA TYR A 95 7.93 2.39 12.03
C TYR A 95 9.15 3.26 12.27
N GLU A 96 10.11 3.18 11.37
CA GLU A 96 11.26 4.07 11.39
C GLU A 96 11.17 5.05 10.23
N ASN A 97 11.54 4.59 9.05
CA ASN A 97 11.53 5.43 7.86
C ASN A 97 11.88 4.64 6.62
N LEU A 98 12.80 3.71 6.80
CA LEU A 98 13.43 2.96 5.70
C LEU A 98 14.13 3.87 4.70
N TYR A 99 13.99 5.18 4.92
CA TYR A 99 14.58 6.20 4.08
C TYR A 99 13.99 6.12 2.65
N PHE A 100 12.73 5.71 2.56
CA PHE A 100 12.05 5.62 1.28
C PHE A 100 11.16 6.84 1.06
N GLN A 101 11.79 7.99 0.91
CA GLN A 101 11.07 9.23 0.68
C GLN A 101 11.64 9.93 -0.54
N MET A 1 -11.32 2.00 -12.28
CA MET A 1 -10.35 1.90 -11.20
C MET A 1 -9.02 2.53 -11.62
N TYR A 2 -8.07 2.52 -10.70
CA TYR A 2 -6.80 3.18 -10.93
C TYR A 2 -5.68 2.16 -11.09
N LYS A 3 -4.68 2.53 -11.87
CA LYS A 3 -3.52 1.68 -12.07
C LYS A 3 -2.42 2.05 -11.09
N VAL A 4 -2.12 1.13 -10.21
CA VAL A 4 -1.08 1.34 -9.23
C VAL A 4 0.07 0.38 -9.47
N THR A 5 1.25 0.93 -9.63
CA THR A 5 2.44 0.14 -9.85
C THR A 5 3.06 -0.20 -8.51
N LEU A 6 2.90 -1.42 -8.08
CA LEU A 6 3.43 -1.82 -6.81
C LEU A 6 4.87 -2.24 -6.95
N LYS A 7 5.69 -1.69 -6.08
CA LYS A 7 7.07 -2.03 -6.03
C LYS A 7 7.27 -3.14 -5.00
N THR A 8 7.52 -4.32 -5.52
CA THR A 8 7.75 -5.47 -4.70
C THR A 8 9.24 -5.79 -4.69
N PRO A 9 9.70 -6.54 -3.69
CA PRO A 9 11.09 -7.01 -3.65
C PRO A 9 11.45 -7.86 -4.86
N SER A 10 10.44 -8.36 -5.55
CA SER A 10 10.63 -9.15 -6.75
C SER A 10 10.64 -8.27 -8.00
N GLY A 11 9.87 -7.18 -7.95
CA GLY A 11 9.81 -6.26 -9.07
C GLY A 11 8.50 -5.51 -9.12
N ASP A 12 8.50 -4.37 -9.80
CA ASP A 12 7.32 -3.53 -9.91
C ASP A 12 6.29 -4.14 -10.86
N LYS A 13 5.02 -4.03 -10.48
CA LYS A 13 3.92 -4.52 -11.28
C LYS A 13 2.72 -3.61 -11.13
N THR A 14 2.05 -3.34 -12.23
CA THR A 14 0.88 -2.48 -12.20
C THR A 14 -0.39 -3.29 -12.03
N ILE A 15 -1.13 -2.95 -11.01
CA ILE A 15 -2.40 -3.56 -10.72
C ILE A 15 -3.51 -2.58 -11.09
N GLU A 16 -4.75 -3.07 -11.06
CA GLU A 16 -5.89 -2.21 -11.28
C GLU A 16 -6.83 -2.32 -10.10
N CYS A 17 -6.78 -1.34 -9.21
CA CYS A 17 -7.50 -1.43 -7.96
C CYS A 17 -8.62 -0.41 -7.94
N PRO A 18 -9.86 -0.90 -7.76
CA PRO A 18 -11.04 -0.03 -7.70
C PRO A 18 -11.00 0.96 -6.55
N ALA A 19 -11.83 1.99 -6.68
CA ALA A 19 -11.87 3.08 -5.72
C ALA A 19 -12.61 2.70 -4.43
N ASP A 20 -12.98 1.43 -4.33
CA ASP A 20 -13.63 0.93 -3.12
C ASP A 20 -13.02 -0.41 -2.68
N THR A 21 -12.02 -0.87 -3.40
CA THR A 21 -11.40 -2.15 -3.12
C THR A 21 -9.93 -1.96 -2.80
N TYR A 22 -9.51 -2.49 -1.65
CA TYR A 22 -8.16 -2.24 -1.13
C TYR A 22 -7.10 -2.88 -2.02
N ILE A 23 -5.97 -2.18 -2.18
CA ILE A 23 -4.93 -2.55 -3.15
C ILE A 23 -4.64 -4.04 -3.17
N LEU A 24 -4.62 -4.68 -2.00
CA LEU A 24 -4.23 -6.09 -1.87
C LEU A 24 -4.97 -7.04 -2.82
N ASP A 25 -6.20 -6.71 -3.19
CA ASP A 25 -7.01 -7.59 -4.05
C ASP A 25 -6.44 -7.60 -5.46
N ALA A 26 -6.24 -6.41 -5.98
CA ALA A 26 -5.64 -6.23 -7.30
C ALA A 26 -4.16 -6.56 -7.24
N ALA A 27 -3.57 -6.32 -6.07
CA ALA A 27 -2.17 -6.61 -5.82
C ALA A 27 -1.86 -8.08 -6.06
N GLU A 28 -2.63 -8.96 -5.43
CA GLU A 28 -2.45 -10.39 -5.58
C GLU A 28 -2.82 -10.81 -7.01
N GLU A 29 -3.78 -10.10 -7.58
CA GLU A 29 -4.21 -10.32 -8.94
C GLU A 29 -3.04 -10.16 -9.90
N ALA A 30 -2.29 -9.10 -9.66
CA ALA A 30 -1.12 -8.77 -10.47
C ALA A 30 -0.01 -9.81 -10.33
N GLY A 31 0.03 -10.48 -9.18
CA GLY A 31 0.99 -11.54 -9.00
C GLY A 31 2.05 -11.20 -7.97
N LEU A 32 1.73 -10.29 -7.07
CA LEU A 32 2.66 -9.90 -6.02
C LEU A 32 2.58 -10.86 -4.84
N ASP A 33 3.70 -11.06 -4.17
CA ASP A 33 3.74 -11.85 -2.95
C ASP A 33 3.49 -10.94 -1.76
N LEU A 34 2.46 -10.13 -1.89
CA LEU A 34 2.09 -9.17 -0.87
C LEU A 34 1.34 -9.88 0.25
N PRO A 35 1.81 -9.70 1.49
CA PRO A 35 1.17 -10.31 2.67
C PRO A 35 -0.19 -9.69 2.99
N TYR A 36 -1.23 -10.49 2.90
CA TYR A 36 -2.56 -10.06 3.31
C TYR A 36 -3.17 -11.10 4.23
N SER A 37 -3.93 -10.65 5.22
CA SER A 37 -4.53 -11.56 6.18
C SER A 37 -5.93 -11.07 6.59
N CYS A 38 -5.98 -10.00 7.35
CA CYS A 38 -7.23 -9.51 7.91
C CYS A 38 -8.06 -8.78 6.87
N ARG A 39 -7.37 -7.99 6.05
CA ARG A 39 -8.02 -7.17 5.01
C ARG A 39 -8.91 -6.11 5.66
N ALA A 40 -8.63 -5.84 6.93
CA ALA A 40 -9.38 -4.86 7.70
C ALA A 40 -8.47 -3.96 8.51
N GLY A 41 -7.18 -4.26 8.52
CA GLY A 41 -6.21 -3.42 9.19
C GLY A 41 -6.00 -3.80 10.63
N ALA A 42 -5.86 -5.09 10.89
CA ALA A 42 -5.64 -5.58 12.26
C ALA A 42 -4.15 -5.54 12.60
N CYS A 43 -3.34 -5.28 11.59
CA CYS A 43 -1.91 -5.15 11.76
C CYS A 43 -1.38 -4.08 10.81
N SER A 44 -0.07 -3.94 10.71
CA SER A 44 0.51 -2.97 9.79
C SER A 44 1.84 -3.49 9.24
N SER A 45 2.03 -4.79 9.30
CA SER A 45 3.22 -5.42 8.74
C SER A 45 3.10 -5.51 7.23
N CYS A 46 1.87 -5.36 6.78
CA CYS A 46 1.53 -5.39 5.37
C CYS A 46 1.36 -3.99 4.82
N ALA A 47 1.88 -3.01 5.55
CA ALA A 47 1.68 -1.62 5.16
C ALA A 47 2.60 -1.22 4.02
N GLY A 48 2.00 -0.97 2.86
CA GLY A 48 2.75 -0.56 1.69
C GLY A 48 3.21 0.88 1.78
N LYS A 49 4.05 1.29 0.87
CA LYS A 49 4.57 2.66 0.87
C LYS A 49 4.15 3.38 -0.38
N VAL A 50 3.47 4.50 -0.22
CA VAL A 50 3.08 5.32 -1.36
C VAL A 50 4.34 5.92 -1.98
N ALA A 51 4.69 5.42 -3.15
CA ALA A 51 5.84 5.89 -3.89
C ALA A 51 5.42 6.99 -4.85
N ALA A 52 4.18 6.87 -5.30
CA ALA A 52 3.60 7.81 -6.22
C ALA A 52 2.10 7.84 -6.02
N GLY A 53 1.44 8.82 -6.62
CA GLY A 53 -0.02 8.88 -6.59
C GLY A 53 -0.57 8.97 -5.19
N THR A 54 -1.84 8.61 -5.03
CA THR A 54 -2.47 8.64 -3.72
C THR A 54 -3.35 7.42 -3.50
N VAL A 55 -3.70 7.19 -2.24
CA VAL A 55 -4.52 6.07 -1.84
C VAL A 55 -5.48 6.50 -0.74
N ASP A 56 -6.47 5.65 -0.44
CA ASP A 56 -7.40 5.91 0.65
C ASP A 56 -7.09 5.03 1.85
N GLN A 57 -6.43 5.60 2.84
CA GLN A 57 -6.07 4.88 4.07
C GLN A 57 -6.70 5.58 5.27
N SER A 58 -8.00 5.82 5.18
CA SER A 58 -8.72 6.57 6.19
C SER A 58 -8.89 5.75 7.48
N ASP A 59 -8.84 4.43 7.36
CA ASP A 59 -9.02 3.56 8.51
C ASP A 59 -7.74 2.78 8.82
N GLN A 60 -6.66 3.49 9.10
CA GLN A 60 -5.40 2.84 9.38
C GLN A 60 -5.11 2.84 10.88
N SER A 61 -4.12 2.05 11.31
CA SER A 61 -3.85 1.88 12.73
C SER A 61 -2.94 3.00 13.29
N PHE A 62 -1.65 2.73 13.40
CA PHE A 62 -0.73 3.70 14.00
C PHE A 62 0.01 4.50 12.94
N LEU A 63 -0.42 4.37 11.70
CA LEU A 63 0.07 5.21 10.63
C LEU A 63 -0.91 6.36 10.42
N ASP A 64 -0.38 7.58 10.34
CA ASP A 64 -1.24 8.77 10.25
C ASP A 64 -1.18 9.41 8.87
N ASP A 65 -1.92 10.50 8.69
CA ASP A 65 -1.96 11.20 7.41
C ASP A 65 -0.58 11.73 7.04
N ALA A 66 0.13 12.23 8.04
CA ALA A 66 1.48 12.74 7.85
C ALA A 66 2.40 11.66 7.27
N GLN A 67 2.10 10.42 7.62
CA GLN A 67 2.84 9.28 7.09
C GLN A 67 2.52 9.07 5.62
N MET A 68 1.28 9.30 5.22
CA MET A 68 0.90 9.19 3.82
C MET A 68 1.62 10.27 3.01
N GLY A 69 1.78 11.43 3.62
CA GLY A 69 2.57 12.48 3.00
C GLY A 69 4.03 12.09 2.91
N ASN A 70 4.47 11.32 3.90
CA ASN A 70 5.80 10.72 3.88
C ASN A 70 5.87 9.59 2.86
N GLY A 71 4.70 9.12 2.44
CA GLY A 71 4.62 8.06 1.45
C GLY A 71 4.41 6.71 2.08
N PHE A 72 3.69 6.65 3.19
CA PHE A 72 3.47 5.39 3.90
C PHE A 72 1.98 5.12 4.07
N VAL A 73 1.58 3.89 3.78
CA VAL A 73 0.16 3.51 3.66
C VAL A 73 -0.04 2.06 4.16
N LEU A 74 -1.30 1.59 4.24
CA LEU A 74 -1.57 0.19 4.62
C LEU A 74 -2.46 -0.50 3.60
N THR A 75 -1.93 -1.56 3.01
CA THR A 75 -2.57 -2.25 1.89
C THR A 75 -3.95 -2.82 2.25
N CYS A 76 -4.12 -3.25 3.51
CA CYS A 76 -5.38 -3.86 3.94
C CYS A 76 -6.50 -2.84 4.08
N VAL A 77 -6.15 -1.56 4.21
CA VAL A 77 -7.16 -0.51 4.37
C VAL A 77 -6.85 0.68 3.48
N ALA A 78 -6.27 0.41 2.32
CA ALA A 78 -5.90 1.48 1.43
C ALA A 78 -5.98 1.04 -0.01
N TYR A 79 -6.57 1.88 -0.81
CA TYR A 79 -6.60 1.67 -2.24
C TYR A 79 -6.39 2.98 -2.96
N PRO A 80 -5.94 2.93 -4.21
CA PRO A 80 -5.60 4.11 -4.97
C PRO A 80 -6.78 5.05 -5.11
N THR A 81 -6.61 6.27 -4.65
CA THR A 81 -7.58 7.32 -4.94
C THR A 81 -7.20 7.96 -6.25
N SER A 82 -6.05 7.56 -6.77
CA SER A 82 -5.60 7.93 -8.11
C SER A 82 -4.61 6.90 -8.61
N ASP A 83 -4.14 7.10 -9.83
CA ASP A 83 -3.12 6.27 -10.41
C ASP A 83 -1.82 6.49 -9.64
N CYS A 84 -1.16 5.43 -9.25
CA CYS A 84 -0.03 5.57 -8.34
C CYS A 84 0.99 4.45 -8.49
N THR A 85 1.99 4.52 -7.63
CA THR A 85 3.02 3.50 -7.54
C THR A 85 3.28 3.23 -6.07
N ILE A 86 3.13 2.01 -5.64
CA ILE A 86 3.15 1.72 -4.22
C ILE A 86 4.14 0.61 -3.89
N GLN A 87 5.06 0.94 -3.01
CA GLN A 87 6.02 0.00 -2.45
C GLN A 87 5.27 -0.98 -1.56
N THR A 88 5.77 -2.20 -1.43
CA THR A 88 5.05 -3.21 -0.69
C THR A 88 5.58 -3.45 0.73
N HIS A 89 6.68 -4.19 0.80
CA HIS A 89 7.16 -4.80 2.06
C HIS A 89 7.86 -3.82 3.00
N GLN A 90 7.67 -2.53 2.80
CA GLN A 90 8.40 -1.54 3.59
C GLN A 90 7.64 -1.12 4.86
N GLU A 91 6.97 -2.09 5.49
CA GLU A 91 6.21 -1.84 6.72
C GLU A 91 6.95 -0.93 7.71
N GLU A 92 8.21 -1.26 7.95
CA GLU A 92 9.07 -0.56 8.93
C GLU A 92 9.05 0.95 8.71
N ALA A 93 8.80 1.36 7.48
CA ALA A 93 8.91 2.76 7.07
C ALA A 93 8.08 3.68 7.96
N LEU A 94 6.90 3.24 8.33
CA LEU A 94 6.01 4.03 9.16
C LEU A 94 6.54 4.07 10.59
N TYR A 95 7.18 2.99 10.99
CA TYR A 95 7.68 2.85 12.35
C TYR A 95 8.67 3.98 12.68
N GLU A 96 9.82 3.98 12.02
CA GLU A 96 10.79 5.05 12.20
C GLU A 96 11.52 5.35 10.89
N ASN A 97 12.50 4.52 10.57
CA ASN A 97 13.33 4.71 9.39
C ASN A 97 13.32 3.44 8.60
N LEU A 98 12.64 3.48 7.47
CA LEU A 98 12.56 2.36 6.55
C LEU A 98 13.94 1.76 6.27
N TYR A 99 14.95 2.64 6.22
CA TYR A 99 16.35 2.24 6.03
C TYR A 99 16.58 1.62 4.64
N PHE A 100 15.49 1.42 3.89
CA PHE A 100 15.55 0.85 2.55
C PHE A 100 16.14 1.86 1.57
N GLN A 101 16.22 3.10 2.02
CA GLN A 101 16.79 4.17 1.23
C GLN A 101 17.19 5.31 2.16
N MET A 1 -11.57 1.93 -11.53
CA MET A 1 -10.35 1.67 -10.78
C MET A 1 -9.23 2.61 -11.18
N TYR A 2 -8.10 2.44 -10.52
CA TYR A 2 -6.90 3.19 -10.82
C TYR A 2 -5.75 2.21 -11.03
N LYS A 3 -4.76 2.61 -11.80
CA LYS A 3 -3.64 1.74 -12.08
C LYS A 3 -2.47 2.08 -11.16
N VAL A 4 -2.22 1.19 -10.22
CA VAL A 4 -1.18 1.38 -9.25
C VAL A 4 -0.04 0.39 -9.49
N THR A 5 1.15 0.93 -9.59
CA THR A 5 2.34 0.14 -9.77
C THR A 5 2.96 -0.20 -8.43
N LEU A 6 2.79 -1.43 -7.99
CA LEU A 6 3.33 -1.80 -6.71
C LEU A 6 4.78 -2.18 -6.82
N LYS A 7 5.56 -1.64 -5.91
CA LYS A 7 6.96 -1.91 -5.87
C LYS A 7 7.22 -3.03 -4.89
N THR A 8 7.51 -4.19 -5.45
CA THR A 8 7.81 -5.35 -4.66
C THR A 8 9.33 -5.52 -4.62
N PRO A 9 9.84 -6.25 -3.63
CA PRO A 9 11.28 -6.52 -3.52
C PRO A 9 11.84 -7.19 -4.77
N SER A 10 10.96 -7.76 -5.58
CA SER A 10 11.35 -8.37 -6.85
C SER A 10 11.23 -7.38 -8.01
N GLY A 11 10.27 -6.47 -7.94
CA GLY A 11 10.09 -5.48 -8.98
C GLY A 11 8.74 -4.81 -8.94
N ASP A 12 8.49 -3.88 -9.86
CA ASP A 12 7.22 -3.18 -9.93
C ASP A 12 6.23 -3.93 -10.81
N LYS A 13 4.97 -3.90 -10.39
CA LYS A 13 3.89 -4.47 -11.19
C LYS A 13 2.66 -3.59 -11.06
N THR A 14 2.03 -3.31 -12.17
CA THR A 14 0.84 -2.48 -12.17
C THR A 14 -0.42 -3.31 -12.03
N ILE A 15 -1.19 -2.94 -11.03
CA ILE A 15 -2.44 -3.57 -10.75
C ILE A 15 -3.59 -2.63 -11.11
N GLU A 16 -4.81 -3.14 -11.06
CA GLU A 16 -5.98 -2.31 -11.26
C GLU A 16 -6.87 -2.39 -10.03
N CYS A 17 -6.76 -1.40 -9.15
CA CYS A 17 -7.50 -1.42 -7.91
C CYS A 17 -8.65 -0.43 -7.94
N PRO A 18 -9.88 -0.94 -7.78
CA PRO A 18 -11.09 -0.12 -7.73
C PRO A 18 -11.07 0.91 -6.61
N ALA A 19 -11.93 1.90 -6.74
CA ALA A 19 -12.04 2.99 -5.78
C ALA A 19 -12.77 2.57 -4.52
N ASP A 20 -13.04 1.28 -4.40
CA ASP A 20 -13.73 0.74 -3.22
C ASP A 20 -13.00 -0.47 -2.68
N THR A 21 -12.00 -0.94 -3.41
CA THR A 21 -11.34 -2.19 -3.08
C THR A 21 -9.86 -1.97 -2.79
N TYR A 22 -9.43 -2.41 -1.61
CA TYR A 22 -8.08 -2.13 -1.13
C TYR A 22 -7.02 -2.80 -1.99
N ILE A 23 -5.88 -2.13 -2.11
CA ILE A 23 -4.82 -2.45 -3.07
C ILE A 23 -4.49 -3.92 -3.14
N LEU A 24 -4.30 -4.58 -2.00
CA LEU A 24 -3.77 -5.95 -1.99
C LEU A 24 -4.62 -6.94 -2.78
N ASP A 25 -5.90 -6.64 -3.00
CA ASP A 25 -6.76 -7.52 -3.78
C ASP A 25 -6.31 -7.55 -5.23
N ALA A 26 -6.15 -6.38 -5.78
CA ALA A 26 -5.64 -6.22 -7.13
C ALA A 26 -4.14 -6.51 -7.15
N ALA A 27 -3.50 -6.24 -6.03
CA ALA A 27 -2.07 -6.48 -5.88
C ALA A 27 -1.73 -7.94 -6.13
N GLU A 28 -2.45 -8.84 -5.44
CA GLU A 28 -2.23 -10.26 -5.60
C GLU A 28 -2.68 -10.71 -6.99
N GLU A 29 -3.69 -10.05 -7.52
CA GLU A 29 -4.16 -10.30 -8.87
C GLU A 29 -3.02 -10.11 -9.87
N ALA A 30 -2.26 -9.05 -9.64
CA ALA A 30 -1.10 -8.72 -10.48
C ALA A 30 0.00 -9.78 -10.37
N GLY A 31 0.07 -10.45 -9.24
CA GLY A 31 1.04 -11.53 -9.10
C GLY A 31 2.10 -11.26 -8.05
N LEU A 32 1.84 -10.30 -7.17
CA LEU A 32 2.81 -9.96 -6.14
C LEU A 32 2.83 -11.02 -5.04
N ASP A 33 3.90 -11.04 -4.28
CA ASP A 33 4.00 -11.89 -3.11
C ASP A 33 3.81 -11.03 -1.85
N LEU A 34 2.74 -10.25 -1.87
CA LEU A 34 2.40 -9.39 -0.76
C LEU A 34 1.67 -10.21 0.31
N PRO A 35 2.18 -10.18 1.55
CA PRO A 35 1.57 -10.89 2.68
C PRO A 35 0.21 -10.32 3.06
N TYR A 36 -0.82 -11.15 3.01
CA TYR A 36 -2.17 -10.74 3.40
C TYR A 36 -2.72 -11.71 4.44
N SER A 37 -3.46 -11.18 5.40
CA SER A 37 -3.99 -12.01 6.48
C SER A 37 -5.45 -11.71 6.80
N CYS A 38 -5.73 -10.47 7.21
CA CYS A 38 -7.04 -10.13 7.72
C CYS A 38 -7.93 -9.49 6.66
N ARG A 39 -7.30 -8.82 5.69
CA ARG A 39 -8.03 -8.13 4.62
C ARG A 39 -8.77 -6.91 5.16
N ALA A 40 -8.36 -6.43 6.33
CA ALA A 40 -9.06 -5.31 6.96
C ALA A 40 -8.11 -4.35 7.69
N GLY A 41 -6.89 -4.79 7.99
CA GLY A 41 -5.93 -3.91 8.62
C GLY A 41 -5.74 -4.19 10.10
N ALA A 42 -5.69 -5.46 10.45
CA ALA A 42 -5.50 -5.88 11.84
C ALA A 42 -4.01 -5.91 12.20
N CYS A 43 -3.17 -5.74 11.19
CA CYS A 43 -1.72 -5.68 11.39
C CYS A 43 -1.12 -4.61 10.49
N SER A 44 0.19 -4.45 10.53
CA SER A 44 0.85 -3.39 9.77
C SER A 44 2.06 -3.93 9.01
N SER A 45 2.17 -5.24 8.89
CA SER A 45 3.28 -5.85 8.16
C SER A 45 3.02 -5.81 6.66
N CYS A 46 1.75 -5.71 6.32
CA CYS A 46 1.33 -5.62 4.94
C CYS A 46 1.21 -4.16 4.51
N ALA A 47 1.72 -3.27 5.35
CA ALA A 47 1.57 -1.85 5.09
C ALA A 47 2.44 -1.41 3.92
N GLY A 48 1.78 -1.03 2.82
CA GLY A 48 2.48 -0.60 1.64
C GLY A 48 3.02 0.80 1.78
N LYS A 49 3.87 1.22 0.88
CA LYS A 49 4.38 2.59 0.91
C LYS A 49 3.96 3.33 -0.34
N VAL A 50 3.29 4.45 -0.16
CA VAL A 50 2.92 5.30 -1.28
C VAL A 50 4.19 5.92 -1.88
N ALA A 51 4.64 5.35 -2.99
CA ALA A 51 5.79 5.85 -3.71
C ALA A 51 5.35 6.99 -4.62
N ALA A 52 4.17 6.83 -5.16
CA ALA A 52 3.60 7.77 -6.09
C ALA A 52 2.09 7.82 -5.91
N GLY A 53 1.45 8.80 -6.50
CA GLY A 53 0.00 8.86 -6.49
C GLY A 53 -0.57 8.94 -5.10
N THR A 54 -1.83 8.52 -4.95
CA THR A 54 -2.47 8.52 -3.65
C THR A 54 -3.35 7.30 -3.46
N VAL A 55 -3.72 7.06 -2.22
CA VAL A 55 -4.57 5.96 -1.84
C VAL A 55 -5.49 6.43 -0.71
N ASP A 56 -6.52 5.65 -0.41
CA ASP A 56 -7.41 5.97 0.70
C ASP A 56 -7.06 5.16 1.94
N GLN A 57 -6.28 5.76 2.82
CA GLN A 57 -5.99 5.18 4.13
C GLN A 57 -6.03 6.25 5.22
N SER A 58 -7.14 6.97 5.25
CA SER A 58 -7.31 8.08 6.18
C SER A 58 -7.62 7.57 7.59
N ASP A 59 -8.11 6.34 7.69
CA ASP A 59 -8.40 5.73 8.98
C ASP A 59 -7.47 4.55 9.22
N GLN A 60 -6.17 4.78 9.04
CA GLN A 60 -5.17 3.74 9.18
C GLN A 60 -4.53 3.80 10.57
N SER A 61 -4.26 2.63 11.14
CA SER A 61 -3.75 2.54 12.51
C SER A 61 -2.34 3.10 12.64
N PHE A 62 -2.21 4.09 13.54
CA PHE A 62 -0.96 4.82 13.86
C PHE A 62 -0.17 5.32 12.64
N LEU A 63 -0.75 5.17 11.45
CA LEU A 63 -0.28 5.83 10.25
C LEU A 63 -1.02 7.15 10.13
N ASP A 64 -0.32 8.26 10.34
CA ASP A 64 -0.95 9.56 10.32
C ASP A 64 -0.86 10.19 8.94
N ASP A 65 -1.51 11.33 8.75
CA ASP A 65 -1.55 11.99 7.45
C ASP A 65 -0.13 12.31 6.97
N ALA A 66 0.71 12.76 7.90
CA ALA A 66 2.10 13.08 7.59
C ALA A 66 2.81 11.86 7.02
N GLN A 67 2.48 10.68 7.54
CA GLN A 67 3.07 9.45 7.06
C GLN A 67 2.70 9.18 5.61
N MET A 68 1.46 9.48 5.21
CA MET A 68 1.06 9.29 3.83
C MET A 68 1.77 10.31 2.94
N GLY A 69 1.99 11.50 3.48
CA GLY A 69 2.79 12.49 2.78
C GLY A 69 4.23 12.02 2.66
N ASN A 70 4.66 11.26 3.66
CA ASN A 70 5.96 10.60 3.64
C ASN A 70 5.95 9.42 2.69
N GLY A 71 4.76 8.98 2.34
CA GLY A 71 4.61 7.88 1.41
C GLY A 71 4.41 6.55 2.12
N PHE A 72 3.73 6.57 3.25
CA PHE A 72 3.51 5.35 4.02
C PHE A 72 2.02 5.07 4.17
N VAL A 73 1.61 3.84 3.85
CA VAL A 73 0.20 3.48 3.73
C VAL A 73 -0.02 2.00 4.15
N LEU A 74 -1.27 1.51 4.11
CA LEU A 74 -1.55 0.10 4.41
C LEU A 74 -2.40 -0.53 3.31
N THR A 75 -2.04 -1.72 2.86
CA THR A 75 -2.72 -2.33 1.71
C THR A 75 -4.07 -2.96 2.09
N CYS A 76 -4.21 -3.40 3.34
CA CYS A 76 -5.46 -4.00 3.81
C CYS A 76 -6.57 -2.97 3.99
N VAL A 77 -6.20 -1.71 4.14
CA VAL A 77 -7.18 -0.66 4.41
C VAL A 77 -6.89 0.58 3.56
N ALA A 78 -6.49 0.36 2.31
CA ALA A 78 -6.24 1.46 1.40
C ALA A 78 -6.34 1.02 -0.03
N TYR A 79 -6.97 1.84 -0.83
CA TYR A 79 -6.99 1.66 -2.26
C TYR A 79 -6.64 2.96 -2.95
N PRO A 80 -6.15 2.89 -4.18
CA PRO A 80 -5.70 4.06 -4.92
C PRO A 80 -6.84 5.02 -5.19
N THR A 81 -6.71 6.23 -4.70
CA THR A 81 -7.66 7.28 -5.04
C THR A 81 -7.21 7.97 -6.31
N SER A 82 -6.01 7.62 -6.74
CA SER A 82 -5.47 8.06 -8.01
C SER A 82 -4.56 6.97 -8.57
N ASP A 83 -4.06 7.18 -9.78
CA ASP A 83 -3.09 6.26 -10.36
C ASP A 83 -1.77 6.47 -9.66
N CYS A 84 -1.18 5.40 -9.15
CA CYS A 84 -0.05 5.56 -8.25
C CYS A 84 0.96 4.43 -8.38
N THR A 85 1.97 4.50 -7.54
CA THR A 85 3.00 3.47 -7.43
C THR A 85 3.22 3.20 -5.96
N ILE A 86 3.04 1.97 -5.54
CA ILE A 86 2.98 1.67 -4.12
C ILE A 86 3.94 0.54 -3.76
N GLN A 87 4.87 0.86 -2.90
CA GLN A 87 5.83 -0.08 -2.39
C GLN A 87 5.14 -1.07 -1.46
N THR A 88 5.66 -2.28 -1.38
CA THR A 88 4.99 -3.33 -0.62
C THR A 88 5.59 -3.57 0.78
N HIS A 89 6.71 -4.26 0.80
CA HIS A 89 7.26 -4.88 2.04
C HIS A 89 7.95 -3.90 2.99
N GLN A 90 7.70 -2.62 2.82
CA GLN A 90 8.38 -1.61 3.63
C GLN A 90 7.52 -1.18 4.82
N GLU A 91 6.82 -2.14 5.39
CA GLU A 91 5.97 -1.91 6.56
C GLU A 91 6.63 -1.00 7.60
N GLU A 92 7.88 -1.32 7.91
CA GLU A 92 8.67 -0.63 8.93
C GLU A 92 8.66 0.89 8.73
N ALA A 93 8.47 1.30 7.48
CA ALA A 93 8.61 2.69 7.10
C ALA A 93 7.69 3.60 7.92
N LEU A 94 6.49 3.13 8.23
CA LEU A 94 5.56 3.91 9.04
C LEU A 94 5.96 3.84 10.52
N TYR A 95 6.55 2.71 10.90
CA TYR A 95 6.89 2.47 12.29
C TYR A 95 8.13 3.27 12.69
N GLU A 96 9.08 3.36 11.79
CA GLU A 96 10.24 4.19 11.99
C GLU A 96 10.35 5.19 10.84
N ASN A 97 10.75 4.67 9.67
CA ASN A 97 10.82 5.46 8.43
C ASN A 97 11.36 4.62 7.31
N LEU A 98 12.23 3.71 7.69
CA LEU A 98 13.03 2.94 6.76
C LEU A 98 13.98 3.86 6.01
N TYR A 99 13.39 4.61 5.09
CA TYR A 99 14.08 5.59 4.24
C TYR A 99 13.32 5.72 2.93
N PHE A 100 12.55 4.68 2.62
CA PHE A 100 11.90 4.56 1.32
C PHE A 100 10.76 5.56 1.14
N GLN A 101 11.10 6.73 0.62
CA GLN A 101 10.11 7.74 0.29
C GLN A 101 10.39 8.27 -1.12
N MET A 1 -11.10 1.82 -12.11
CA MET A 1 -9.98 1.60 -11.21
C MET A 1 -8.81 2.50 -11.55
N TYR A 2 -7.81 2.49 -10.68
CA TYR A 2 -6.62 3.31 -10.88
C TYR A 2 -5.40 2.43 -11.09
N LYS A 3 -4.48 2.93 -11.89
CA LYS A 3 -3.24 2.23 -12.17
C LYS A 3 -2.23 2.46 -11.06
N VAL A 4 -2.02 1.44 -10.26
CA VAL A 4 -1.07 1.51 -9.17
C VAL A 4 0.05 0.49 -9.40
N THR A 5 1.26 1.00 -9.43
CA THR A 5 2.44 0.18 -9.59
C THR A 5 2.98 -0.19 -8.22
N LEU A 6 2.75 -1.43 -7.82
CA LEU A 6 3.19 -1.84 -6.51
C LEU A 6 4.60 -2.32 -6.56
N LYS A 7 5.40 -1.74 -5.71
CA LYS A 7 6.79 -2.06 -5.65
C LYS A 7 7.05 -3.07 -4.56
N THR A 8 7.32 -4.27 -5.01
CA THR A 8 7.54 -5.41 -4.16
C THR A 8 9.04 -5.65 -4.06
N PRO A 9 9.46 -6.42 -3.05
CA PRO A 9 10.87 -6.80 -2.87
C PRO A 9 11.40 -7.60 -4.06
N SER A 10 10.52 -7.95 -4.99
CA SER A 10 10.88 -8.66 -6.20
C SER A 10 10.83 -7.74 -7.42
N GLY A 11 10.29 -6.54 -7.23
CA GLY A 11 10.15 -5.60 -8.35
C GLY A 11 8.81 -4.90 -8.35
N ASP A 12 8.61 -4.03 -9.32
CA ASP A 12 7.37 -3.24 -9.43
C ASP A 12 6.43 -3.86 -10.45
N LYS A 13 5.16 -3.90 -10.11
CA LYS A 13 4.12 -4.44 -10.98
C LYS A 13 2.89 -3.56 -10.91
N THR A 14 2.26 -3.34 -12.05
CA THR A 14 1.09 -2.49 -12.12
C THR A 14 -0.19 -3.28 -11.98
N ILE A 15 -0.99 -2.88 -11.02
CA ILE A 15 -2.29 -3.44 -10.82
C ILE A 15 -3.34 -2.41 -11.20
N GLU A 16 -4.59 -2.83 -11.25
CA GLU A 16 -5.68 -1.89 -11.48
C GLU A 16 -6.69 -2.06 -10.37
N CYS A 17 -6.60 -1.20 -9.37
CA CYS A 17 -7.40 -1.31 -8.17
C CYS A 17 -8.58 -0.36 -8.21
N PRO A 18 -9.80 -0.89 -8.13
CA PRO A 18 -11.03 -0.08 -8.14
C PRO A 18 -11.10 0.89 -6.97
N ALA A 19 -11.95 1.90 -7.13
CA ALA A 19 -12.08 2.98 -6.16
C ALA A 19 -12.89 2.57 -4.94
N ASP A 20 -13.23 1.29 -4.87
CA ASP A 20 -13.96 0.76 -3.72
C ASP A 20 -13.35 -0.56 -3.24
N THR A 21 -12.34 -1.03 -3.95
CA THR A 21 -11.71 -2.31 -3.66
C THR A 21 -10.28 -2.11 -3.22
N TYR A 22 -9.91 -2.71 -2.09
CA TYR A 22 -8.58 -2.50 -1.50
C TYR A 22 -7.48 -3.10 -2.37
N ILE A 23 -6.34 -2.40 -2.39
CA ILE A 23 -5.23 -2.72 -3.29
C ILE A 23 -4.93 -4.21 -3.37
N LEU A 24 -4.89 -4.88 -2.21
CA LEU A 24 -4.48 -6.30 -2.14
C LEU A 24 -5.15 -7.16 -3.21
N ASP A 25 -6.44 -6.95 -3.44
CA ASP A 25 -7.21 -7.77 -4.38
C ASP A 25 -6.61 -7.69 -5.79
N ALA A 26 -6.41 -6.47 -6.24
CA ALA A 26 -5.81 -6.22 -7.53
C ALA A 26 -4.31 -6.52 -7.48
N ALA A 27 -3.74 -6.36 -6.30
CA ALA A 27 -2.33 -6.63 -6.04
C ALA A 27 -1.99 -8.10 -6.36
N GLU A 28 -2.76 -9.02 -5.79
CA GLU A 28 -2.54 -10.44 -6.00
C GLU A 28 -2.87 -10.82 -7.44
N GLU A 29 -3.85 -10.12 -8.00
CA GLU A 29 -4.21 -10.29 -9.40
C GLU A 29 -3.00 -10.05 -10.28
N ALA A 30 -2.23 -9.05 -9.89
CA ALA A 30 -1.00 -8.70 -10.59
C ALA A 30 0.11 -9.73 -10.32
N GLY A 31 0.04 -10.40 -9.18
CA GLY A 31 0.97 -11.48 -8.91
C GLY A 31 1.96 -11.17 -7.80
N LEU A 32 1.65 -10.18 -6.98
CA LEU A 32 2.55 -9.81 -5.90
C LEU A 32 2.47 -10.78 -4.74
N ASP A 33 3.60 -11.00 -4.09
CA ASP A 33 3.64 -11.78 -2.86
C ASP A 33 2.85 -11.07 -1.77
N LEU A 34 1.62 -11.50 -1.56
CA LEU A 34 0.76 -10.86 -0.60
C LEU A 34 0.83 -11.47 0.78
N PRO A 35 0.95 -10.60 1.80
CA PRO A 35 0.68 -10.96 3.19
C PRO A 35 -0.80 -11.28 3.42
N TYR A 36 -1.07 -12.24 4.28
CA TYR A 36 -2.46 -12.57 4.65
C TYR A 36 -2.57 -12.72 6.16
N SER A 37 -3.69 -12.25 6.71
CA SER A 37 -3.95 -12.37 8.14
C SER A 37 -5.38 -11.95 8.43
N CYS A 38 -5.62 -10.65 8.49
CA CYS A 38 -6.95 -10.13 8.76
C CYS A 38 -7.58 -9.54 7.50
N ARG A 39 -6.80 -8.71 6.79
CA ARG A 39 -7.33 -7.86 5.74
C ARG A 39 -8.38 -6.93 6.32
N ALA A 40 -8.13 -6.51 7.55
CA ALA A 40 -9.02 -5.61 8.27
C ALA A 40 -8.23 -4.63 9.12
N GLY A 41 -6.92 -4.57 8.87
CA GLY A 41 -6.07 -3.61 9.57
C GLY A 41 -5.76 -4.00 11.00
N ALA A 42 -5.46 -5.28 11.22
CA ALA A 42 -5.12 -5.76 12.56
C ALA A 42 -3.61 -5.83 12.74
N CYS A 43 -2.88 -5.65 11.66
CA CYS A 43 -1.42 -5.58 11.72
C CYS A 43 -0.92 -4.47 10.82
N SER A 44 0.38 -4.21 10.88
CA SER A 44 0.96 -3.10 10.14
C SER A 44 2.04 -3.57 9.17
N SER A 45 2.27 -4.88 9.15
CA SER A 45 3.29 -5.47 8.29
C SER A 45 2.86 -5.40 6.83
N CYS A 46 1.56 -5.24 6.63
CA CYS A 46 0.99 -5.14 5.31
C CYS A 46 0.69 -3.69 4.94
N ALA A 47 1.27 -2.75 5.69
CA ALA A 47 1.12 -1.35 5.35
C ALA A 47 2.16 -0.95 4.28
N GLY A 48 1.67 -0.66 3.08
CA GLY A 48 2.55 -0.35 1.98
C GLY A 48 3.02 1.08 2.00
N LYS A 49 3.81 1.46 1.03
CA LYS A 49 4.36 2.81 0.98
C LYS A 49 3.86 3.53 -0.26
N VAL A 50 3.34 4.72 -0.07
CA VAL A 50 2.97 5.54 -1.20
C VAL A 50 4.24 6.10 -1.84
N ALA A 51 4.61 5.49 -2.95
CA ALA A 51 5.78 5.89 -3.69
C ALA A 51 5.40 6.98 -4.68
N ALA A 52 4.15 6.89 -5.11
CA ALA A 52 3.57 7.84 -6.03
C ALA A 52 2.07 7.89 -5.81
N GLY A 53 1.42 8.91 -6.36
CA GLY A 53 -0.03 8.98 -6.33
C GLY A 53 -0.60 9.02 -4.92
N THR A 54 -1.88 8.67 -4.79
CA THR A 54 -2.52 8.64 -3.49
C THR A 54 -3.45 7.44 -3.35
N VAL A 55 -3.79 7.12 -2.11
CA VAL A 55 -4.64 5.99 -1.79
C VAL A 55 -5.65 6.38 -0.71
N ASP A 56 -6.66 5.54 -0.50
CA ASP A 56 -7.63 5.76 0.57
C ASP A 56 -7.45 4.73 1.66
N GLN A 57 -6.71 5.10 2.69
CA GLN A 57 -6.43 4.20 3.81
C GLN A 57 -7.09 4.73 5.08
N SER A 58 -8.39 4.93 5.00
CA SER A 58 -9.15 5.44 6.14
C SER A 58 -9.15 4.41 7.27
N ASP A 59 -9.30 3.13 6.94
CA ASP A 59 -9.32 2.08 7.96
C ASP A 59 -7.91 1.54 8.22
N GLN A 60 -6.99 2.47 8.45
CA GLN A 60 -5.63 2.14 8.83
C GLN A 60 -5.46 2.40 10.33
N SER A 61 -5.32 1.32 11.09
CA SER A 61 -5.29 1.39 12.55
C SER A 61 -3.97 1.98 13.05
N PHE A 62 -2.91 1.78 12.28
CA PHE A 62 -1.61 2.34 12.62
C PHE A 62 -1.33 3.51 11.67
N LEU A 63 -0.05 3.84 11.46
CA LEU A 63 0.32 4.90 10.51
C LEU A 63 -0.37 6.24 10.84
N ASP A 64 -0.12 7.26 10.03
CA ASP A 64 -0.69 8.58 10.26
C ASP A 64 -0.87 9.32 8.95
N ASP A 65 -1.60 10.43 8.99
CA ASP A 65 -1.76 11.28 7.83
C ASP A 65 -0.40 11.86 7.42
N ALA A 66 0.41 12.17 8.42
CA ALA A 66 1.77 12.65 8.20
C ALA A 66 2.59 11.60 7.47
N GLN A 67 2.35 10.34 7.81
CA GLN A 67 2.99 9.23 7.14
C GLN A 67 2.72 9.25 5.64
N MET A 68 1.49 9.58 5.25
CA MET A 68 1.15 9.70 3.83
C MET A 68 1.93 10.78 3.14
N GLY A 69 2.12 11.92 3.82
CA GLY A 69 2.96 12.96 3.27
C GLY A 69 4.38 12.49 3.12
N ASN A 70 4.76 11.54 3.96
CA ASN A 70 6.06 10.90 3.90
C ASN A 70 6.08 9.78 2.87
N GLY A 71 4.90 9.37 2.43
CA GLY A 71 4.80 8.31 1.43
C GLY A 71 4.59 6.95 2.07
N PHE A 72 3.89 6.91 3.18
CA PHE A 72 3.63 5.65 3.88
C PHE A 72 2.12 5.44 4.04
N VAL A 73 1.67 4.22 3.77
CA VAL A 73 0.25 3.93 3.65
C VAL A 73 -0.09 2.52 4.12
N LEU A 74 -1.37 2.17 4.02
CA LEU A 74 -1.82 0.81 4.28
C LEU A 74 -2.23 0.15 2.97
N THR A 75 -1.81 -1.08 2.74
CA THR A 75 -2.23 -1.80 1.56
C THR A 75 -3.42 -2.70 1.87
N CYS A 76 -3.57 -3.04 3.15
CA CYS A 76 -4.53 -4.05 3.60
C CYS A 76 -5.97 -3.59 3.38
N VAL A 77 -6.31 -2.41 3.87
CA VAL A 77 -7.66 -1.89 3.75
C VAL A 77 -7.61 -0.50 3.16
N ALA A 78 -7.00 -0.42 1.98
CA ALA A 78 -6.84 0.84 1.30
C ALA A 78 -6.68 0.61 -0.18
N TYR A 79 -7.12 1.58 -0.96
CA TYR A 79 -6.99 1.51 -2.39
C TYR A 79 -6.65 2.86 -2.98
N PRO A 80 -6.09 2.88 -4.20
CA PRO A 80 -5.69 4.11 -4.87
C PRO A 80 -6.87 5.04 -5.09
N THR A 81 -6.71 6.28 -4.66
CA THR A 81 -7.68 7.31 -5.00
C THR A 81 -7.24 8.01 -6.28
N SER A 82 -6.06 7.63 -6.75
CA SER A 82 -5.55 8.09 -8.03
C SER A 82 -4.56 7.07 -8.56
N ASP A 83 -4.05 7.30 -9.76
CA ASP A 83 -3.04 6.44 -10.32
C ASP A 83 -1.75 6.65 -9.54
N CYS A 84 -1.10 5.57 -9.14
CA CYS A 84 0.00 5.69 -8.21
C CYS A 84 1.01 4.57 -8.36
N THR A 85 1.99 4.61 -7.49
CA THR A 85 2.99 3.57 -7.36
C THR A 85 3.17 3.29 -5.89
N ILE A 86 2.90 2.08 -5.46
CA ILE A 86 2.85 1.80 -4.06
C ILE A 86 3.81 0.67 -3.70
N GLN A 87 4.80 1.01 -2.92
CA GLN A 87 5.76 0.06 -2.42
C GLN A 87 5.05 -0.86 -1.42
N THR A 88 5.44 -2.11 -1.34
CA THR A 88 4.69 -3.07 -0.53
C THR A 88 5.25 -3.28 0.88
N HIS A 89 6.21 -4.18 0.98
CA HIS A 89 6.62 -4.79 2.26
C HIS A 89 7.45 -3.88 3.16
N GLN A 90 7.42 -2.59 2.90
CA GLN A 90 8.27 -1.64 3.63
C GLN A 90 7.62 -1.17 4.94
N GLU A 91 7.00 -2.11 5.68
CA GLU A 91 6.36 -1.83 6.96
C GLU A 91 7.20 -0.88 7.84
N GLU A 92 8.47 -1.23 8.01
CA GLU A 92 9.42 -0.48 8.85
C GLU A 92 9.42 1.00 8.50
N ALA A 93 9.14 1.31 7.24
CA ALA A 93 9.21 2.67 6.74
C ALA A 93 8.26 3.58 7.51
N LEU A 94 7.09 3.06 7.84
CA LEU A 94 6.10 3.78 8.62
C LEU A 94 6.50 3.79 10.09
N TYR A 95 7.01 2.65 10.55
CA TYR A 95 7.30 2.45 11.96
C TYR A 95 8.31 3.48 12.45
N GLU A 96 9.45 3.53 11.80
CA GLU A 96 10.43 4.57 12.07
C GLU A 96 10.84 5.23 10.76
N ASN A 97 11.69 4.54 10.01
CA ASN A 97 12.07 4.96 8.68
C ASN A 97 12.97 3.92 8.06
N LEU A 98 12.54 3.41 6.93
CA LEU A 98 13.36 2.54 6.12
C LEU A 98 14.35 3.34 5.36
N TYR A 99 13.87 4.51 5.01
CA TYR A 99 14.66 5.51 4.31
C TYR A 99 15.14 4.91 2.99
N PHE A 100 14.27 4.08 2.41
CA PHE A 100 14.60 3.29 1.22
C PHE A 100 15.12 4.16 0.07
N GLN A 101 14.50 5.32 -0.12
CA GLN A 101 14.86 6.24 -1.19
C GLN A 101 14.22 7.60 -0.93
N MET A 1 -11.22 2.08 -11.27
CA MET A 1 -9.96 1.60 -10.73
C MET A 1 -8.81 2.47 -11.22
N TYR A 2 -7.71 2.38 -10.50
CA TYR A 2 -6.53 3.19 -10.77
C TYR A 2 -5.33 2.30 -11.03
N LYS A 3 -4.40 2.80 -11.81
CA LYS A 3 -3.18 2.06 -12.12
C LYS A 3 -2.12 2.33 -11.09
N VAL A 4 -1.96 1.39 -10.18
CA VAL A 4 -0.98 1.52 -9.12
C VAL A 4 0.18 0.58 -9.38
N THR A 5 1.37 1.16 -9.42
CA THR A 5 2.58 0.39 -9.60
C THR A 5 3.10 -0.06 -8.24
N LEU A 6 2.88 -1.30 -7.90
CA LEU A 6 3.29 -1.79 -6.62
C LEU A 6 4.71 -2.27 -6.67
N LYS A 7 5.52 -1.67 -5.84
CA LYS A 7 6.91 -1.97 -5.83
C LYS A 7 7.24 -3.00 -4.77
N THR A 8 7.51 -4.19 -5.27
CA THR A 8 7.79 -5.33 -4.43
C THR A 8 9.30 -5.56 -4.41
N PRO A 9 9.79 -6.31 -3.42
CA PRO A 9 11.21 -6.70 -3.35
C PRO A 9 11.63 -7.57 -4.53
N SER A 10 10.66 -7.95 -5.36
CA SER A 10 10.93 -8.73 -6.55
C SER A 10 10.74 -7.89 -7.81
N GLY A 11 10.24 -6.67 -7.64
CA GLY A 11 10.03 -5.79 -8.77
C GLY A 11 8.76 -4.97 -8.65
N ASP A 12 8.63 -3.97 -9.51
CA ASP A 12 7.45 -3.12 -9.53
C ASP A 12 6.44 -3.66 -10.54
N LYS A 13 5.17 -3.62 -10.16
CA LYS A 13 4.12 -4.11 -11.03
C LYS A 13 2.87 -3.27 -10.93
N THR A 14 2.34 -2.92 -12.08
CA THR A 14 1.09 -2.20 -12.17
C THR A 14 -0.10 -3.11 -11.96
N ILE A 15 -0.96 -2.71 -11.07
CA ILE A 15 -2.20 -3.40 -10.84
C ILE A 15 -3.36 -2.45 -11.10
N GLU A 16 -4.56 -3.00 -11.20
CA GLU A 16 -5.75 -2.18 -11.36
C GLU A 16 -6.59 -2.29 -10.10
N CYS A 17 -6.46 -1.32 -9.22
CA CYS A 17 -7.20 -1.35 -7.97
C CYS A 17 -8.40 -0.42 -8.05
N PRO A 18 -9.61 -1.00 -8.02
CA PRO A 18 -10.85 -0.24 -8.07
C PRO A 18 -10.99 0.72 -6.90
N ALA A 19 -11.82 1.72 -7.08
CA ALA A 19 -12.05 2.76 -6.09
C ALA A 19 -12.92 2.25 -4.94
N ASP A 20 -13.13 0.94 -4.92
CA ASP A 20 -13.95 0.31 -3.89
C ASP A 20 -13.26 -0.93 -3.32
N THR A 21 -12.23 -1.40 -4.01
CA THR A 21 -11.59 -2.65 -3.67
C THR A 21 -10.16 -2.39 -3.22
N TYR A 22 -9.78 -2.96 -2.08
CA TYR A 22 -8.48 -2.71 -1.49
C TYR A 22 -7.35 -3.29 -2.35
N ILE A 23 -6.19 -2.60 -2.32
CA ILE A 23 -5.07 -2.88 -3.20
C ILE A 23 -4.74 -4.38 -3.31
N LEU A 24 -4.72 -5.09 -2.18
CA LEU A 24 -4.22 -6.48 -2.16
C LEU A 24 -4.91 -7.37 -3.19
N ASP A 25 -6.18 -7.12 -3.46
CA ASP A 25 -6.94 -7.95 -4.41
C ASP A 25 -6.32 -7.86 -5.79
N ALA A 26 -6.11 -6.63 -6.23
CA ALA A 26 -5.48 -6.35 -7.50
C ALA A 26 -3.99 -6.64 -7.43
N ALA A 27 -3.43 -6.49 -6.24
CA ALA A 27 -2.03 -6.75 -5.99
C ALA A 27 -1.70 -8.21 -6.30
N GLU A 28 -2.45 -9.12 -5.68
CA GLU A 28 -2.26 -10.54 -5.89
C GLU A 28 -2.69 -10.93 -7.29
N GLU A 29 -3.69 -10.21 -7.81
CA GLU A 29 -4.13 -10.36 -9.19
C GLU A 29 -2.95 -10.22 -10.12
N ALA A 30 -2.20 -9.17 -9.89
CA ALA A 30 -0.98 -8.89 -10.66
C ALA A 30 0.08 -9.98 -10.42
N GLY A 31 0.06 -10.57 -9.24
CA GLY A 31 0.99 -11.64 -8.96
C GLY A 31 1.99 -11.27 -7.88
N LEU A 32 1.75 -10.16 -7.21
CA LEU A 32 2.64 -9.69 -6.17
C LEU A 32 2.49 -10.55 -4.93
N ASP A 33 3.61 -10.92 -4.32
CA ASP A 33 3.61 -11.72 -3.12
C ASP A 33 3.33 -10.85 -1.90
N LEU A 34 2.14 -10.30 -1.86
CA LEU A 34 1.73 -9.42 -0.78
C LEU A 34 0.97 -10.20 0.30
N PRO A 35 1.43 -10.11 1.55
CA PRO A 35 0.79 -10.78 2.69
C PRO A 35 -0.57 -10.19 3.06
N TYR A 36 -1.51 -11.05 3.36
CA TYR A 36 -2.84 -10.64 3.80
C TYR A 36 -3.26 -11.46 5.02
N SER A 37 -3.94 -10.84 5.97
CA SER A 37 -4.27 -11.53 7.21
C SER A 37 -5.71 -11.24 7.66
N CYS A 38 -5.97 -10.01 8.06
CA CYS A 38 -7.26 -9.65 8.64
C CYS A 38 -8.30 -9.33 7.58
N ARG A 39 -7.84 -8.74 6.48
CA ARG A 39 -8.72 -8.19 5.45
C ARG A 39 -9.57 -7.06 6.04
N ALA A 40 -9.09 -6.47 7.14
CA ALA A 40 -9.85 -5.44 7.84
C ALA A 40 -8.97 -4.32 8.40
N GLY A 41 -7.67 -4.56 8.51
CA GLY A 41 -6.75 -3.53 8.99
C GLY A 41 -6.40 -3.69 10.45
N ALA A 42 -6.06 -4.92 10.84
CA ALA A 42 -5.78 -5.22 12.25
C ALA A 42 -4.28 -5.17 12.56
N CYS A 43 -3.45 -5.05 11.54
CA CYS A 43 -2.01 -4.98 11.73
C CYS A 43 -1.39 -3.89 10.85
N SER A 44 -0.09 -3.67 11.00
CA SER A 44 0.60 -2.63 10.26
C SER A 44 1.90 -3.15 9.63
N SER A 45 2.15 -4.44 9.79
CA SER A 45 3.33 -5.08 9.22
C SER A 45 3.12 -5.30 7.71
N CYS A 46 1.95 -4.94 7.25
CA CYS A 46 1.58 -5.05 5.86
C CYS A 46 1.23 -3.68 5.28
N ALA A 47 1.74 -2.64 5.91
CA ALA A 47 1.47 -1.29 5.45
C ALA A 47 2.45 -0.91 4.33
N GLY A 48 1.92 -0.72 3.13
CA GLY A 48 2.75 -0.39 1.98
C GLY A 48 3.18 1.06 1.98
N LYS A 49 3.94 1.47 0.99
CA LYS A 49 4.45 2.83 0.93
C LYS A 49 3.93 3.54 -0.30
N VAL A 50 3.42 4.74 -0.11
CA VAL A 50 3.04 5.57 -1.23
C VAL A 50 4.30 6.15 -1.85
N ALA A 51 4.72 5.52 -2.94
CA ALA A 51 5.87 5.94 -3.69
C ALA A 51 5.45 7.03 -4.67
N ALA A 52 4.19 6.93 -5.05
CA ALA A 52 3.56 7.87 -5.95
C ALA A 52 2.08 7.88 -5.67
N GLY A 53 1.39 8.90 -6.17
CA GLY A 53 -0.05 8.93 -6.10
C GLY A 53 -0.58 8.91 -4.68
N THR A 54 -1.84 8.49 -4.53
CA THR A 54 -2.47 8.44 -3.22
C THR A 54 -3.37 7.22 -3.10
N VAL A 55 -3.79 6.93 -1.89
CA VAL A 55 -4.65 5.80 -1.59
C VAL A 55 -5.66 6.19 -0.52
N ASP A 56 -6.67 5.36 -0.32
CA ASP A 56 -7.63 5.59 0.75
C ASP A 56 -7.38 4.61 1.89
N GLN A 57 -6.65 5.08 2.89
CA GLN A 57 -6.38 4.32 4.09
C GLN A 57 -6.87 5.14 5.28
N SER A 58 -8.16 5.48 5.22
CA SER A 58 -8.76 6.43 6.13
C SER A 58 -8.79 5.94 7.58
N ASP A 59 -8.43 4.69 7.80
CA ASP A 59 -8.37 4.12 9.13
C ASP A 59 -6.95 4.23 9.72
N GLN A 60 -6.19 3.13 9.64
CA GLN A 60 -4.82 3.09 10.16
C GLN A 60 -4.72 3.50 11.64
N SER A 61 -4.61 2.53 12.53
CA SER A 61 -4.47 2.80 13.94
C SER A 61 -3.00 2.75 14.37
N PHE A 62 -2.12 3.30 13.52
CA PHE A 62 -0.70 3.34 13.79
C PHE A 62 0.00 4.26 12.81
N LEU A 63 -0.33 4.10 11.54
CA LEU A 63 0.13 5.01 10.49
C LEU A 63 -0.79 6.22 10.43
N ASP A 64 -0.23 7.42 10.39
CA ASP A 64 -1.04 8.64 10.40
C ASP A 64 -1.13 9.28 9.02
N ASP A 65 -1.91 10.33 8.89
CA ASP A 65 -2.04 11.05 7.62
C ASP A 65 -0.70 11.64 7.23
N ALA A 66 0.05 12.10 8.23
CA ALA A 66 1.39 12.64 8.03
C ALA A 66 2.29 11.63 7.35
N GLN A 67 2.05 10.35 7.64
CA GLN A 67 2.79 9.28 7.02
C GLN A 67 2.53 9.21 5.52
N MET A 68 1.31 9.52 5.10
CA MET A 68 1.02 9.63 3.68
C MET A 68 1.79 10.77 3.05
N GLY A 69 1.96 11.84 3.79
CA GLY A 69 2.78 12.94 3.33
C GLY A 69 4.25 12.56 3.34
N ASN A 70 4.54 11.44 3.99
CA ASN A 70 5.87 10.87 4.02
C ASN A 70 6.01 9.78 2.97
N GLY A 71 4.86 9.31 2.49
CA GLY A 71 4.83 8.26 1.50
C GLY A 71 4.59 6.90 2.10
N PHE A 72 3.83 6.83 3.19
CA PHE A 72 3.58 5.57 3.88
C PHE A 72 2.08 5.33 4.01
N VAL A 73 1.65 4.10 3.73
CA VAL A 73 0.25 3.76 3.59
C VAL A 73 -0.05 2.33 4.04
N LEU A 74 -1.30 1.93 3.96
CA LEU A 74 -1.69 0.54 4.17
C LEU A 74 -1.99 -0.11 2.82
N THR A 75 -1.32 -1.22 2.50
CA THR A 75 -1.50 -1.80 1.19
C THR A 75 -2.52 -2.94 1.19
N CYS A 76 -2.87 -3.48 2.36
CA CYS A 76 -3.76 -4.64 2.37
C CYS A 76 -5.23 -4.21 2.35
N VAL A 77 -5.63 -3.32 3.25
CA VAL A 77 -7.02 -2.88 3.28
C VAL A 77 -7.12 -1.37 3.05
N ALA A 78 -6.58 -0.95 1.92
CA ALA A 78 -6.65 0.42 1.45
C ALA A 78 -6.52 0.38 -0.06
N TYR A 79 -7.08 1.35 -0.77
CA TYR A 79 -6.96 1.35 -2.23
C TYR A 79 -6.66 2.74 -2.77
N PRO A 80 -6.05 2.80 -3.95
CA PRO A 80 -5.62 4.05 -4.57
C PRO A 80 -6.77 4.99 -4.86
N THR A 81 -6.66 6.22 -4.40
CA THR A 81 -7.61 7.25 -4.77
C THR A 81 -7.13 7.97 -6.03
N SER A 82 -5.95 7.56 -6.51
CA SER A 82 -5.42 8.03 -7.77
C SER A 82 -4.48 7.00 -8.35
N ASP A 83 -3.96 7.29 -9.51
CA ASP A 83 -3.02 6.42 -10.19
C ASP A 83 -1.66 6.59 -9.57
N CYS A 84 -1.19 5.56 -8.90
CA CYS A 84 -0.04 5.70 -8.01
C CYS A 84 1.00 4.61 -8.21
N THR A 85 1.99 4.63 -7.35
CA THR A 85 3.00 3.62 -7.27
C THR A 85 3.23 3.32 -5.81
N ILE A 86 3.00 2.09 -5.42
CA ILE A 86 3.00 1.76 -4.01
C ILE A 86 3.99 0.66 -3.71
N GLN A 87 4.98 1.02 -2.93
CA GLN A 87 5.99 0.11 -2.46
C GLN A 87 5.34 -0.85 -1.46
N THR A 88 5.68 -2.12 -1.52
CA THR A 88 4.95 -3.13 -0.73
C THR A 88 5.56 -3.38 0.65
N HIS A 89 6.60 -4.19 0.69
CA HIS A 89 7.14 -4.79 1.92
C HIS A 89 7.90 -3.82 2.82
N GLN A 90 7.70 -2.53 2.64
CA GLN A 90 8.46 -1.53 3.38
C GLN A 90 7.73 -1.10 4.66
N GLU A 91 7.06 -2.05 5.30
CA GLU A 91 6.33 -1.81 6.54
C GLU A 91 7.12 -0.92 7.52
N GLU A 92 8.38 -1.28 7.73
CA GLU A 92 9.29 -0.60 8.66
C GLU A 92 9.27 0.91 8.45
N ALA A 93 9.02 1.32 7.22
CA ALA A 93 9.11 2.73 6.85
C ALA A 93 8.18 3.59 7.72
N LEU A 94 7.01 3.05 8.04
CA LEU A 94 6.06 3.72 8.92
C LEU A 94 6.50 3.56 10.38
N TYR A 95 7.03 2.38 10.69
CA TYR A 95 7.34 2.01 12.07
C TYR A 95 8.36 2.96 12.68
N GLU A 96 9.57 2.92 12.19
CA GLU A 96 10.58 3.89 12.58
C GLU A 96 11.02 4.70 11.37
N ASN A 97 11.69 4.03 10.42
CA ASN A 97 12.06 4.65 9.16
C ASN A 97 12.86 3.69 8.29
N LEU A 98 12.45 3.62 7.05
CA LEU A 98 13.23 2.97 6.00
C LEU A 98 13.89 4.02 5.15
N TYR A 99 13.43 5.24 5.40
CA TYR A 99 13.92 6.48 4.78
C TYR A 99 14.16 6.36 3.26
N PHE A 100 13.27 5.66 2.57
CA PHE A 100 13.43 5.43 1.14
C PHE A 100 13.16 6.70 0.34
N GLN A 101 11.92 7.16 0.38
CA GLN A 101 11.53 8.32 -0.42
C GLN A 101 11.24 9.52 0.48
#